data_4LUS
#
_entry.id   4LUS
#
_cell.length_a   85.150
_cell.length_b   93.300
_cell.length_c   107.090
_cell.angle_alpha   90.00
_cell.angle_beta   91.00
_cell.angle_gamma   90.00
#
_symmetry.space_group_name_H-M   'P 1 21 1'
#
loop_
_entity.id
_entity.type
_entity.pdbx_description
1 polymer 'Alanine racemase'
2 polymer 'Alanine racemase'
3 non-polymer GLYCEROL
4 non-polymer "3,3',3''-phosphanetriyltripropanoic acid"
5 water water
#
loop_
_entity_poly.entity_id
_entity_poly.type
_entity_poly.pdbx_seq_one_letter_code
_entity_poly.pdbx_strand_id
1 'polypeptide(L)'
;MQKITVPTWAEINLDNLRFNLNNIKNLLEEDIKICGVI(LLP)ADAYGHGAVEVAKLLEKEKVDYLAVARTAEGIELRQN
GITLPILNLGYTPDEAFEDSIKNKITMTVYSLETAQKINEIAKSLGEKACVHV(KCX)IDSGMTRIGFQPNEESVQEIIE
LNKLEYIDLEGMFTHFATADEVSKEYTYKQANNYKFMSDKLDEAGVKIAIKHVSNSAAIMDCPDLRLNMVRAGIILYGHY
PSDDVFKDRLELRPAMKLKSKIGHIKQVEPGVGISYGLKYTTTGKETIATVPIGYADGFTRIQKNPKVLIKGEVFDVVGR
ICMDQIMVRIDKDIDIKVGDEVILFGEGEVTAERIAKDLGTINYEVLCMISRRVDRVYMENNELVQINSYLLK
;
A,C,D
2 'polypeptide(L)'
;MQKITVPTWAEINLDNLRFNLNNIKNLLEEDIKICGVI(LLP)ADAYGHGAVEVAKLLEKEKVDYLAVARTAEGIELRQN
GITLPILNLGYTPDEAFEDSIKNKITMTVYSLETAQKINEIAKSLGEKACVHVKIDSGMTRIGFQPNEESVQEIIELNKL
EYIDLEGMFTHFATADEVSKEYTYKQANNYKFMSDKLDEAGVKIAIKHVSNSAAIMDCPDLRLNMVRAGIILYGHYPSDD
VFKDRLELRPAMKLKSKIGHIKQVEPGVGISYGLKYTTTGKETIATVPIGYADGFTRIQKNPKVLIKGEVFDVVGRICMD
QIMVRIDKDIDIKVGDEVILFGEGEVTAERIAKDLGTINYEVLCMISRRVDRVYMENNELVQINSYLLK
;
B
#
loop_
_chem_comp.id
_chem_comp.type
_chem_comp.name
_chem_comp.formula
GOL non-polymer GLYCEROL 'C3 H8 O3'
TCE non-polymer '3,3',3''-phosphanetriyltripropanoic acid' 'C9 H15 O6 P'
#
# COMPACT_ATOMS: atom_id res chain seq x y z
N LYS A 3 -7.89 10.83 9.75
CA LYS A 3 -9.01 10.27 9.02
C LYS A 3 -9.46 8.83 9.45
N ILE A 4 -8.76 7.90 10.08
CA ILE A 4 -9.14 6.85 10.99
C ILE A 4 -9.13 7.43 12.38
N THR A 5 -10.25 7.43 13.08
CA THR A 5 -10.30 7.94 14.45
C THR A 5 -10.33 6.95 15.61
N VAL A 6 -10.58 5.70 15.29
CA VAL A 6 -10.54 4.68 16.26
C VAL A 6 -9.14 4.21 16.57
N PRO A 7 -8.90 3.77 17.79
CA PRO A 7 -7.63 3.19 18.16
C PRO A 7 -7.31 1.81 17.53
N THR A 8 -8.32 1.06 17.13
CA THR A 8 -8.18 -0.30 16.63
C THR A 8 -9.12 -0.51 15.47
N TRP A 9 -8.63 -1.02 14.39
CA TRP A 9 -9.39 -1.10 13.18
C TRP A 9 -9.03 -2.32 12.37
N ALA A 10 -9.93 -2.74 11.49
CA ALA A 10 -9.66 -3.76 10.52
C ALA A 10 -9.62 -3.23 9.09
N GLU A 11 -8.44 -3.32 8.54
CA GLU A 11 -8.13 -2.89 7.24
C GLU A 11 -8.35 -4.02 6.28
N ILE A 12 -9.18 -3.76 5.32
CA ILE A 12 -9.56 -4.68 4.30
C ILE A 12 -9.03 -4.20 2.96
N ASN A 13 -8.23 -5.02 2.31
CA ASN A 13 -7.63 -4.64 1.07
C ASN A 13 -8.43 -5.20 -0.10
N LEU A 14 -9.16 -4.33 -0.75
CA LEU A 14 -10.06 -4.71 -1.83
C LEU A 14 -9.31 -5.32 -2.99
N ASP A 15 -8.10 -4.88 -3.21
CA ASP A 15 -7.30 -5.39 -4.26
C ASP A 15 -7.05 -6.86 -4.03
N ASN A 16 -6.86 -7.23 -2.80
CA ASN A 16 -6.66 -8.61 -2.46
C ASN A 16 -7.86 -9.48 -2.69
N LEU A 17 -9.04 -8.97 -2.46
CA LEU A 17 -10.25 -9.69 -2.79
C LEU A 17 -10.32 -9.98 -4.30
N ARG A 18 -9.97 -9.01 -5.10
CA ARG A 18 -9.88 -9.14 -6.52
C ARG A 18 -8.83 -10.16 -6.96
N PHE A 19 -7.70 -10.15 -6.31
CA PHE A 19 -6.64 -11.08 -6.60
C PHE A 19 -7.11 -12.49 -6.38
N ASN A 20 -7.73 -12.72 -5.24
CA ASN A 20 -8.26 -13.99 -4.92
C ASN A 20 -9.33 -14.41 -5.90
N LEU A 21 -10.26 -13.53 -6.20
CA LEU A 21 -11.34 -13.88 -7.06
C LEU A 21 -10.86 -14.29 -8.46
N ASN A 22 -9.98 -13.52 -9.06
CA ASN A 22 -9.45 -13.79 -10.37
C ASN A 22 -8.69 -15.09 -10.47
N ASN A 23 -7.91 -15.40 -9.46
CA ASN A 23 -7.30 -16.69 -9.33
C ASN A 23 -8.28 -17.83 -9.20
N ILE A 24 -9.40 -17.60 -8.52
CA ILE A 24 -10.48 -18.54 -8.47
C ILE A 24 -11.12 -18.71 -9.84
N LYS A 25 -11.33 -17.64 -10.53
CA LYS A 25 -11.88 -17.70 -11.85
C LYS A 25 -10.99 -18.46 -12.84
N ASN A 26 -9.68 -18.32 -12.72
CA ASN A 26 -8.72 -18.96 -13.60
C ASN A 26 -8.83 -20.46 -13.50
N LEU A 27 -9.20 -20.95 -12.34
CA LEU A 27 -9.51 -22.35 -12.07
C LEU A 27 -10.69 -22.88 -12.83
N LEU A 28 -11.60 -22.03 -13.19
CA LEU A 28 -12.84 -22.49 -13.65
C LEU A 28 -13.02 -22.21 -15.11
N GLU A 29 -13.76 -23.07 -15.77
CA GLU A 29 -14.19 -22.84 -17.12
C GLU A 29 -15.25 -21.79 -17.12
N GLU A 30 -15.47 -21.20 -18.28
CA GLU A 30 -16.27 -20.01 -18.49
C GLU A 30 -17.71 -20.11 -18.09
N ASP A 31 -18.27 -21.28 -18.25
CA ASP A 31 -19.67 -21.47 -17.97
C ASP A 31 -20.01 -21.86 -16.54
N ILE A 32 -19.04 -21.96 -15.64
CA ILE A 32 -19.36 -22.32 -14.27
C ILE A 32 -19.67 -21.08 -13.44
N LYS A 33 -20.83 -21.05 -12.85
CA LYS A 33 -21.25 -19.95 -12.03
C LYS A 33 -20.47 -19.86 -10.72
N ILE A 34 -20.23 -18.64 -10.29
CA ILE A 34 -19.65 -18.39 -8.99
C ILE A 34 -20.62 -17.81 -7.99
N CYS A 35 -20.75 -18.48 -6.88
CA CYS A 35 -21.44 -17.99 -5.72
C CYS A 35 -20.43 -17.55 -4.68
N GLY A 36 -20.44 -16.27 -4.40
CA GLY A 36 -19.65 -15.71 -3.34
C GLY A 36 -20.28 -15.79 -1.99
N VAL A 37 -19.65 -16.51 -1.09
CA VAL A 37 -20.16 -16.72 0.23
C VAL A 37 -19.74 -15.64 1.18
N ILE A 38 -20.69 -14.84 1.56
CA ILE A 38 -20.55 -13.68 2.40
C ILE A 38 -21.31 -13.70 3.73
N1 LLP A 39 -21.61 -23.73 1.32
C2 LLP A 39 -22.25 -23.92 2.42
C2' LLP A 39 -23.53 -24.66 2.42
C3 LLP A 39 -21.70 -23.40 3.67
O3 LLP A 39 -22.30 -23.53 4.82
C4 LLP A 39 -20.47 -22.66 3.64
C4' LLP A 39 -19.92 -22.10 4.91
C5 LLP A 39 -19.84 -22.53 2.34
C6 LLP A 39 -20.48 -23.09 1.27
C5' LLP A 39 -18.54 -21.84 2.17
OP4 LLP A 39 -17.57 -22.58 2.86
P LLP A 39 -16.05 -22.52 2.67
OP1 LLP A 39 -15.47 -23.46 3.49
OP2 LLP A 39 -15.74 -22.64 1.32
OP3 LLP A 39 -15.65 -21.26 3.16
N LLP A 39 -21.58 -14.88 4.24
CA LLP A 39 -22.22 -15.04 5.49
CB LLP A 39 -22.65 -16.48 5.66
CG LLP A 39 -21.55 -17.45 5.93
CD LLP A 39 -21.90 -18.83 5.44
CE LLP A 39 -20.67 -19.71 5.34
NZ LLP A 39 -20.84 -21.15 5.48
C LLP A 39 -21.33 -14.53 6.61
O LLP A 39 -20.17 -14.36 6.41
N ALA A 40 -21.91 -14.25 7.74
CA ALA A 40 -21.20 -13.76 8.88
C ALA A 40 -20.44 -12.49 8.57
N ASP A 41 -21.13 -11.60 7.91
CA ASP A 41 -20.63 -10.31 7.53
C ASP A 41 -19.38 -10.48 6.68
N ALA A 42 -19.48 -11.32 5.69
CA ALA A 42 -18.39 -11.66 4.84
C ALA A 42 -17.15 -12.11 5.66
N TYR A 43 -17.37 -13.03 6.56
CA TYR A 43 -16.36 -13.67 7.40
C TYR A 43 -15.55 -12.63 8.13
N GLY A 44 -16.25 -11.63 8.61
CA GLY A 44 -15.73 -10.49 9.29
C GLY A 44 -15.22 -9.33 8.44
N HIS A 45 -15.21 -9.48 7.12
CA HIS A 45 -14.68 -8.49 6.23
C HIS A 45 -15.62 -7.31 5.87
N GLY A 46 -16.90 -7.46 6.16
CA GLY A 46 -17.93 -6.53 5.83
C GLY A 46 -18.71 -6.93 4.60
N ALA A 47 -19.86 -7.50 4.82
CA ALA A 47 -20.67 -8.07 3.77
C ALA A 47 -21.10 -7.05 2.71
N VAL A 48 -21.48 -5.86 3.12
CA VAL A 48 -21.91 -4.89 2.17
C VAL A 48 -20.80 -4.48 1.23
N GLU A 49 -19.65 -4.09 1.72
CA GLU A 49 -18.56 -3.72 0.86
C GLU A 49 -18.04 -4.85 -0.01
N VAL A 50 -17.92 -6.03 0.55
CA VAL A 50 -17.52 -7.15 -0.20
C VAL A 50 -18.56 -7.43 -1.28
N ALA A 51 -19.83 -7.34 -0.94
CA ALA A 51 -20.85 -7.59 -1.92
C ALA A 51 -20.78 -6.61 -3.09
N LYS A 52 -20.53 -5.35 -2.80
CA LYS A 52 -20.39 -4.35 -3.80
C LYS A 52 -19.23 -4.71 -4.71
N LEU A 53 -18.13 -5.16 -4.15
CA LEU A 53 -17.03 -5.59 -4.93
C LEU A 53 -17.38 -6.78 -5.79
N LEU A 54 -18.12 -7.73 -5.26
CA LEU A 54 -18.51 -8.90 -6.01
C LEU A 54 -19.38 -8.54 -7.23
N GLU A 55 -20.30 -7.60 -7.07
CA GLU A 55 -21.17 -7.15 -8.16
C GLU A 55 -20.36 -6.54 -9.26
N LYS A 56 -19.43 -5.71 -8.88
CA LYS A 56 -18.51 -5.04 -9.78
C LYS A 56 -17.66 -6.02 -10.56
N GLU A 57 -17.26 -7.08 -9.90
CA GLU A 57 -16.46 -8.09 -10.53
C GLU A 57 -17.27 -9.15 -11.23
N LYS A 58 -18.59 -9.05 -11.13
CA LYS A 58 -19.56 -9.95 -11.72
C LYS A 58 -19.67 -11.44 -11.37
N VAL A 59 -19.86 -11.76 -10.14
CA VAL A 59 -20.24 -13.09 -9.79
C VAL A 59 -21.71 -13.30 -10.01
N ASP A 60 -22.14 -14.53 -9.96
CA ASP A 60 -23.49 -14.95 -10.25
C ASP A 60 -24.50 -15.02 -9.12
N TYR A 61 -24.03 -15.21 -7.91
CA TYR A 61 -24.82 -15.38 -6.72
C TYR A 61 -24.06 -14.88 -5.49
N LEU A 62 -24.79 -14.54 -4.48
CA LEU A 62 -24.31 -14.30 -3.18
C LEU A 62 -24.98 -15.21 -2.18
N ALA A 63 -24.24 -15.72 -1.26
CA ALA A 63 -24.81 -16.54 -0.24
C ALA A 63 -24.66 -16.01 1.15
N VAL A 64 -25.72 -16.08 1.90
CA VAL A 64 -25.81 -15.66 3.28
C VAL A 64 -26.23 -16.78 4.21
N ALA A 65 -26.17 -16.55 5.49
CA ALA A 65 -26.66 -17.51 6.45
C ALA A 65 -27.97 -17.15 7.12
N ARG A 66 -28.42 -15.94 6.99
CA ARG A 66 -29.59 -15.46 7.69
C ARG A 66 -30.35 -14.52 6.82
N THR A 67 -31.62 -14.42 7.06
CA THR A 67 -32.46 -13.56 6.27
C THR A 67 -31.98 -12.14 6.38
N ALA A 68 -31.68 -11.74 7.60
CA ALA A 68 -31.26 -10.42 7.89
C ALA A 68 -30.00 -10.03 7.19
N GLU A 69 -29.12 -10.97 6.97
CA GLU A 69 -27.94 -10.78 6.19
C GLU A 69 -28.29 -10.45 4.74
N GLY A 70 -29.26 -11.15 4.18
CA GLY A 70 -29.79 -10.79 2.90
C GLY A 70 -30.45 -9.42 2.83
N ILE A 71 -31.27 -9.09 3.79
CA ILE A 71 -31.91 -7.82 3.82
C ILE A 71 -30.95 -6.65 3.89
N GLU A 72 -29.86 -6.80 4.63
CA GLU A 72 -28.87 -5.77 4.77
C GLU A 72 -28.29 -5.40 3.40
N LEU A 73 -28.00 -6.38 2.60
CA LEU A 73 -27.46 -6.18 1.30
C LEU A 73 -28.44 -5.45 0.40
N ARG A 74 -29.71 -5.82 0.44
CA ARG A 74 -30.76 -5.17 -0.32
C ARG A 74 -30.90 -3.71 0.07
N GLN A 75 -30.76 -3.42 1.34
CA GLN A 75 -30.82 -2.10 1.90
C GLN A 75 -29.66 -1.20 1.48
N ASN A 76 -28.60 -1.81 1.04
CA ASN A 76 -27.47 -1.13 0.51
C ASN A 76 -27.34 -1.25 -0.99
N GLY A 77 -28.43 -1.59 -1.64
CA GLY A 77 -28.50 -1.63 -3.07
C GLY A 77 -27.95 -2.77 -3.89
N ILE A 78 -27.68 -3.86 -3.22
CA ILE A 78 -27.23 -5.03 -3.88
C ILE A 78 -28.38 -5.63 -4.69
N THR A 79 -28.16 -5.96 -5.93
CA THR A 79 -29.15 -6.55 -6.79
C THR A 79 -28.90 -7.96 -7.27
N LEU A 80 -27.77 -8.53 -6.94
CA LEU A 80 -27.46 -9.88 -7.31
C LEU A 80 -28.37 -10.82 -6.58
N PRO A 81 -28.53 -12.00 -7.11
CA PRO A 81 -29.31 -13.02 -6.43
C PRO A 81 -28.65 -13.39 -5.12
N ILE A 82 -29.45 -13.57 -4.11
CA ILE A 82 -28.98 -13.94 -2.84
C ILE A 82 -29.61 -15.21 -2.35
N LEU A 83 -28.80 -16.15 -1.94
CA LEU A 83 -29.24 -17.38 -1.35
C LEU A 83 -28.96 -17.50 0.14
N ASN A 84 -30.01 -17.79 0.89
CA ASN A 84 -29.91 -18.08 2.29
C ASN A 84 -29.70 -19.57 2.41
N LEU A 85 -28.49 -19.89 2.80
CA LEU A 85 -27.99 -21.25 2.91
C LEU A 85 -28.69 -22.09 3.92
N GLY A 86 -29.16 -21.53 4.99
CA GLY A 86 -29.73 -22.25 6.09
C GLY A 86 -31.19 -22.04 6.37
N TYR A 87 -31.54 -22.13 7.63
CA TYR A 87 -32.91 -22.05 8.10
C TYR A 87 -33.57 -20.69 7.90
N THR A 88 -34.77 -20.69 7.40
CA THR A 88 -35.60 -19.55 7.49
C THR A 88 -36.80 -19.88 8.34
N PRO A 89 -36.95 -19.24 9.47
CA PRO A 89 -38.14 -19.40 10.29
C PRO A 89 -39.37 -18.76 9.66
N ASP A 90 -40.54 -19.22 10.08
CA ASP A 90 -41.79 -18.89 9.48
C ASP A 90 -41.96 -17.40 9.44
N GLU A 91 -41.58 -16.74 10.51
CA GLU A 91 -41.75 -15.33 10.67
C GLU A 91 -40.98 -14.51 9.67
N ALA A 92 -40.06 -15.13 8.96
CA ALA A 92 -39.26 -14.43 8.00
C ALA A 92 -39.56 -14.74 6.53
N PHE A 93 -40.57 -15.54 6.27
CA PHE A 93 -40.95 -15.87 4.93
C PHE A 93 -41.35 -14.65 4.12
N GLU A 94 -42.21 -13.83 4.66
CA GLU A 94 -42.66 -12.68 3.93
C GLU A 94 -41.51 -11.74 3.61
N ASP A 95 -40.65 -11.46 4.57
CA ASP A 95 -39.54 -10.56 4.35
C ASP A 95 -38.60 -11.14 3.29
N SER A 96 -38.46 -12.44 3.24
CA SER A 96 -37.63 -13.07 2.27
C SER A 96 -38.12 -12.91 0.86
N ILE A 97 -39.41 -13.14 0.69
CA ILE A 97 -40.06 -13.08 -0.59
C ILE A 97 -39.99 -11.68 -1.11
N LYS A 98 -40.34 -10.72 -0.28
CA LYS A 98 -40.32 -9.32 -0.64
C LYS A 98 -38.96 -8.82 -1.00
N ASN A 99 -37.94 -9.40 -0.43
CA ASN A 99 -36.62 -8.94 -0.67
C ASN A 99 -35.84 -9.78 -1.64
N LYS A 100 -36.51 -10.70 -2.29
CA LYS A 100 -35.85 -11.57 -3.23
C LYS A 100 -34.63 -12.30 -2.59
N ILE A 101 -34.85 -12.82 -1.40
CA ILE A 101 -33.93 -13.71 -0.78
C ILE A 101 -34.41 -15.13 -1.09
N THR A 102 -33.67 -15.81 -1.92
CA THR A 102 -33.81 -17.22 -2.18
C THR A 102 -33.58 -18.09 -0.95
N MET A 103 -34.48 -19.01 -0.72
CA MET A 103 -34.50 -19.75 0.50
C MET A 103 -34.13 -21.15 0.31
N THR A 104 -33.30 -21.64 1.19
CA THR A 104 -33.03 -23.04 1.28
C THR A 104 -34.22 -23.75 1.92
N VAL A 105 -34.69 -24.79 1.27
CA VAL A 105 -35.73 -25.63 1.77
C VAL A 105 -35.38 -27.14 1.86
N TYR A 106 -35.75 -27.75 2.94
CA TYR A 106 -35.47 -29.15 3.21
C TYR A 106 -36.61 -30.01 3.70
N SER A 107 -37.82 -29.49 3.64
CA SER A 107 -39.02 -30.26 3.85
C SER A 107 -40.18 -29.76 3.02
N LEU A 108 -41.04 -30.67 2.62
CA LEU A 108 -42.19 -30.31 1.82
C LEU A 108 -43.08 -29.40 2.60
N GLU A 109 -43.18 -29.62 3.89
CA GLU A 109 -44.04 -28.86 4.74
C GLU A 109 -43.66 -27.40 4.75
N THR A 110 -42.39 -27.09 4.87
CA THR A 110 -42.00 -25.70 4.83
C THR A 110 -42.23 -25.07 3.48
N ALA A 111 -42.03 -25.85 2.45
CA ALA A 111 -42.26 -25.39 1.12
C ALA A 111 -43.73 -24.99 0.93
N GLN A 112 -44.62 -25.79 1.48
CA GLN A 112 -46.04 -25.53 1.44
C GLN A 112 -46.38 -24.29 2.15
N LYS A 113 -45.75 -24.05 3.28
CA LYS A 113 -45.94 -22.80 3.98
C LYS A 113 -45.43 -21.62 3.21
N ILE A 114 -44.27 -21.77 2.61
CA ILE A 114 -43.74 -20.73 1.79
C ILE A 114 -44.68 -20.43 0.63
N ASN A 115 -45.19 -21.46 0.02
CA ASN A 115 -46.09 -21.31 -1.09
C ASN A 115 -47.31 -20.51 -0.68
N GLU A 116 -47.87 -20.76 0.50
CA GLU A 116 -48.99 -19.99 0.96
C GLU A 116 -48.71 -18.52 1.16
N ILE A 117 -47.59 -18.17 1.76
CA ILE A 117 -47.28 -16.77 2.00
C ILE A 117 -47.09 -16.06 0.68
N ALA A 118 -46.44 -16.75 -0.23
CA ALA A 118 -46.18 -16.29 -1.55
C ALA A 118 -47.46 -16.03 -2.35
N LYS A 119 -48.39 -16.94 -2.25
CA LYS A 119 -49.68 -16.80 -2.88
C LYS A 119 -50.41 -15.57 -2.36
N SER A 120 -50.41 -15.38 -1.07
CA SER A 120 -50.99 -14.19 -0.48
C SER A 120 -50.35 -12.86 -0.90
N LEU A 121 -49.04 -12.85 -1.07
CA LEU A 121 -48.34 -11.73 -1.61
C LEU A 121 -48.55 -11.55 -3.10
N GLY A 122 -48.98 -12.59 -3.77
CA GLY A 122 -48.96 -12.64 -5.21
C GLY A 122 -47.62 -12.44 -5.87
N GLU A 123 -46.62 -13.16 -5.40
CA GLU A 123 -45.25 -13.14 -5.87
C GLU A 123 -44.78 -14.60 -5.83
N LYS A 124 -43.92 -15.02 -6.73
CA LYS A 124 -43.28 -16.30 -6.64
C LYS A 124 -42.05 -16.34 -5.74
N ALA A 125 -41.90 -17.36 -4.95
CA ALA A 125 -40.74 -17.51 -4.10
C ALA A 125 -39.67 -18.33 -4.73
N CYS A 126 -38.47 -17.86 -4.69
CA CYS A 126 -37.37 -18.67 -5.11
C CYS A 126 -36.79 -19.60 -4.03
N VAL A 127 -36.66 -20.87 -4.34
CA VAL A 127 -36.02 -21.86 -3.48
C VAL A 127 -34.91 -22.70 -4.09
N HIS A 128 -33.95 -23.07 -3.29
CA HIS A 128 -33.04 -24.15 -3.54
C HIS A 128 -33.30 -25.29 -2.57
N VAL A 129 -33.33 -26.49 -3.07
CA VAL A 129 -33.50 -27.66 -2.27
C VAL A 129 -32.15 -28.16 -1.74
N KCX A 130 -32.06 -28.32 -0.45
CA KCX A 130 -30.93 -28.92 0.15
CB KCX A 130 -30.73 -28.35 1.52
CG KCX A 130 -29.26 -28.24 1.85
CD KCX A 130 -29.01 -28.93 3.13
CE KCX A 130 -27.66 -29.61 3.25
NZ KCX A 130 -26.62 -28.72 3.40
C KCX A 130 -31.07 -30.38 0.26
O KCX A 130 -32.04 -30.83 0.78
CX KCX A 130 -26.19 -28.34 4.57
OQ1 KCX A 130 -26.29 -28.83 5.62
OQ2 KCX A 130 -25.55 -27.27 4.54
N ILE A 131 -30.08 -31.11 -0.16
CA ILE A 131 -29.94 -32.51 0.10
C ILE A 131 -28.89 -32.77 1.19
N ASP A 132 -29.20 -33.62 2.14
CA ASP A 132 -28.27 -34.07 3.16
C ASP A 132 -27.64 -35.30 2.60
N SER A 133 -26.39 -35.17 2.20
CA SER A 133 -25.68 -36.25 1.62
C SER A 133 -24.69 -36.89 2.54
N GLY A 134 -24.71 -36.54 3.80
CA GLY A 134 -23.69 -36.99 4.71
C GLY A 134 -23.03 -36.07 5.72
N MET A 135 -23.27 -34.78 5.63
CA MET A 135 -23.00 -33.87 6.72
C MET A 135 -23.91 -34.01 7.96
N THR A 136 -25.13 -34.46 7.75
CA THR A 136 -26.08 -34.74 8.78
C THR A 136 -26.51 -33.47 9.47
N ARG A 137 -26.43 -32.36 8.75
CA ARG A 137 -26.78 -31.09 9.28
C ARG A 137 -28.21 -30.67 8.88
N ILE A 138 -28.42 -30.13 7.70
CA ILE A 138 -29.77 -29.89 7.21
C ILE A 138 -30.02 -30.63 5.90
N GLY A 139 -31.24 -30.57 5.41
CA GLY A 139 -31.58 -31.13 4.13
C GLY A 139 -32.31 -32.44 4.08
N PHE A 140 -32.92 -32.72 2.93
CA PHE A 140 -33.63 -33.96 2.62
C PHE A 140 -32.71 -35.15 2.66
N GLN A 141 -33.16 -36.22 3.28
CA GLN A 141 -32.44 -37.48 3.20
C GLN A 141 -32.46 -37.97 1.76
N PRO A 142 -31.42 -38.60 1.28
CA PRO A 142 -31.35 -38.98 -0.11
C PRO A 142 -31.90 -40.38 -0.40
N ASN A 143 -33.22 -40.42 -0.50
CA ASN A 143 -34.02 -41.60 -0.67
C ASN A 143 -35.22 -41.28 -1.56
N GLU A 144 -35.91 -42.32 -1.94
CA GLU A 144 -37.04 -42.18 -2.84
C GLU A 144 -38.19 -41.38 -2.28
N GLU A 145 -38.46 -41.46 -1.00
CA GLU A 145 -39.55 -40.73 -0.43
C GLU A 145 -39.32 -39.23 -0.59
N SER A 146 -38.09 -38.81 -0.37
CA SER A 146 -37.66 -37.48 -0.62
C SER A 146 -37.75 -37.12 -2.11
N VAL A 147 -37.53 -38.03 -3.02
CA VAL A 147 -37.67 -37.72 -4.41
C VAL A 147 -39.12 -37.32 -4.73
N GLN A 148 -40.03 -38.07 -4.16
CA GLN A 148 -41.43 -37.83 -4.33
C GLN A 148 -41.78 -36.54 -3.75
N GLU A 149 -41.20 -36.24 -2.62
CA GLU A 149 -41.51 -35.02 -1.92
C GLU A 149 -41.12 -33.76 -2.70
N ILE A 150 -39.98 -33.84 -3.34
CA ILE A 150 -39.46 -32.83 -4.21
C ILE A 150 -40.30 -32.67 -5.44
N ILE A 151 -40.77 -33.79 -5.97
CA ILE A 151 -41.62 -33.83 -7.16
C ILE A 151 -42.87 -33.04 -6.85
N GLU A 152 -43.43 -33.29 -5.71
CA GLU A 152 -44.55 -32.55 -5.22
C GLU A 152 -44.28 -31.06 -4.98
N LEU A 153 -43.13 -30.75 -4.46
CA LEU A 153 -42.73 -29.41 -4.13
C LEU A 153 -42.67 -28.58 -5.38
N ASN A 154 -42.19 -29.19 -6.43
CA ASN A 154 -42.01 -28.57 -7.70
C ASN A 154 -43.33 -28.14 -8.34
N LYS A 155 -44.40 -28.72 -7.88
CA LYS A 155 -45.71 -28.44 -8.37
C LYS A 155 -46.34 -27.26 -7.75
N LEU A 156 -45.77 -26.74 -6.66
CA LEU A 156 -46.37 -25.64 -6.00
C LEU A 156 -46.29 -24.38 -6.85
N GLU A 157 -47.43 -23.78 -7.06
CA GLU A 157 -47.56 -22.78 -8.08
C GLU A 157 -46.73 -21.53 -7.86
N TYR A 158 -46.63 -21.14 -6.61
CA TYR A 158 -45.99 -19.93 -6.13
C TYR A 158 -44.51 -20.10 -5.68
N ILE A 159 -43.91 -21.22 -6.04
CA ILE A 159 -42.55 -21.58 -5.73
C ILE A 159 -41.78 -21.71 -7.03
N ASP A 160 -40.63 -21.10 -7.12
CA ASP A 160 -39.74 -21.44 -8.20
C ASP A 160 -38.58 -22.27 -7.69
N LEU A 161 -38.59 -23.53 -8.02
CA LEU A 161 -37.54 -24.42 -7.63
C LEU A 161 -36.36 -24.22 -8.55
N GLU A 162 -35.54 -23.26 -8.20
CA GLU A 162 -34.36 -22.89 -8.94
C GLU A 162 -33.18 -23.82 -8.88
N GLY A 163 -32.93 -24.37 -7.72
CA GLY A 163 -31.68 -24.99 -7.41
C GLY A 163 -31.71 -26.18 -6.51
N MET A 164 -30.64 -26.94 -6.49
CA MET A 164 -30.45 -28.04 -5.57
C MET A 164 -29.00 -28.24 -5.19
N PHE A 165 -28.73 -28.36 -3.92
CA PHE A 165 -27.38 -28.49 -3.49
C PHE A 165 -27.17 -29.44 -2.34
N THR A 166 -25.94 -29.79 -2.12
CA THR A 166 -25.50 -30.40 -0.91
C THR A 166 -24.20 -29.74 -0.42
N HIS A 167 -23.74 -30.15 0.73
CA HIS A 167 -22.53 -29.67 1.32
C HIS A 167 -21.62 -30.80 1.91
N PHE A 168 -20.37 -30.80 1.55
CA PHE A 168 -19.39 -31.72 2.05
C PHE A 168 -18.84 -31.49 3.47
N ALA A 169 -18.88 -32.50 4.28
CA ALA A 169 -18.21 -32.54 5.57
C ALA A 169 -16.69 -32.59 5.62
N THR A 170 -16.07 -33.16 4.63
CA THR A 170 -14.68 -33.50 4.65
C THR A 170 -13.85 -33.17 3.41
N ALA A 171 -14.34 -32.31 2.57
CA ALA A 171 -13.68 -32.03 1.33
C ALA A 171 -12.32 -31.41 1.50
N ASP A 172 -12.05 -30.89 2.66
CA ASP A 172 -10.76 -30.37 2.96
C ASP A 172 -9.70 -31.36 3.48
N GLU A 173 -10.05 -32.61 3.71
CA GLU A 173 -9.13 -33.57 4.23
C GLU A 173 -8.42 -34.24 3.11
N VAL A 174 -7.36 -34.96 3.40
CA VAL A 174 -6.55 -35.63 2.38
C VAL A 174 -7.30 -36.71 1.66
N SER A 175 -8.04 -37.50 2.38
CA SER A 175 -8.83 -38.52 1.78
C SER A 175 -10.13 -37.93 1.31
N LYS A 176 -10.46 -38.18 0.06
CA LYS A 176 -11.65 -37.70 -0.59
C LYS A 176 -12.84 -38.67 -0.59
N GLU A 177 -12.69 -39.80 0.06
CA GLU A 177 -13.60 -40.88 -0.09
C GLU A 177 -14.98 -40.50 0.34
N TYR A 178 -15.09 -39.89 1.50
CA TYR A 178 -16.38 -39.46 1.95
C TYR A 178 -16.96 -38.42 1.05
N THR A 179 -16.13 -37.56 0.50
CA THR A 179 -16.61 -36.52 -0.32
C THR A 179 -17.32 -37.05 -1.53
N TYR A 180 -16.72 -38.05 -2.15
CA TYR A 180 -17.25 -38.76 -3.32
C TYR A 180 -18.46 -39.59 -3.04
N LYS A 181 -18.48 -40.14 -1.87
CA LYS A 181 -19.63 -40.77 -1.38
C LYS A 181 -20.78 -39.76 -1.28
N GLN A 182 -20.51 -38.55 -0.80
CA GLN A 182 -21.52 -37.53 -0.67
C GLN A 182 -22.03 -37.06 -2.01
N ALA A 183 -21.13 -36.92 -2.94
CA ALA A 183 -21.49 -36.59 -4.29
C ALA A 183 -22.33 -37.69 -4.94
N ASN A 184 -22.04 -38.94 -4.63
CA ASN A 184 -22.85 -40.03 -5.10
C ASN A 184 -24.23 -39.94 -4.54
N ASN A 185 -24.38 -39.62 -3.28
CA ASN A 185 -25.66 -39.40 -2.71
C ASN A 185 -26.41 -38.24 -3.44
N TYR A 186 -25.71 -37.18 -3.81
CA TYR A 186 -26.34 -36.11 -4.56
C TYR A 186 -26.77 -36.56 -5.93
N LYS A 187 -25.93 -37.27 -6.63
CA LYS A 187 -26.19 -37.76 -7.95
C LYS A 187 -27.45 -38.61 -8.06
N PHE A 188 -27.72 -39.39 -7.06
CA PHE A 188 -28.89 -40.22 -7.06
C PHE A 188 -30.09 -39.37 -7.12
N MET A 189 -30.13 -38.32 -6.32
CA MET A 189 -31.22 -37.43 -6.33
C MET A 189 -31.29 -36.69 -7.66
N SER A 190 -30.18 -36.24 -8.16
CA SER A 190 -30.18 -35.50 -9.36
C SER A 190 -30.68 -36.36 -10.49
N ASP A 191 -30.22 -37.58 -10.56
CA ASP A 191 -30.65 -38.50 -11.60
C ASP A 191 -32.15 -38.83 -11.52
N LYS A 192 -32.63 -39.13 -10.34
CA LYS A 192 -34.00 -39.50 -10.17
C LYS A 192 -34.94 -38.38 -10.54
N LEU A 193 -34.62 -37.17 -10.15
CA LEU A 193 -35.38 -35.98 -10.49
C LEU A 193 -35.35 -35.67 -11.94
N ASP A 194 -34.20 -35.85 -12.57
CA ASP A 194 -34.08 -35.62 -13.98
C ASP A 194 -35.05 -36.56 -14.68
N GLU A 195 -35.06 -37.81 -14.26
CA GLU A 195 -35.91 -38.83 -14.83
C GLU A 195 -37.38 -38.47 -14.67
N ALA A 196 -37.71 -37.87 -13.57
CA ALA A 196 -39.06 -37.56 -13.24
C ALA A 196 -39.49 -36.25 -13.90
N GLY A 197 -38.61 -35.74 -14.72
CA GLY A 197 -38.79 -34.45 -15.34
C GLY A 197 -38.76 -33.16 -14.53
N VAL A 198 -38.13 -33.14 -13.36
CA VAL A 198 -38.02 -31.91 -12.60
C VAL A 198 -36.77 -31.17 -13.03
N LYS A 199 -36.99 -30.01 -13.61
CA LYS A 199 -35.96 -29.33 -14.33
C LYS A 199 -34.71 -28.74 -13.65
N ILE A 200 -34.79 -28.02 -12.55
CA ILE A 200 -33.54 -27.64 -11.82
C ILE A 200 -32.33 -26.96 -12.49
N ALA A 201 -32.37 -25.66 -12.63
CA ALA A 201 -31.37 -24.86 -13.30
C ALA A 201 -29.98 -24.79 -12.70
N ILE A 202 -29.92 -24.67 -11.40
CA ILE A 202 -28.66 -24.51 -10.72
C ILE A 202 -28.40 -25.64 -9.72
N LYS A 203 -27.54 -26.50 -10.13
CA LYS A 203 -27.13 -27.59 -9.31
C LYS A 203 -25.72 -27.31 -8.81
N HIS A 204 -25.50 -27.50 -7.53
CA HIS A 204 -24.25 -27.15 -6.84
C HIS A 204 -23.88 -27.99 -5.64
N VAL A 205 -22.63 -28.33 -5.56
CA VAL A 205 -22.09 -28.95 -4.40
C VAL A 205 -20.81 -28.40 -3.80
N SER A 206 -19.95 -27.81 -4.61
CA SER A 206 -18.63 -27.49 -4.21
C SER A 206 -18.44 -26.28 -3.26
N ASN A 207 -17.72 -26.51 -2.21
CA ASN A 207 -17.17 -25.47 -1.39
C ASN A 207 -15.72 -25.12 -1.81
N SER A 208 -15.05 -24.31 -1.04
CA SER A 208 -13.71 -23.87 -1.37
C SER A 208 -12.72 -25.06 -1.55
N ALA A 209 -12.76 -26.02 -0.67
CA ALA A 209 -11.95 -27.19 -0.77
C ALA A 209 -12.25 -28.03 -1.98
N ALA A 210 -13.52 -28.24 -2.29
CA ALA A 210 -13.92 -28.92 -3.51
C ALA A 210 -13.49 -28.17 -4.74
N ILE A 211 -13.56 -26.86 -4.69
CA ILE A 211 -13.20 -26.07 -5.82
C ILE A 211 -11.74 -26.35 -6.14
N MET A 212 -10.91 -26.32 -5.13
CA MET A 212 -9.50 -26.56 -5.28
C MET A 212 -9.11 -27.96 -5.64
N ASP A 213 -9.58 -28.89 -4.86
CA ASP A 213 -9.19 -30.26 -4.95
C ASP A 213 -10.01 -31.20 -5.81
N CYS A 214 -11.23 -30.81 -6.15
CA CYS A 214 -12.14 -31.66 -6.88
C CYS A 214 -12.75 -31.04 -8.13
N PRO A 215 -12.00 -30.99 -9.22
CA PRO A 215 -12.45 -30.37 -10.47
C PRO A 215 -13.54 -31.13 -11.20
N ASP A 216 -13.84 -32.30 -10.71
CA ASP A 216 -14.89 -33.08 -11.27
C ASP A 216 -16.24 -32.78 -10.63
N LEU A 217 -16.28 -31.82 -9.74
CA LEU A 217 -17.48 -31.49 -9.04
C LEU A 217 -18.05 -30.11 -9.32
N ARG A 218 -17.72 -29.50 -10.43
CA ARG A 218 -18.18 -28.19 -10.71
C ARG A 218 -19.68 -28.05 -10.83
N LEU A 219 -20.30 -28.95 -11.56
CA LEU A 219 -21.69 -28.90 -11.94
C LEU A 219 -22.00 -27.52 -12.50
N ASN A 220 -23.15 -26.95 -12.19
CA ASN A 220 -23.49 -25.58 -12.59
C ASN A 220 -22.81 -24.43 -11.93
N MET A 221 -22.60 -24.53 -10.63
CA MET A 221 -22.15 -23.47 -9.78
C MET A 221 -21.28 -24.01 -8.64
N VAL A 222 -20.32 -23.20 -8.25
CA VAL A 222 -19.49 -23.41 -7.10
C VAL A 222 -19.61 -22.31 -6.06
N ARG A 223 -19.43 -22.72 -4.82
CA ARG A 223 -19.52 -21.83 -3.68
C ARG A 223 -18.17 -21.51 -3.04
N ALA A 224 -17.68 -20.34 -3.35
CA ALA A 224 -16.45 -19.87 -2.79
C ALA A 224 -16.61 -18.99 -1.56
N GLY A 225 -16.02 -19.44 -0.47
CA GLY A 225 -16.00 -18.74 0.78
C GLY A 225 -14.63 -18.35 1.25
N ILE A 226 -14.01 -19.16 2.07
CA ILE A 226 -12.80 -18.81 2.77
C ILE A 226 -11.70 -18.41 1.80
N ILE A 227 -11.69 -19.02 0.65
CA ILE A 227 -10.75 -18.70 -0.37
C ILE A 227 -10.84 -17.28 -0.92
N LEU A 228 -12.04 -16.74 -0.94
CA LEU A 228 -12.28 -15.39 -1.37
C LEU A 228 -11.47 -14.40 -0.55
N TYR A 229 -11.36 -14.69 0.72
CA TYR A 229 -10.78 -13.84 1.69
C TYR A 229 -9.28 -14.07 1.82
N GLY A 230 -8.74 -14.96 1.01
CA GLY A 230 -7.33 -15.22 0.93
C GLY A 230 -6.78 -16.22 1.89
N HIS A 231 -7.62 -17.11 2.34
CA HIS A 231 -7.28 -18.14 3.29
C HIS A 231 -7.65 -19.53 2.79
N TYR A 232 -6.84 -20.50 3.12
CA TYR A 232 -7.08 -21.89 2.80
C TYR A 232 -8.03 -22.58 3.76
N PRO A 233 -8.87 -23.46 3.26
CA PRO A 233 -9.79 -24.20 4.11
C PRO A 233 -9.13 -25.12 5.13
N SER A 234 -7.98 -25.65 4.81
CA SER A 234 -7.19 -26.50 5.67
C SER A 234 -5.77 -26.49 5.19
N ASP A 235 -4.88 -27.15 5.90
CA ASP A 235 -3.51 -27.29 5.43
C ASP A 235 -3.34 -28.47 4.46
N ASP A 236 -4.43 -29.18 4.22
CA ASP A 236 -4.41 -30.39 3.42
C ASP A 236 -4.87 -30.32 1.99
N VAL A 237 -5.31 -29.17 1.57
CA VAL A 237 -5.74 -28.98 0.24
C VAL A 237 -4.55 -28.74 -0.63
N PHE A 238 -4.77 -28.74 -1.92
CA PHE A 238 -3.72 -28.57 -2.85
C PHE A 238 -3.46 -27.12 -3.05
N LYS A 239 -2.74 -26.54 -2.11
CA LYS A 239 -2.46 -25.13 -2.04
C LYS A 239 -1.71 -24.63 -3.26
N ASP A 240 -0.97 -25.49 -3.93
CA ASP A 240 -0.28 -25.11 -5.14
C ASP A 240 -1.15 -24.75 -6.33
N ARG A 241 -2.36 -25.25 -6.36
CA ARG A 241 -3.35 -24.84 -7.32
C ARG A 241 -3.87 -23.42 -7.23
N LEU A 242 -3.93 -22.87 -6.04
CA LEU A 242 -4.51 -21.57 -5.87
C LEU A 242 -3.72 -20.63 -5.00
N GLU A 243 -3.29 -19.56 -5.58
CA GLU A 243 -2.55 -18.57 -4.88
C GLU A 243 -3.43 -17.46 -4.29
N LEU A 244 -3.28 -17.24 -3.01
CA LEU A 244 -4.17 -16.40 -2.25
C LEU A 244 -3.49 -15.30 -1.48
N ARG A 245 -4.14 -14.16 -1.37
CA ARG A 245 -3.74 -13.13 -0.46
C ARG A 245 -4.81 -12.82 0.55
N PRO A 246 -4.44 -12.91 1.82
CA PRO A 246 -5.33 -12.50 2.89
C PRO A 246 -5.70 -11.02 2.78
N ALA A 247 -6.95 -10.73 3.03
CA ALA A 247 -7.50 -9.43 2.79
C ALA A 247 -7.56 -8.45 4.01
N MET A 248 -7.58 -8.99 5.20
CA MET A 248 -7.72 -8.25 6.42
C MET A 248 -6.46 -8.14 7.26
N LYS A 249 -6.21 -6.95 7.71
CA LYS A 249 -5.24 -6.73 8.73
C LYS A 249 -5.92 -6.15 9.91
N LEU A 250 -5.85 -6.84 11.03
CA LEU A 250 -6.24 -6.28 12.29
C LEU A 250 -5.09 -5.51 12.89
N LYS A 251 -5.36 -4.25 13.12
CA LYS A 251 -4.41 -3.27 13.57
C LYS A 251 -4.85 -2.44 14.76
N SER A 252 -3.87 -2.00 15.50
CA SER A 252 -3.99 -1.01 16.54
C SER A 252 -2.75 -0.11 16.48
N LYS A 253 -2.58 0.74 17.46
CA LYS A 253 -1.36 1.51 17.62
C LYS A 253 -0.95 1.49 19.08
N ILE A 254 0.32 1.68 19.34
CA ILE A 254 0.81 1.83 20.70
C ILE A 254 0.27 3.06 21.40
N GLY A 255 -0.37 2.83 22.52
CA GLY A 255 -0.91 3.86 23.34
C GLY A 255 -0.03 4.42 24.43
N HIS A 256 0.71 3.55 25.10
CA HIS A 256 1.55 3.91 26.23
C HIS A 256 2.82 3.06 26.32
N ILE A 257 3.89 3.65 26.79
CA ILE A 257 5.15 2.97 26.95
C ILE A 257 5.83 3.20 28.29
N LYS A 258 6.44 2.16 28.83
CA LYS A 258 7.27 2.30 30.00
C LYS A 258 8.42 1.28 30.12
N THR A 279 10.94 -3.01 29.00
CA THR A 279 10.00 -2.14 28.29
C THR A 279 8.69 -2.79 27.86
N ILE A 280 7.60 -2.20 28.31
CA ILE A 280 6.26 -2.59 28.01
C ILE A 280 5.41 -1.54 27.33
N ALA A 281 5.02 -1.81 26.11
CA ALA A 281 4.00 -1.05 25.42
C ALA A 281 2.60 -1.54 25.70
N THR A 282 1.70 -0.65 26.04
CA THR A 282 0.32 -0.99 26.14
C THR A 282 -0.40 -0.63 24.85
N VAL A 283 -1.17 -1.58 24.33
CA VAL A 283 -1.89 -1.43 23.09
C VAL A 283 -3.39 -1.47 23.37
N PRO A 284 -4.14 -0.53 22.83
CA PRO A 284 -5.55 -0.49 23.13
C PRO A 284 -6.33 -1.42 22.22
N ILE A 285 -6.10 -2.70 22.38
CA ILE A 285 -6.93 -3.78 21.89
C ILE A 285 -7.07 -4.88 22.93
N GLY A 286 -8.23 -5.45 23.03
CA GLY A 286 -8.54 -6.48 23.98
C GLY A 286 -9.53 -7.53 23.54
N TYR A 287 -9.94 -8.36 24.47
CA TYR A 287 -10.85 -9.44 24.17
C TYR A 287 -12.18 -8.98 23.65
N ALA A 288 -12.60 -7.81 24.07
CA ALA A 288 -13.82 -7.19 23.62
C ALA A 288 -13.80 -6.80 22.15
N ASP A 289 -12.62 -6.74 21.56
CA ASP A 289 -12.45 -6.49 20.18
C ASP A 289 -12.39 -7.79 19.39
N GLY A 290 -12.51 -8.88 20.10
CA GLY A 290 -12.30 -10.18 19.55
C GLY A 290 -10.88 -10.71 19.49
N PHE A 291 -9.97 -10.14 20.24
CA PHE A 291 -8.67 -10.71 20.37
C PHE A 291 -8.71 -11.53 21.63
N THR A 292 -9.01 -12.80 21.49
CA THR A 292 -9.44 -13.59 22.58
C THR A 292 -8.43 -13.84 23.68
N ARG A 293 -8.93 -13.79 24.88
CA ARG A 293 -8.23 -14.00 26.11
C ARG A 293 -7.70 -15.41 26.21
N ILE A 294 -8.32 -16.30 25.48
CA ILE A 294 -7.99 -17.70 25.56
C ILE A 294 -6.59 -18.03 25.09
N GLN A 295 -6.02 -17.16 24.30
CA GLN A 295 -4.75 -17.33 23.73
C GLN A 295 -3.67 -17.54 24.78
N LYS A 296 -2.92 -18.59 24.62
CA LYS A 296 -1.77 -18.83 25.46
C LYS A 296 -0.48 -18.28 24.92
N ASN A 297 -0.33 -18.10 23.63
CA ASN A 297 0.88 -17.54 23.12
C ASN A 297 0.62 -16.32 22.21
N PRO A 298 -0.09 -15.31 22.67
CA PRO A 298 -0.38 -14.16 21.85
C PRO A 298 0.83 -13.36 21.44
N LYS A 299 0.90 -12.99 20.19
CA LYS A 299 1.98 -12.22 19.62
C LYS A 299 1.49 -11.01 18.83
N VAL A 300 2.34 -10.03 18.62
CA VAL A 300 2.06 -8.89 17.77
C VAL A 300 3.23 -8.52 16.89
N LEU A 301 2.97 -7.81 15.81
CA LEU A 301 3.99 -7.42 14.91
C LEU A 301 4.14 -5.90 14.92
N ILE A 302 5.33 -5.46 15.26
CA ILE A 302 5.71 -4.07 15.30
C ILE A 302 7.01 -3.90 14.58
N LYS A 303 7.03 -3.06 13.59
CA LYS A 303 8.25 -2.73 12.91
C LYS A 303 8.94 -3.97 12.43
N GLY A 304 8.19 -4.93 11.94
CA GLY A 304 8.77 -6.09 11.34
C GLY A 304 9.20 -7.15 12.29
N GLU A 305 9.07 -6.91 13.57
CA GLU A 305 9.47 -7.87 14.54
C GLU A 305 8.34 -8.23 15.41
N VAL A 306 8.33 -9.50 15.80
CA VAL A 306 7.33 -10.10 16.65
C VAL A 306 7.63 -10.04 18.14
N PHE A 307 6.65 -9.65 18.90
CA PHE A 307 6.79 -9.49 20.31
C PHE A 307 5.70 -10.25 21.02
N ASP A 308 5.99 -10.65 22.24
CA ASP A 308 5.05 -11.35 23.08
C ASP A 308 4.09 -10.44 23.77
N VAL A 309 2.86 -10.84 23.79
CA VAL A 309 1.90 -10.21 24.63
C VAL A 309 2.05 -10.82 26.03
N VAL A 310 2.15 -10.01 27.06
CA VAL A 310 2.38 -10.49 28.38
C VAL A 310 1.26 -10.27 29.37
N GLY A 311 1.10 -11.18 30.29
CA GLY A 311 0.04 -11.09 31.23
C GLY A 311 -1.22 -11.54 30.57
N ARG A 312 -2.32 -11.40 31.25
CA ARG A 312 -3.63 -11.67 30.74
C ARG A 312 -4.06 -10.64 29.75
N ILE A 313 -4.71 -11.06 28.70
CA ILE A 313 -5.39 -10.15 27.81
C ILE A 313 -6.56 -9.51 28.54
N CYS A 314 -6.62 -8.19 28.49
CA CYS A 314 -7.70 -7.46 29.09
C CYS A 314 -8.87 -7.20 28.16
N MET A 315 -9.97 -6.73 28.69
CA MET A 315 -11.13 -6.46 27.92
C MET A 315 -10.87 -5.43 26.81
N ASP A 316 -10.10 -4.42 27.09
CA ASP A 316 -9.85 -3.32 26.20
C ASP A 316 -8.40 -3.04 25.83
N GLN A 317 -7.48 -3.74 26.45
CA GLN A 317 -6.05 -3.60 26.19
C GLN A 317 -5.22 -4.81 26.48
N ILE A 318 -4.05 -4.79 25.90
CA ILE A 318 -3.01 -5.74 26.11
C ILE A 318 -1.67 -5.05 26.39
N MET A 319 -0.81 -5.77 27.05
CA MET A 319 0.53 -5.35 27.32
C MET A 319 1.53 -6.16 26.54
N VAL A 320 2.46 -5.51 25.88
CA VAL A 320 3.42 -6.09 24.98
C VAL A 320 4.87 -5.86 25.44
N ARG A 321 5.73 -6.85 25.32
CA ARG A 321 7.08 -6.69 25.79
C ARG A 321 8.04 -6.48 24.67
N ILE A 322 8.66 -5.33 24.70
CA ILE A 322 9.59 -4.95 23.68
C ILE A 322 11.00 -5.40 24.05
N ASP A 323 11.46 -6.41 23.38
CA ASP A 323 12.66 -7.12 23.77
C ASP A 323 13.69 -7.06 22.69
N LYS A 324 13.57 -6.05 21.87
CA LYS A 324 14.43 -5.77 20.77
C LYS A 324 14.55 -4.29 20.68
N ASP A 325 15.53 -3.83 19.95
CA ASP A 325 15.99 -2.47 20.01
C ASP A 325 15.53 -1.52 18.95
N ILE A 326 14.62 -1.88 18.07
CA ILE A 326 14.06 -0.86 17.18
C ILE A 326 13.37 0.13 18.08
N ASP A 327 13.30 1.37 17.67
CA ASP A 327 12.81 2.36 18.59
C ASP A 327 11.36 2.74 18.33
N ILE A 328 10.52 2.08 19.09
CA ILE A 328 9.11 2.17 18.93
C ILE A 328 8.79 3.41 19.67
N LYS A 329 7.70 4.06 19.37
CA LYS A 329 7.26 5.23 20.07
C LYS A 329 5.77 5.10 20.18
N VAL A 330 5.12 5.93 20.97
CA VAL A 330 3.67 5.93 21.01
C VAL A 330 3.24 6.24 19.59
N GLY A 331 2.04 5.80 19.27
CA GLY A 331 1.54 5.61 17.94
C GLY A 331 2.11 4.83 16.80
N ASP A 332 3.13 4.06 17.04
CA ASP A 332 3.58 3.16 16.04
C ASP A 332 2.49 2.16 15.81
N GLU A 333 2.40 1.68 14.61
CA GLU A 333 1.41 0.73 14.26
C GLU A 333 1.67 -0.65 14.89
N VAL A 334 0.63 -1.27 15.42
CA VAL A 334 0.68 -2.65 15.84
C VAL A 334 -0.19 -3.52 14.93
N ILE A 335 0.33 -4.59 14.41
CA ILE A 335 -0.46 -5.50 13.61
C ILE A 335 -0.65 -6.77 14.39
N LEU A 336 -1.91 -7.07 14.65
CA LEU A 336 -2.38 -8.33 15.16
C LEU A 336 -2.44 -9.57 14.25
N PHE A 337 -2.85 -9.41 13.02
CA PHE A 337 -2.71 -10.42 12.01
C PHE A 337 -2.85 -9.85 10.65
N GLY A 338 -2.48 -10.61 9.65
CA GLY A 338 -2.53 -10.26 8.26
C GLY A 338 -1.32 -9.67 7.58
N GLU A 339 -0.21 -9.61 8.30
CA GLU A 339 1.07 -9.22 7.77
C GLU A 339 2.23 -10.08 8.26
N GLY A 340 3.08 -10.50 7.34
CA GLY A 340 4.25 -11.25 7.71
C GLY A 340 3.93 -12.52 8.44
N GLU A 341 4.53 -12.67 9.59
CA GLU A 341 4.41 -13.88 10.36
C GLU A 341 3.23 -13.91 11.30
N VAL A 342 2.52 -12.82 11.45
CA VAL A 342 1.35 -12.83 12.24
C VAL A 342 0.13 -13.01 11.35
N THR A 343 -0.53 -14.13 11.55
CA THR A 343 -1.59 -14.57 10.71
C THR A 343 -2.74 -15.03 11.56
N ALA A 344 -3.91 -15.10 10.93
CA ALA A 344 -5.07 -15.70 11.50
C ALA A 344 -4.90 -17.19 11.84
N GLU A 345 -4.19 -17.89 10.99
CA GLU A 345 -3.89 -19.28 11.21
C GLU A 345 -3.04 -19.48 12.42
N ARG A 346 -2.08 -18.63 12.64
CA ARG A 346 -1.24 -18.73 13.82
C ARG A 346 -2.01 -18.57 15.17
N ILE A 347 -2.93 -17.64 15.27
CA ILE A 347 -3.82 -17.56 16.40
C ILE A 347 -4.73 -18.78 16.52
N ALA A 348 -5.20 -19.26 15.40
CA ALA A 348 -6.03 -20.39 15.36
C ALA A 348 -5.32 -21.63 15.92
N LYS A 349 -4.05 -21.83 15.60
CA LYS A 349 -3.24 -22.95 16.01
C LYS A 349 -3.21 -22.90 17.50
N ASP A 350 -3.01 -21.71 18.02
CA ASP A 350 -2.79 -21.51 19.40
C ASP A 350 -4.00 -21.90 20.19
N LEU A 351 -5.14 -21.56 19.64
CA LEU A 351 -6.42 -21.72 20.28
C LEU A 351 -7.08 -23.11 20.13
N GLY A 352 -6.55 -23.90 19.24
CA GLY A 352 -7.23 -25.08 18.79
C GLY A 352 -8.49 -24.87 17.97
N THR A 353 -8.59 -23.77 17.24
CA THR A 353 -9.64 -23.54 16.29
C THR A 353 -9.11 -23.36 14.89
N ILE A 354 -9.89 -22.66 14.09
CA ILE A 354 -9.62 -22.50 12.71
C ILE A 354 -9.68 -21.02 12.33
N ASN A 355 -9.09 -20.72 11.21
CA ASN A 355 -8.92 -19.41 10.71
C ASN A 355 -10.25 -18.69 10.48
N TYR A 356 -11.27 -19.40 10.09
CA TYR A 356 -12.58 -18.87 9.89
C TYR A 356 -13.12 -18.14 11.15
N GLU A 357 -13.01 -18.80 12.29
CA GLU A 357 -13.44 -18.25 13.54
C GLU A 357 -12.66 -17.03 14.01
N VAL A 358 -11.37 -17.02 13.81
CA VAL A 358 -10.57 -15.89 14.17
C VAL A 358 -11.04 -14.69 13.37
N LEU A 359 -11.30 -14.88 12.10
CA LEU A 359 -11.79 -13.83 11.25
C LEU A 359 -13.14 -13.32 11.65
N CYS A 360 -14.05 -14.20 11.99
CA CYS A 360 -15.41 -13.88 12.42
C CYS A 360 -15.49 -13.19 13.75
N MET A 361 -14.46 -13.36 14.54
CA MET A 361 -14.32 -12.85 15.88
C MET A 361 -14.30 -11.37 16.04
N ILE A 362 -13.86 -10.64 15.04
CA ILE A 362 -13.62 -9.24 15.18
C ILE A 362 -14.91 -8.47 15.51
N SER A 363 -14.92 -7.78 16.60
CA SER A 363 -16.09 -7.12 17.16
C SER A 363 -16.68 -5.91 16.45
N ARG A 364 -17.90 -5.55 16.84
CA ARG A 364 -18.67 -4.48 16.26
C ARG A 364 -17.94 -3.16 16.38
N ARG A 365 -17.24 -2.94 17.47
CA ARG A 365 -16.53 -1.70 17.67
C ARG A 365 -15.27 -1.51 16.84
N VAL A 366 -14.83 -2.57 16.20
CA VAL A 366 -13.67 -2.50 15.37
C VAL A 366 -14.09 -2.06 13.94
N ASP A 367 -13.80 -0.82 13.59
CA ASP A 367 -14.14 -0.21 12.32
C ASP A 367 -13.47 -0.93 11.18
N ARG A 368 -14.18 -1.11 10.10
CA ARG A 368 -13.66 -1.69 8.90
C ARG A 368 -13.22 -0.57 7.96
N VAL A 369 -11.95 -0.56 7.61
CA VAL A 369 -11.37 0.43 6.78
C VAL A 369 -10.96 -0.18 5.46
N TYR A 370 -11.59 0.26 4.40
CA TYR A 370 -11.39 -0.29 3.07
C TYR A 370 -10.33 0.41 2.23
N MET A 371 -9.38 -0.34 1.72
CA MET A 371 -8.31 0.16 0.92
C MET A 371 -8.29 -0.37 -0.50
N GLU A 372 -7.87 0.48 -1.41
CA GLU A 372 -7.71 0.15 -2.78
C GLU A 372 -6.60 0.99 -3.46
N ASN A 373 -5.74 0.36 -4.22
CA ASN A 373 -4.60 1.05 -4.78
C ASN A 373 -3.83 1.77 -3.66
N ASN A 374 -3.77 1.18 -2.48
CA ASN A 374 -3.01 1.69 -1.36
C ASN A 374 -3.51 3.00 -0.83
N GLU A 375 -4.78 3.29 -1.07
CA GLU A 375 -5.40 4.48 -0.57
C GLU A 375 -6.70 4.08 0.15
N LEU A 376 -7.05 4.83 1.14
CA LEU A 376 -8.22 4.56 1.86
C LEU A 376 -9.40 5.04 1.06
N VAL A 377 -10.38 4.22 0.79
CA VAL A 377 -11.55 4.68 0.09
C VAL A 377 -12.85 4.72 0.86
N GLN A 378 -12.90 4.01 1.96
CA GLN A 378 -14.05 3.97 2.83
C GLN A 378 -13.77 3.48 4.24
N ILE A 379 -14.39 4.10 5.21
CA ILE A 379 -14.43 3.70 6.60
C ILE A 379 -15.85 3.43 7.09
N ASN A 380 -16.08 2.25 7.61
CA ASN A 380 -17.34 1.91 8.23
C ASN A 380 -17.27 1.77 9.74
N SER A 381 -18.10 2.51 10.41
CA SER A 381 -18.28 2.35 11.82
C SER A 381 -19.58 1.66 12.03
N TYR A 382 -19.53 0.63 12.81
CA TYR A 382 -20.72 -0.04 13.18
C TYR A 382 -21.38 0.61 14.36
N LEU A 383 -20.74 1.56 14.98
CA LEU A 383 -21.31 2.26 16.11
C LEU A 383 -21.96 3.61 15.80
N LEU A 384 -21.44 4.33 14.85
CA LEU A 384 -21.85 5.69 14.62
C LEU A 384 -22.70 5.97 13.38
N LYS B 3 -42.73 -11.61 15.29
CA LYS B 3 -42.31 -10.28 15.69
C LYS B 3 -40.83 -10.16 15.93
N ILE B 4 -40.18 -11.18 16.44
CA ILE B 4 -38.79 -11.51 16.29
C ILE B 4 -38.70 -12.33 15.04
N THR B 5 -38.07 -11.81 14.04
CA THR B 5 -37.93 -12.49 12.78
C THR B 5 -36.59 -13.13 12.59
N VAL B 6 -35.63 -12.80 13.43
CA VAL B 6 -34.38 -13.46 13.47
C VAL B 6 -34.52 -14.83 14.12
N PRO B 7 -33.67 -15.76 13.75
CA PRO B 7 -33.66 -17.08 14.35
C PRO B 7 -32.88 -17.22 15.63
N THR B 8 -31.99 -16.31 15.90
CA THR B 8 -31.17 -16.32 17.09
C THR B 8 -31.09 -14.90 17.65
N TRP B 9 -31.29 -14.75 18.94
CA TRP B 9 -31.33 -13.48 19.56
C TRP B 9 -30.88 -13.47 21.01
N ALA B 10 -30.50 -12.31 21.49
CA ALA B 10 -30.20 -12.14 22.86
C ALA B 10 -31.26 -11.37 23.59
N GLU B 11 -31.94 -12.04 24.49
CA GLU B 11 -32.99 -11.44 25.23
C GLU B 11 -32.47 -10.80 26.49
N ILE B 12 -32.67 -9.51 26.58
CA ILE B 12 -32.20 -8.70 27.67
C ILE B 12 -33.34 -8.21 28.57
N ASN B 13 -33.40 -8.72 29.77
CA ASN B 13 -34.41 -8.35 30.75
C ASN B 13 -33.95 -7.17 31.52
N LEU B 14 -34.54 -6.06 31.17
CA LEU B 14 -34.34 -4.78 31.78
C LEU B 14 -34.72 -4.70 33.27
N ASP B 15 -35.73 -5.44 33.67
CA ASP B 15 -36.11 -5.53 35.07
C ASP B 15 -35.02 -6.17 35.94
N ASN B 16 -34.27 -7.08 35.38
CA ASN B 16 -33.13 -7.60 36.05
C ASN B 16 -32.04 -6.56 36.28
N LEU B 17 -31.82 -5.68 35.33
CA LEU B 17 -30.83 -4.66 35.54
C LEU B 17 -31.26 -3.78 36.71
N ARG B 18 -32.53 -3.43 36.75
CA ARG B 18 -33.11 -2.65 37.81
C ARG B 18 -32.97 -3.39 39.12
N PHE B 19 -33.23 -4.67 39.13
CA PHE B 19 -33.11 -5.48 40.32
C PHE B 19 -31.70 -5.46 40.84
N ASN B 20 -30.73 -5.67 39.97
CA ASN B 20 -29.34 -5.65 40.36
C ASN B 20 -28.86 -4.31 40.91
N LEU B 21 -29.22 -3.24 40.24
CA LEU B 21 -28.86 -1.91 40.65
C LEU B 21 -29.45 -1.46 41.97
N ASN B 22 -30.70 -1.79 42.19
CA ASN B 22 -31.33 -1.53 43.45
C ASN B 22 -30.63 -2.26 44.61
N ASN B 23 -30.25 -3.51 44.43
CA ASN B 23 -29.45 -4.21 45.41
C ASN B 23 -28.06 -3.61 45.62
N ILE B 24 -27.46 -3.09 44.57
CA ILE B 24 -26.20 -2.42 44.71
C ILE B 24 -26.36 -1.21 45.57
N LYS B 25 -27.40 -0.48 45.30
CA LYS B 25 -27.67 0.74 45.98
C LYS B 25 -27.93 0.57 47.49
N ASN B 26 -28.53 -0.54 47.85
CA ASN B 26 -28.82 -0.87 49.21
C ASN B 26 -27.55 -0.97 50.04
N LEU B 27 -26.48 -1.34 49.38
CA LEU B 27 -25.16 -1.50 49.93
C LEU B 27 -24.52 -0.21 50.34
N LEU B 28 -24.95 0.85 49.71
CA LEU B 28 -24.22 2.08 49.79
C LEU B 28 -24.99 3.14 50.53
N GLU B 29 -24.28 4.06 51.13
CA GLU B 29 -24.88 5.20 51.74
C GLU B 29 -25.39 6.04 50.63
N GLU B 30 -26.34 6.90 50.92
CA GLU B 30 -27.00 7.74 49.92
C GLU B 30 -26.08 8.67 49.21
N ASP B 31 -25.03 9.07 49.86
CA ASP B 31 -24.11 10.04 49.35
C ASP B 31 -23.03 9.52 48.39
N ILE B 32 -23.09 8.26 48.05
CA ILE B 32 -22.09 7.68 47.20
C ILE B 32 -22.64 7.52 45.82
N LYS B 33 -21.98 8.16 44.89
CA LYS B 33 -22.39 8.18 43.51
C LYS B 33 -22.17 6.83 42.84
N ILE B 34 -22.97 6.51 41.85
CA ILE B 34 -22.75 5.33 41.06
C ILE B 34 -22.35 5.61 39.61
N CYS B 35 -21.30 4.96 39.16
CA CYS B 35 -20.94 4.99 37.78
C CYS B 35 -21.22 3.64 37.18
N GLY B 36 -22.14 3.60 36.23
CA GLY B 36 -22.48 2.38 35.56
C GLY B 36 -21.54 2.15 34.42
N VAL B 37 -20.90 1.02 34.41
CA VAL B 37 -19.91 0.71 33.43
C VAL B 37 -20.52 -0.03 32.25
N ILE B 38 -20.56 0.64 31.13
CA ILE B 38 -21.19 0.15 29.95
C ILE B 38 -20.26 0.00 28.76
N1 LLP B 39 -13.20 0.35 36.41
C2 LLP B 39 -12.34 0.31 35.41
C2' LLP B 39 -11.21 1.27 35.34
C3 LLP B 39 -12.48 -0.70 34.37
O3 LLP B 39 -11.63 -0.77 33.36
C4 LLP B 39 -13.59 -1.63 34.44
C4' LLP B 39 -13.76 -2.69 33.38
C5 LLP B 39 -14.48 -1.48 35.61
C6 LLP B 39 -14.22 -0.48 36.53
C5' LLP B 39 -15.63 -2.41 35.84
OP4 LLP B 39 -15.12 -3.68 36.15
P LLP B 39 -15.95 -4.83 36.73
OP1 LLP B 39 -15.03 -5.86 37.04
OP2 LLP B 39 -16.56 -4.23 37.81
OP3 LLP B 39 -16.95 -5.26 35.81
N LLP B 39 -19.00 -0.17 29.04
CA LLP B 39 -18.03 -0.43 28.01
CB LLP B 39 -16.63 -0.29 28.54
CG LLP B 39 -16.17 -1.44 29.35
CD LLP B 39 -14.97 -1.11 30.22
CE LLP B 39 -14.86 -2.14 31.32
NZ LLP B 39 -13.65 -2.20 32.05
C LLP B 39 -18.27 -1.72 27.27
O LLP B 39 -18.99 -2.56 27.76
N ALA B 40 -17.75 -1.83 26.06
CA ALA B 40 -17.95 -2.99 25.22
C ALA B 40 -19.42 -3.35 24.97
N ASP B 41 -20.16 -2.34 24.55
CA ASP B 41 -21.57 -2.43 24.27
C ASP B 41 -22.42 -2.95 25.46
N ALA B 42 -22.14 -2.37 26.61
CA ALA B 42 -22.65 -2.78 27.89
C ALA B 42 -22.43 -4.27 28.14
N TYR B 43 -21.20 -4.68 27.97
CA TYR B 43 -20.75 -6.07 28.12
C TYR B 43 -21.65 -6.99 27.28
N GLY B 44 -21.94 -6.55 26.09
CA GLY B 44 -22.82 -7.22 25.16
C GLY B 44 -24.31 -7.06 25.32
N HIS B 45 -24.76 -6.33 26.31
CA HIS B 45 -26.18 -6.12 26.53
C HIS B 45 -26.79 -4.98 25.71
N GLY B 46 -25.95 -4.20 25.08
CA GLY B 46 -26.35 -3.05 24.30
C GLY B 46 -26.23 -1.80 25.10
N ALA B 47 -25.17 -1.07 24.89
CA ALA B 47 -24.85 0.10 25.67
C ALA B 47 -25.90 1.22 25.62
N VAL B 48 -26.47 1.50 24.47
CA VAL B 48 -27.47 2.52 24.35
C VAL B 48 -28.74 2.26 25.17
N GLU B 49 -29.31 1.08 25.06
CA GLU B 49 -30.50 0.74 25.81
C GLU B 49 -30.27 0.66 27.30
N VAL B 50 -29.12 0.15 27.68
CA VAL B 50 -28.72 0.12 29.05
C VAL B 50 -28.50 1.50 29.58
N ALA B 51 -27.90 2.36 28.79
CA ALA B 51 -27.70 3.73 29.21
C ALA B 51 -29.03 4.40 29.45
N LYS B 52 -30.02 4.18 28.63
CA LYS B 52 -31.28 4.80 28.76
C LYS B 52 -31.92 4.44 30.07
N LEU B 53 -31.86 3.17 30.42
CA LEU B 53 -32.34 2.69 31.68
C LEU B 53 -31.59 3.29 32.86
N LEU B 54 -30.28 3.38 32.78
CA LEU B 54 -29.50 3.91 33.87
C LEU B 54 -29.88 5.36 34.07
N GLU B 55 -30.13 6.05 33.00
CA GLU B 55 -30.60 7.40 33.08
C GLU B 55 -31.93 7.53 33.81
N LYS B 56 -32.86 6.64 33.55
CA LYS B 56 -34.13 6.64 34.21
C LYS B 56 -33.89 6.43 35.67
N GLU B 57 -32.96 5.58 35.99
CA GLU B 57 -32.74 5.12 37.34
C GLU B 57 -31.82 6.05 38.08
N LYS B 58 -31.53 7.16 37.49
CA LYS B 58 -30.77 8.18 38.11
C LYS B 58 -29.34 7.91 38.60
N VAL B 59 -28.56 7.11 37.90
CA VAL B 59 -27.16 6.98 38.20
C VAL B 59 -26.41 8.23 37.82
N ASP B 60 -25.22 8.38 38.33
CA ASP B 60 -24.47 9.60 38.27
C ASP B 60 -23.49 9.77 37.12
N TYR B 61 -22.87 8.68 36.72
CA TYR B 61 -21.91 8.66 35.66
C TYR B 61 -22.07 7.39 34.85
N LEU B 62 -21.60 7.41 33.63
CA LEU B 62 -21.51 6.24 32.81
C LEU B 62 -20.07 6.13 32.40
N ALA B 63 -19.55 4.92 32.34
CA ALA B 63 -18.22 4.66 31.81
C ALA B 63 -18.13 3.77 30.57
N VAL B 64 -17.23 4.16 29.70
CA VAL B 64 -16.96 3.54 28.44
C VAL B 64 -15.46 3.38 28.32
N ALA B 65 -15.03 2.64 27.33
CA ALA B 65 -13.63 2.35 27.07
C ALA B 65 -13.07 3.01 25.84
N ARG B 66 -13.94 3.49 24.98
CA ARG B 66 -13.58 4.09 23.72
C ARG B 66 -14.33 5.39 23.45
N THR B 67 -13.72 6.30 22.71
CA THR B 67 -14.36 7.54 22.35
C THR B 67 -15.64 7.34 21.60
N ALA B 68 -15.62 6.44 20.64
CA ALA B 68 -16.78 6.11 19.88
C ALA B 68 -17.94 5.56 20.66
N GLU B 69 -17.65 4.80 21.70
CA GLU B 69 -18.65 4.26 22.55
C GLU B 69 -19.40 5.40 23.22
N GLY B 70 -18.69 6.42 23.64
CA GLY B 70 -19.30 7.65 24.09
C GLY B 70 -20.10 8.43 23.08
N ILE B 71 -19.57 8.61 21.89
CA ILE B 71 -20.28 9.31 20.85
C ILE B 71 -21.55 8.59 20.51
N GLU B 72 -21.52 7.27 20.58
CA GLU B 72 -22.65 6.48 20.22
C GLU B 72 -23.74 6.83 21.18
N LEU B 73 -23.40 6.99 22.42
CA LEU B 73 -24.32 7.40 23.43
C LEU B 73 -24.91 8.82 23.20
N ARG B 74 -24.08 9.78 22.84
CA ARG B 74 -24.56 11.13 22.57
C ARG B 74 -25.51 11.15 21.38
N GLN B 75 -25.20 10.35 20.40
CA GLN B 75 -25.96 10.24 19.20
C GLN B 75 -27.33 9.66 19.44
N ASN B 76 -27.49 9.00 20.56
CA ASN B 76 -28.74 8.37 20.94
C ASN B 76 -29.46 9.09 22.07
N GLY B 77 -29.12 10.33 22.27
CA GLY B 77 -29.77 11.09 23.29
C GLY B 77 -29.37 10.96 24.73
N ILE B 78 -28.29 10.31 25.06
CA ILE B 78 -27.86 10.19 26.43
C ILE B 78 -27.29 11.51 26.96
N THR B 79 -27.75 11.94 28.10
CA THR B 79 -27.28 13.19 28.68
C THR B 79 -26.36 13.07 29.89
N LEU B 80 -26.21 11.89 30.43
CA LEU B 80 -25.39 11.67 31.59
C LEU B 80 -23.97 11.96 31.33
N PRO B 81 -23.26 12.35 32.48
CA PRO B 81 -21.81 12.42 32.29
C PRO B 81 -21.23 11.06 31.83
N ILE B 82 -20.27 11.11 30.93
CA ILE B 82 -19.62 9.94 30.41
C ILE B 82 -18.11 9.99 30.62
N LEU B 83 -17.58 8.92 31.18
CA LEU B 83 -16.17 8.80 31.32
C LEU B 83 -15.53 7.75 30.45
N ASN B 84 -14.58 8.16 29.63
CA ASN B 84 -13.74 7.24 28.91
C ASN B 84 -12.60 6.86 29.84
N LEU B 85 -12.76 5.67 30.35
CA LEU B 85 -11.87 4.92 31.18
C LEU B 85 -10.62 4.58 30.48
N GLY B 86 -10.72 4.34 29.20
CA GLY B 86 -9.60 3.86 28.42
C GLY B 86 -8.79 4.94 27.79
N TYR B 87 -8.05 4.57 26.78
CA TYR B 87 -7.17 5.41 26.04
C TYR B 87 -7.91 6.39 25.11
N THR B 88 -7.54 7.66 25.12
CA THR B 88 -7.98 8.58 24.11
C THR B 88 -6.82 9.02 23.29
N PRO B 89 -6.78 8.62 22.05
CA PRO B 89 -5.72 9.05 21.17
C PRO B 89 -5.86 10.51 20.80
N ASP B 90 -4.77 11.10 20.45
CA ASP B 90 -4.68 12.53 20.29
C ASP B 90 -5.64 13.08 19.27
N GLU B 91 -5.91 12.33 18.25
CA GLU B 91 -6.72 12.80 17.19
C GLU B 91 -8.18 12.67 17.52
N ALA B 92 -8.47 12.28 18.74
CA ALA B 92 -9.82 12.21 19.19
C ALA B 92 -10.11 13.17 20.32
N PHE B 93 -9.16 14.00 20.70
CA PHE B 93 -9.39 14.92 21.76
C PHE B 93 -10.56 15.85 21.48
N GLU B 94 -10.62 16.40 20.29
CA GLU B 94 -11.65 17.34 19.92
C GLU B 94 -13.04 16.74 19.91
N ASP B 95 -13.15 15.56 19.35
CA ASP B 95 -14.41 14.89 19.31
C ASP B 95 -14.92 14.60 20.72
N SER B 96 -13.99 14.30 21.62
CA SER B 96 -14.32 14.10 22.98
C SER B 96 -14.85 15.34 23.59
N ILE B 97 -14.17 16.45 23.41
CA ILE B 97 -14.59 17.70 24.03
C ILE B 97 -15.92 18.20 23.51
N LYS B 98 -16.12 18.10 22.23
CA LYS B 98 -17.38 18.41 21.62
C LYS B 98 -18.53 17.54 22.06
N ASN B 99 -18.28 16.29 22.34
CA ASN B 99 -19.33 15.39 22.75
C ASN B 99 -19.48 15.28 24.27
N LYS B 100 -18.75 16.12 24.96
CA LYS B 100 -18.72 16.15 26.40
C LYS B 100 -18.39 14.80 27.04
N ILE B 101 -17.29 14.20 26.62
CA ILE B 101 -16.81 12.95 27.18
C ILE B 101 -15.64 13.21 28.08
N THR B 102 -15.77 12.91 29.35
CA THR B 102 -14.68 13.03 30.26
C THR B 102 -13.60 12.04 29.89
N MET B 103 -12.40 12.51 29.80
CA MET B 103 -11.30 11.68 29.38
C MET B 103 -10.36 11.41 30.52
N THR B 104 -9.81 10.21 30.56
CA THR B 104 -8.81 9.84 31.51
C THR B 104 -7.47 10.31 31.05
N VAL B 105 -6.69 10.86 31.95
CA VAL B 105 -5.38 11.32 31.61
C VAL B 105 -4.29 10.74 32.48
N TYR B 106 -3.16 10.42 31.90
CA TYR B 106 -2.05 9.76 32.58
C TYR B 106 -0.81 10.57 32.79
N SER B 107 -0.67 11.67 32.07
CA SER B 107 0.50 12.49 32.14
C SER B 107 0.17 13.95 32.03
N LEU B 108 1.03 14.76 32.57
CA LEU B 108 0.91 16.19 32.43
C LEU B 108 1.02 16.56 30.99
N GLU B 109 1.85 15.87 30.25
CA GLU B 109 2.08 16.33 28.93
C GLU B 109 0.80 16.30 28.19
N THR B 110 0.08 15.19 28.29
CA THR B 110 -1.16 14.96 27.56
C THR B 110 -2.28 15.90 27.96
N ALA B 111 -2.27 16.31 29.21
CA ALA B 111 -3.21 17.28 29.73
C ALA B 111 -3.01 18.60 29.03
N GLN B 112 -1.78 18.93 28.78
CA GLN B 112 -1.41 20.08 28.00
C GLN B 112 -1.85 20.01 26.58
N LYS B 113 -1.75 18.86 25.96
CA LYS B 113 -2.29 18.76 24.66
C LYS B 113 -3.77 18.99 24.69
N ILE B 114 -4.45 18.42 25.66
CA ILE B 114 -5.91 18.53 25.76
C ILE B 114 -6.29 19.98 25.99
N ASN B 115 -5.52 20.65 26.83
CA ASN B 115 -5.81 22.01 27.18
C ASN B 115 -5.77 22.91 25.98
N GLU B 116 -4.78 22.73 25.14
CA GLU B 116 -4.68 23.53 23.98
C GLU B 116 -5.85 23.31 23.11
N ILE B 117 -6.30 22.08 22.96
CA ILE B 117 -7.47 21.82 22.13
C ILE B 117 -8.72 22.44 22.66
N ALA B 118 -8.96 22.36 23.93
CA ALA B 118 -10.11 22.99 24.55
C ALA B 118 -10.06 24.51 24.48
N LYS B 119 -8.88 25.08 24.55
CA LYS B 119 -8.68 26.49 24.38
C LYS B 119 -9.22 26.91 23.01
N SER B 120 -8.84 26.25 21.96
CA SER B 120 -9.36 26.57 20.67
C SER B 120 -10.86 26.37 20.49
N LEU B 121 -11.47 25.54 21.31
CA LEU B 121 -12.89 25.35 21.24
C LEU B 121 -13.59 26.27 22.17
N GLY B 122 -12.86 26.91 23.04
CA GLY B 122 -13.43 27.68 24.09
C GLY B 122 -14.24 26.91 25.10
N GLU B 123 -13.82 25.69 25.36
CA GLU B 123 -14.48 24.82 26.29
C GLU B 123 -13.47 24.36 27.28
N LYS B 124 -13.86 24.23 28.53
CA LYS B 124 -13.06 23.48 29.45
C LYS B 124 -13.30 21.98 29.28
N ALA B 125 -12.20 21.23 29.19
CA ALA B 125 -12.21 19.78 29.08
C ALA B 125 -12.22 19.13 30.43
N CYS B 126 -13.19 18.31 30.68
CA CYS B 126 -13.27 17.60 31.92
C CYS B 126 -12.39 16.36 31.89
N VAL B 127 -11.55 16.16 32.89
CA VAL B 127 -10.69 14.99 32.99
C VAL B 127 -10.67 14.30 34.33
N HIS B 128 -10.35 13.03 34.32
CA HIS B 128 -10.01 12.33 35.55
C HIS B 128 -8.58 11.90 35.42
N VAL B 129 -7.88 11.92 36.52
CA VAL B 129 -6.52 11.50 36.55
C VAL B 129 -6.43 10.08 37.04
N LYS B 130 -5.63 9.30 36.34
CA LYS B 130 -5.38 7.94 36.73
C LYS B 130 -4.04 7.70 37.38
N ILE B 131 -4.17 7.06 38.51
CA ILE B 131 -3.10 6.69 39.34
C ILE B 131 -2.80 5.25 39.12
N ASP B 132 -1.55 4.90 38.96
CA ASP B 132 -1.17 3.49 38.85
C ASP B 132 -0.55 3.00 40.13
N SER B 133 -1.30 2.19 40.83
CA SER B 133 -0.99 1.82 42.17
C SER B 133 -0.56 0.39 42.22
N GLY B 139 -0.48 4.86 34.29
CA GLY B 139 -0.94 6.12 34.85
C GLY B 139 0.13 6.97 35.49
N PHE B 140 -0.23 7.76 36.47
CA PHE B 140 0.72 8.50 37.26
C PHE B 140 1.26 7.57 38.35
N GLN B 141 2.58 7.45 38.48
CA GLN B 141 3.15 6.69 39.57
C GLN B 141 2.81 7.38 40.82
N PRO B 142 2.62 6.65 41.89
CA PRO B 142 2.28 7.30 43.15
C PRO B 142 3.54 7.75 43.81
N ASN B 143 3.90 8.99 43.56
CA ASN B 143 5.04 9.56 44.18
C ASN B 143 4.97 11.05 44.09
N GLU B 144 5.86 11.73 44.78
CA GLU B 144 5.91 13.17 44.84
C GLU B 144 6.10 13.81 43.48
N GLU B 145 6.86 13.20 42.60
CA GLU B 145 7.06 13.76 41.32
C GLU B 145 5.73 13.91 40.55
N SER B 146 4.89 12.91 40.61
CA SER B 146 3.54 12.99 40.13
C SER B 146 2.68 14.02 40.86
N VAL B 147 2.89 14.20 42.14
CA VAL B 147 2.05 15.08 42.91
C VAL B 147 2.14 16.51 42.40
N GLN B 148 3.34 16.92 42.10
CA GLN B 148 3.62 18.20 41.50
C GLN B 148 3.07 18.29 40.09
N GLU B 149 3.08 17.19 39.39
CA GLU B 149 2.59 17.14 38.03
C GLU B 149 1.11 17.46 37.99
N ILE B 150 0.37 16.90 38.91
CA ILE B 150 -1.04 17.14 38.99
C ILE B 150 -1.37 18.57 39.39
N ILE B 151 -0.61 19.07 40.35
CA ILE B 151 -0.78 20.40 40.84
C ILE B 151 -0.64 21.31 39.64
N GLU B 152 0.34 21.09 38.80
CA GLU B 152 0.39 21.83 37.57
C GLU B 152 -0.76 21.62 36.62
N LEU B 153 -1.30 20.43 36.56
CA LEU B 153 -2.34 20.12 35.62
C LEU B 153 -3.56 20.93 35.88
N ASN B 154 -3.82 21.04 37.16
CA ASN B 154 -4.90 21.78 37.72
C ASN B 154 -4.81 23.29 37.43
N LYS B 155 -3.62 23.80 37.18
CA LYS B 155 -3.43 25.18 36.80
C LYS B 155 -3.96 25.49 35.43
N LEU B 156 -3.98 24.48 34.58
CA LEU B 156 -4.34 24.70 33.22
C LEU B 156 -5.75 25.25 33.05
N GLU B 157 -5.85 26.31 32.26
CA GLU B 157 -7.03 27.17 32.18
C GLU B 157 -8.25 26.48 31.68
N TYR B 158 -8.03 25.60 30.73
CA TYR B 158 -9.06 24.92 30.01
C TYR B 158 -9.20 23.42 30.36
N ILE B 159 -8.71 23.05 31.52
CA ILE B 159 -8.91 21.75 32.12
C ILE B 159 -9.75 21.82 33.39
N ASP B 160 -10.81 21.04 33.45
CA ASP B 160 -11.51 20.77 34.67
C ASP B 160 -11.09 19.42 35.20
N LEU B 161 -10.24 19.46 36.20
CA LEU B 161 -9.78 18.26 36.84
C LEU B 161 -10.81 17.86 37.85
N GLU B 162 -11.82 17.16 37.39
CA GLU B 162 -12.87 16.58 38.19
C GLU B 162 -12.57 15.39 39.07
N GLY B 163 -11.82 14.42 38.57
CA GLY B 163 -11.69 13.14 39.24
C GLY B 163 -10.32 12.60 39.42
N MET B 164 -10.15 11.65 40.31
CA MET B 164 -8.94 10.88 40.45
C MET B 164 -9.21 9.41 40.78
N PHE B 165 -8.64 8.51 40.02
CA PHE B 165 -8.87 7.11 40.26
C PHE B 165 -7.76 6.14 40.08
N THR B 166 -7.96 4.96 40.57
CA THR B 166 -7.12 3.85 40.28
C THR B 166 -7.98 2.60 40.09
N HIS B 167 -7.36 1.53 39.65
CA HIS B 167 -8.05 0.28 39.44
C HIS B 167 -7.37 -0.92 40.12
N PHE B 168 -8.16 -1.71 40.81
CA PHE B 168 -7.64 -2.87 41.51
C PHE B 168 -7.35 -4.10 40.65
N ALA B 169 -6.13 -4.59 40.77
CA ALA B 169 -5.73 -5.82 40.14
C ALA B 169 -6.43 -7.06 40.65
N THR B 170 -6.65 -7.14 41.94
CA THR B 170 -7.05 -8.36 42.63
C THR B 170 -8.17 -8.25 43.67
N ALA B 171 -9.07 -7.31 43.48
CA ALA B 171 -10.16 -7.13 44.42
C ALA B 171 -11.14 -8.30 44.49
N ASP B 172 -11.12 -9.14 43.46
CA ASP B 172 -12.02 -10.29 43.36
C ASP B 172 -11.44 -11.57 43.97
N GLU B 173 -10.20 -11.51 44.42
CA GLU B 173 -9.63 -12.65 45.12
C GLU B 173 -9.60 -12.47 46.63
N GLU B 177 -3.61 -7.51 51.87
CA GLU B 177 -4.28 -7.41 50.60
C GLU B 177 -3.46 -6.57 49.63
N TYR B 178 -3.23 -7.11 48.47
CA TYR B 178 -2.56 -6.38 47.42
C TYR B 178 -3.47 -5.18 47.15
N THR B 179 -4.76 -5.40 47.25
CA THR B 179 -5.67 -4.39 46.88
C THR B 179 -5.31 -3.27 47.79
N TYR B 180 -5.23 -3.60 49.07
CA TYR B 180 -5.01 -2.61 50.10
C TYR B 180 -3.62 -2.00 50.00
N LYS B 181 -2.70 -2.66 49.35
CA LYS B 181 -1.49 -1.99 48.93
C LYS B 181 -1.74 -0.95 47.87
N GLN B 182 -2.55 -1.30 46.90
CA GLN B 182 -2.90 -0.39 45.83
C GLN B 182 -3.61 0.76 46.49
N ALA B 183 -4.40 0.43 47.49
CA ALA B 183 -5.17 1.41 48.22
C ALA B 183 -4.30 2.44 48.92
N ASN B 184 -3.17 1.99 49.40
CA ASN B 184 -2.22 2.83 50.09
C ASN B 184 -1.63 3.87 49.20
N ASN B 185 -1.30 3.47 48.00
CA ASN B 185 -0.72 4.36 47.06
C ASN B 185 -1.63 5.45 46.65
N TYR B 186 -2.87 5.12 46.43
CA TYR B 186 -3.84 6.12 46.12
C TYR B 186 -3.96 7.08 47.29
N LYS B 187 -3.88 6.58 48.51
CA LYS B 187 -3.98 7.45 49.68
C LYS B 187 -2.84 8.41 49.73
N PHE B 188 -1.68 7.92 49.39
CA PHE B 188 -0.52 8.73 49.34
C PHE B 188 -0.78 9.81 48.35
N MET B 189 -1.47 9.52 47.29
CA MET B 189 -1.90 10.54 46.38
C MET B 189 -2.97 11.51 46.84
N SER B 190 -4.04 10.99 47.38
CA SER B 190 -5.11 11.83 47.79
C SER B 190 -4.63 12.70 48.87
N ASP B 191 -3.77 12.16 49.72
CA ASP B 191 -3.25 12.94 50.81
C ASP B 191 -2.39 14.14 50.43
N LYS B 192 -1.42 13.93 49.60
CA LYS B 192 -0.51 14.98 49.22
C LYS B 192 -1.23 16.08 48.48
N LEU B 193 -2.23 15.73 47.68
CA LEU B 193 -3.01 16.68 46.92
C LEU B 193 -3.94 17.55 47.72
N ASP B 194 -4.35 17.03 48.85
CA ASP B 194 -5.12 17.75 49.85
C ASP B 194 -4.31 18.83 50.54
N GLU B 195 -3.07 18.46 50.82
CA GLU B 195 -2.10 19.28 51.49
C GLU B 195 -1.96 20.52 50.63
N ALA B 196 -2.23 20.36 49.34
CA ALA B 196 -2.01 21.41 48.42
C ALA B 196 -3.26 22.02 47.87
N GLY B 197 -4.41 21.67 48.40
CA GLY B 197 -5.61 22.41 48.12
C GLY B 197 -6.26 22.11 46.78
N VAL B 198 -5.78 21.09 46.09
CA VAL B 198 -6.34 20.71 44.79
C VAL B 198 -7.58 19.95 45.10
N LYS B 199 -8.71 20.46 44.64
CA LYS B 199 -9.97 19.94 45.12
C LYS B 199 -10.41 18.47 44.80
N ILE B 200 -10.47 18.07 43.53
CA ILE B 200 -10.90 16.71 43.17
C ILE B 200 -12.22 16.23 43.72
N ALA B 201 -13.26 16.58 43.01
CA ALA B 201 -14.62 16.31 43.35
C ALA B 201 -15.01 14.84 43.46
N ILE B 202 -14.45 14.03 42.61
CA ILE B 202 -14.81 12.64 42.57
C ILE B 202 -13.55 11.84 42.69
N LYS B 203 -13.37 11.23 43.83
CA LYS B 203 -12.35 10.25 44.02
C LYS B 203 -13.06 8.94 44.02
N HIS B 204 -12.57 8.04 43.19
CA HIS B 204 -13.10 6.71 43.03
C HIS B 204 -12.05 5.62 42.84
N VAL B 205 -12.23 4.50 43.47
CA VAL B 205 -11.38 3.35 43.27
C VAL B 205 -12.05 1.98 43.12
N SER B 206 -13.29 1.86 43.52
CA SER B 206 -13.98 0.59 43.62
C SER B 206 -14.65 0.09 42.34
N ASN B 207 -14.21 -1.07 41.93
CA ASN B 207 -14.87 -1.88 40.96
C ASN B 207 -15.92 -2.77 41.65
N SER B 208 -16.42 -3.73 40.91
CA SER B 208 -17.48 -4.57 41.38
C SER B 208 -17.07 -5.38 42.59
N ALA B 209 -15.89 -5.95 42.56
CA ALA B 209 -15.41 -6.74 43.69
C ALA B 209 -15.20 -5.92 44.96
N ALA B 210 -14.59 -4.78 44.79
CA ALA B 210 -14.35 -3.86 45.85
C ALA B 210 -15.65 -3.40 46.42
N ILE B 211 -16.64 -3.20 45.58
CA ILE B 211 -17.90 -2.68 46.04
C ILE B 211 -18.42 -3.70 47.04
N MET B 212 -18.33 -4.95 46.67
CA MET B 212 -18.79 -6.05 47.47
C MET B 212 -18.01 -6.36 48.72
N ASP B 213 -16.71 -6.53 48.60
CA ASP B 213 -15.87 -6.95 49.69
C ASP B 213 -15.23 -5.86 50.52
N CYS B 214 -15.22 -4.65 50.01
CA CYS B 214 -14.41 -3.62 50.59
C CYS B 214 -15.17 -2.36 50.89
N PRO B 215 -15.93 -2.36 51.95
CA PRO B 215 -16.81 -1.25 52.33
C PRO B 215 -16.07 -0.01 52.78
N ASP B 216 -14.77 -0.09 52.98
CA ASP B 216 -14.02 1.08 53.41
C ASP B 216 -13.61 1.92 52.27
N LEU B 217 -13.94 1.47 51.07
CA LEU B 217 -13.36 1.98 49.87
C LEU B 217 -14.34 2.74 48.98
N ARG B 218 -15.45 3.19 49.58
CA ARG B 218 -16.55 3.88 48.88
C ARG B 218 -16.22 5.24 48.23
N LEU B 219 -15.27 5.97 48.73
CA LEU B 219 -14.84 7.32 48.41
C LEU B 219 -15.99 8.11 47.80
N ASN B 220 -15.90 8.76 46.78
CA ASN B 220 -16.99 9.60 46.27
C ASN B 220 -17.85 8.91 45.19
N MET B 221 -17.40 7.74 44.73
CA MET B 221 -18.11 7.03 43.70
C MET B 221 -17.56 5.62 43.56
N VAL B 222 -18.41 4.72 43.14
CA VAL B 222 -18.01 3.38 42.82
C VAL B 222 -18.39 3.04 41.41
N ARG B 223 -17.61 2.17 40.80
CA ARG B 223 -17.82 1.81 39.43
C ARG B 223 -18.36 0.43 39.31
N ALA B 224 -19.61 0.37 38.96
CA ALA B 224 -20.31 -0.87 38.93
C ALA B 224 -20.41 -1.41 37.50
N GLY B 225 -19.79 -2.57 37.28
CA GLY B 225 -19.80 -3.25 36.02
C GLY B 225 -20.46 -4.59 35.94
N ILE B 226 -19.73 -5.65 36.16
CA ILE B 226 -20.22 -6.98 35.91
C ILE B 226 -21.50 -7.25 36.73
N ILE B 227 -21.51 -6.73 37.94
CA ILE B 227 -22.63 -6.84 38.85
C ILE B 227 -23.96 -6.19 38.42
N LEU B 228 -23.90 -5.13 37.66
CA LEU B 228 -25.06 -4.52 37.07
C LEU B 228 -25.77 -5.48 36.13
N TYR B 229 -24.98 -6.24 35.40
CA TYR B 229 -25.43 -7.24 34.46
C TYR B 229 -25.94 -8.51 35.13
N GLY B 230 -25.71 -8.65 36.40
CA GLY B 230 -26.19 -9.78 37.10
C GLY B 230 -25.24 -10.90 37.33
N HIS B 231 -23.96 -10.62 37.21
CA HIS B 231 -22.95 -11.64 37.35
C HIS B 231 -21.85 -11.23 38.33
N TYR B 232 -21.31 -12.21 39.02
CA TYR B 232 -20.19 -12.02 39.94
C TYR B 232 -18.84 -11.98 39.27
N PRO B 233 -17.97 -11.11 39.74
CA PRO B 233 -16.61 -11.01 39.24
C PRO B 233 -15.74 -12.22 39.55
N SER B 234 -16.06 -12.96 40.59
CA SER B 234 -15.41 -14.25 40.91
C SER B 234 -16.21 -15.08 41.89
N ASP B 235 -15.86 -16.32 42.12
CA ASP B 235 -16.42 -17.09 43.23
C ASP B 235 -16.00 -16.65 44.62
N ASP B 236 -14.87 -16.01 44.72
CA ASP B 236 -14.32 -15.53 45.97
C ASP B 236 -15.05 -14.42 46.71
N VAL B 237 -15.75 -13.53 46.03
CA VAL B 237 -16.31 -12.33 46.64
C VAL B 237 -17.45 -12.73 47.54
N PHE B 238 -17.92 -11.85 48.40
CA PHE B 238 -18.96 -12.22 49.33
C PHE B 238 -20.36 -12.11 48.72
N LYS B 239 -20.75 -13.18 48.02
CA LYS B 239 -21.99 -13.30 47.27
C LYS B 239 -23.13 -13.19 48.19
N ASP B 240 -22.86 -13.65 49.38
CA ASP B 240 -23.83 -13.60 50.43
C ASP B 240 -24.21 -12.15 50.57
N ARG B 241 -23.23 -11.28 50.28
CA ARG B 241 -23.46 -9.86 50.32
C ARG B 241 -24.45 -9.26 49.33
N LEU B 242 -24.47 -9.73 48.10
CA LEU B 242 -25.27 -9.10 47.07
C LEU B 242 -25.98 -10.08 46.21
N GLU B 243 -27.28 -9.96 46.11
CA GLU B 243 -28.10 -10.82 45.31
C GLU B 243 -28.19 -10.33 43.89
N LEU B 244 -27.96 -11.21 42.93
CA LEU B 244 -27.97 -10.85 41.50
C LEU B 244 -28.81 -11.70 40.58
N ARG B 245 -29.39 -11.08 39.57
CA ARG B 245 -29.99 -11.80 38.50
C ARG B 245 -29.39 -11.49 37.14
N PRO B 246 -28.89 -12.48 36.47
CA PRO B 246 -28.37 -12.28 35.12
C PRO B 246 -29.43 -11.72 34.17
N ALA B 247 -29.03 -10.81 33.31
CA ALA B 247 -29.94 -10.09 32.46
C ALA B 247 -30.10 -10.56 31.05
N MET B 248 -29.17 -11.34 30.57
CA MET B 248 -29.14 -11.83 29.23
C MET B 248 -29.47 -13.28 29.11
N LYS B 249 -30.32 -13.61 28.17
CA LYS B 249 -30.52 -14.97 27.71
C LYS B 249 -30.22 -15.12 26.23
N LEU B 250 -29.31 -15.99 25.88
CA LEU B 250 -29.02 -16.30 24.51
C LEU B 250 -29.93 -17.40 24.05
N LYS B 251 -30.74 -17.08 23.06
CA LYS B 251 -31.76 -17.95 22.58
C LYS B 251 -31.70 -18.22 21.11
N SER B 252 -32.25 -19.35 20.74
CA SER B 252 -32.46 -19.75 19.36
C SER B 252 -33.75 -20.55 19.17
N LYS B 253 -33.90 -21.19 18.03
CA LYS B 253 -35.03 -22.04 17.68
C LYS B 253 -34.54 -23.32 17.04
N ILE B 254 -35.34 -24.34 17.02
CA ILE B 254 -34.96 -25.51 16.28
C ILE B 254 -35.30 -25.41 14.79
N GLY B 255 -34.28 -25.42 13.98
CA GLY B 255 -34.29 -25.43 12.56
C GLY B 255 -34.74 -26.67 11.87
N HIS B 256 -34.39 -27.79 12.43
CA HIS B 256 -34.62 -29.05 11.80
C HIS B 256 -34.54 -30.18 12.82
N ILE B 257 -35.25 -31.25 12.59
CA ILE B 257 -35.16 -32.49 13.36
C ILE B 257 -35.25 -33.73 12.49
N LYS B 258 -34.50 -34.76 12.81
CA LYS B 258 -34.57 -36.01 12.11
C LYS B 258 -34.02 -37.15 12.96
N GLN B 259 -34.39 -38.37 12.66
CA GLN B 259 -33.86 -39.53 13.35
C GLN B 259 -32.74 -40.02 12.56
N VAL B 260 -31.57 -40.13 13.16
CA VAL B 260 -30.43 -40.52 12.43
C VAL B 260 -30.14 -41.97 12.76
N GLU B 261 -29.68 -42.71 11.79
CA GLU B 261 -29.35 -44.07 12.00
C GLU B 261 -28.04 -44.22 12.72
N PRO B 262 -27.82 -45.38 13.28
CA PRO B 262 -26.57 -45.66 13.97
C PRO B 262 -25.39 -45.62 13.03
N GLY B 263 -24.24 -45.28 13.54
CA GLY B 263 -23.04 -45.26 12.76
C GLY B 263 -22.81 -44.12 11.82
N VAL B 264 -23.47 -43.02 12.06
CA VAL B 264 -23.40 -41.89 11.14
C VAL B 264 -22.65 -40.67 11.67
N GLY B 265 -21.68 -40.24 10.92
CA GLY B 265 -20.95 -39.07 11.24
C GLY B 265 -21.79 -37.84 11.16
N ILE B 266 -21.50 -36.88 12.01
CA ILE B 266 -22.16 -35.58 12.07
C ILE B 266 -21.20 -34.37 12.05
N SER B 267 -21.50 -33.39 11.22
CA SER B 267 -20.80 -32.14 11.14
C SER B 267 -19.46 -32.28 10.51
N TYR B 268 -18.72 -31.20 10.42
CA TYR B 268 -17.45 -31.18 9.74
C TYR B 268 -16.45 -32.12 10.43
N GLY B 269 -15.72 -32.91 9.67
CA GLY B 269 -14.68 -33.74 10.20
C GLY B 269 -15.18 -35.02 10.77
N LEU B 270 -16.49 -35.14 10.84
CA LEU B 270 -17.17 -36.31 11.34
C LEU B 270 -16.68 -36.70 12.71
N LYS B 271 -16.59 -35.75 13.61
CA LYS B 271 -15.95 -35.96 14.89
C LYS B 271 -16.91 -36.51 15.90
N TYR B 272 -18.15 -36.63 15.50
CA TYR B 272 -19.09 -37.36 16.31
C TYR B 272 -19.80 -38.41 15.50
N THR B 273 -19.90 -39.58 16.06
CA THR B 273 -20.52 -40.68 15.37
C THR B 273 -21.62 -41.20 16.21
N THR B 274 -22.76 -41.33 15.58
CA THR B 274 -23.94 -41.83 16.19
C THR B 274 -23.77 -43.28 16.64
N THR B 275 -24.26 -43.56 17.82
CA THR B 275 -24.37 -44.90 18.34
C THR B 275 -25.84 -45.09 18.65
N GLY B 276 -26.46 -46.03 18.01
CA GLY B 276 -27.88 -46.18 18.20
C GLY B 276 -28.55 -45.18 17.31
N LYS B 277 -29.85 -45.34 17.16
CA LYS B 277 -30.63 -44.42 16.39
C LYS B 277 -30.88 -43.25 17.28
N GLU B 278 -30.52 -42.08 16.79
CA GLU B 278 -30.52 -40.88 17.57
C GLU B 278 -31.36 -39.79 16.97
N THR B 279 -32.14 -39.13 17.80
CA THR B 279 -32.78 -37.92 17.43
C THR B 279 -31.79 -36.77 17.52
N ILE B 280 -31.63 -36.10 16.39
CA ILE B 280 -30.76 -34.98 16.21
C ILE B 280 -31.48 -33.74 15.76
N ALA B 281 -31.32 -32.70 16.52
CA ALA B 281 -31.82 -31.40 16.18
C ALA B 281 -30.73 -30.47 15.72
N THR B 282 -31.09 -29.56 14.84
CA THR B 282 -30.17 -28.62 14.29
C THR B 282 -30.65 -27.27 14.69
N VAL B 283 -29.78 -26.45 15.20
CA VAL B 283 -30.10 -25.15 15.75
C VAL B 283 -29.35 -24.11 14.98
N PRO B 284 -30.01 -23.02 14.58
CA PRO B 284 -29.31 -22.02 13.77
C PRO B 284 -28.52 -20.97 14.59
N ILE B 285 -27.59 -21.48 15.36
CA ILE B 285 -26.56 -20.69 16.02
C ILE B 285 -25.20 -21.36 15.84
N GLY B 286 -24.17 -20.56 15.71
CA GLY B 286 -22.82 -20.97 15.44
C GLY B 286 -21.75 -20.07 16.08
N TYR B 287 -20.51 -20.34 15.73
CA TYR B 287 -19.39 -19.57 16.18
C TYR B 287 -19.39 -18.12 15.73
N ALA B 288 -19.99 -17.86 14.60
CA ALA B 288 -20.15 -16.50 14.15
C ALA B 288 -21.16 -15.70 14.99
N ASP B 289 -21.98 -16.37 15.77
CA ASP B 289 -22.84 -15.74 16.75
C ASP B 289 -22.19 -15.47 18.12
N GLY B 290 -21.00 -15.99 18.28
CA GLY B 290 -20.30 -15.98 19.54
C GLY B 290 -20.43 -17.22 20.39
N PHE B 291 -21.03 -18.28 19.86
CA PHE B 291 -21.06 -19.55 20.50
C PHE B 291 -19.83 -20.32 20.07
N THR B 292 -18.73 -20.13 20.74
CA THR B 292 -17.43 -20.45 20.19
C THR B 292 -17.17 -21.91 19.94
N ARG B 293 -16.45 -22.20 18.88
CA ARG B 293 -16.12 -23.50 18.43
C ARG B 293 -15.21 -24.19 19.42
N ILE B 294 -14.54 -23.40 20.21
CA ILE B 294 -13.55 -23.84 21.16
C ILE B 294 -14.11 -24.75 22.30
N GLN B 295 -15.40 -24.63 22.58
CA GLN B 295 -16.01 -25.34 23.63
C GLN B 295 -15.86 -26.85 23.45
N LYS B 296 -15.27 -27.48 24.43
CA LYS B 296 -15.21 -28.92 24.52
C LYS B 296 -16.52 -29.63 24.86
N ASN B 297 -17.34 -29.03 25.69
CA ASN B 297 -18.54 -29.65 26.15
C ASN B 297 -19.79 -28.79 26.04
N PRO B 298 -20.15 -28.38 24.85
CA PRO B 298 -21.28 -27.48 24.69
C PRO B 298 -22.63 -28.09 25.00
N LYS B 299 -23.53 -27.30 25.55
CA LYS B 299 -24.86 -27.69 25.98
C LYS B 299 -25.96 -26.70 25.58
N VAL B 300 -27.18 -27.19 25.47
CA VAL B 300 -28.31 -26.30 25.29
C VAL B 300 -29.45 -26.67 26.22
N LEU B 301 -30.32 -25.74 26.52
CA LEU B 301 -31.49 -26.06 27.25
C LEU B 301 -32.72 -26.01 26.37
N ILE B 302 -33.43 -27.12 26.33
CA ILE B 302 -34.70 -27.23 25.67
C ILE B 302 -35.80 -27.81 26.58
N LYS B 303 -36.83 -27.05 26.83
CA LYS B 303 -37.88 -27.43 27.75
C LYS B 303 -37.38 -28.05 28.99
N GLY B 304 -36.49 -27.37 29.66
CA GLY B 304 -36.10 -27.73 30.99
C GLY B 304 -35.06 -28.79 31.05
N GLU B 305 -34.70 -29.29 29.91
CA GLU B 305 -33.64 -30.26 29.84
C GLU B 305 -32.41 -29.76 29.17
N VAL B 306 -31.28 -30.18 29.69
CA VAL B 306 -30.02 -29.98 29.07
C VAL B 306 -29.77 -31.08 28.05
N PHE B 307 -29.20 -30.76 26.90
CA PHE B 307 -28.77 -31.74 25.95
C PHE B 307 -27.39 -31.36 25.43
N ASP B 308 -26.62 -32.34 24.99
CA ASP B 308 -25.29 -32.09 24.48
C ASP B 308 -25.26 -31.61 23.05
N VAL B 309 -24.35 -30.72 22.76
CA VAL B 309 -24.08 -30.37 21.39
C VAL B 309 -23.12 -31.38 20.86
N VAL B 310 -23.46 -31.95 19.71
CA VAL B 310 -22.65 -32.96 19.06
C VAL B 310 -21.98 -32.57 17.72
N GLY B 311 -20.74 -32.96 17.60
CA GLY B 311 -19.94 -32.68 16.42
C GLY B 311 -19.39 -31.28 16.49
N ARG B 312 -18.59 -30.89 15.54
CA ARG B 312 -18.06 -29.56 15.53
C ARG B 312 -19.11 -28.53 15.40
N ILE B 313 -18.95 -27.45 16.15
CA ILE B 313 -19.75 -26.26 16.01
C ILE B 313 -19.44 -25.61 14.66
N CYS B 314 -20.46 -25.34 13.88
CA CYS B 314 -20.30 -24.65 12.60
C CYS B 314 -20.39 -23.16 12.75
N MET B 315 -20.12 -22.41 11.70
CA MET B 315 -20.17 -20.97 11.75
C MET B 315 -21.56 -20.44 12.12
N ASP B 316 -22.58 -21.05 11.57
CA ASP B 316 -23.96 -20.62 11.74
C ASP B 316 -24.91 -21.62 12.34
N GLN B 317 -24.46 -22.82 12.55
CA GLN B 317 -25.29 -23.90 12.99
C GLN B 317 -24.62 -24.87 13.99
N ILE B 318 -25.42 -25.44 14.84
CA ILE B 318 -25.03 -26.56 15.66
C ILE B 318 -26.03 -27.72 15.64
N MET B 319 -25.53 -28.89 15.98
CA MET B 319 -26.31 -30.11 16.13
C MET B 319 -26.40 -30.54 17.58
N VAL B 320 -27.58 -30.98 17.96
CA VAL B 320 -27.93 -31.38 19.29
C VAL B 320 -28.60 -32.77 19.39
N ARG B 321 -28.16 -33.60 20.31
CA ARG B 321 -28.77 -34.90 20.45
C ARG B 321 -29.87 -34.83 21.46
N ILE B 322 -31.07 -35.15 21.02
CA ILE B 322 -32.15 -35.21 21.93
C ILE B 322 -32.24 -36.65 22.42
N ASP B 323 -31.93 -36.87 23.67
CA ASP B 323 -31.92 -38.19 24.26
C ASP B 323 -32.88 -38.34 25.43
N LYS B 324 -33.94 -37.55 25.40
CA LYS B 324 -34.99 -37.61 26.37
C LYS B 324 -36.34 -37.46 25.69
N ASP B 325 -37.37 -37.95 26.31
CA ASP B 325 -38.67 -37.81 25.74
C ASP B 325 -39.18 -36.46 26.13
N ILE B 326 -39.52 -35.66 25.15
CA ILE B 326 -39.98 -34.32 25.36
C ILE B 326 -40.72 -34.02 24.11
N ASP B 327 -41.66 -33.09 24.14
CA ASP B 327 -42.40 -32.77 22.93
C ASP B 327 -41.69 -31.62 22.24
N ILE B 328 -41.04 -31.88 21.13
CA ILE B 328 -40.39 -30.82 20.39
C ILE B 328 -40.68 -30.80 18.91
N LYS B 329 -40.76 -29.61 18.35
CA LYS B 329 -40.94 -29.38 16.92
C LYS B 329 -40.07 -28.24 16.37
N VAL B 330 -39.91 -28.22 15.05
CA VAL B 330 -39.20 -27.14 14.41
C VAL B 330 -39.86 -25.81 14.80
N GLY B 331 -39.02 -24.87 15.20
CA GLY B 331 -39.40 -23.61 15.76
C GLY B 331 -39.60 -23.54 17.24
N ASP B 332 -39.46 -24.63 17.96
CA ASP B 332 -39.41 -24.55 19.40
C ASP B 332 -38.17 -23.78 19.88
N GLU B 333 -38.29 -23.10 21.00
CA GLU B 333 -37.24 -22.31 21.56
C GLU B 333 -36.08 -23.12 22.17
N VAL B 334 -34.87 -22.64 22.02
CA VAL B 334 -33.65 -23.20 22.57
C VAL B 334 -32.88 -22.16 23.38
N ILE B 335 -32.40 -22.52 24.56
CA ILE B 335 -31.62 -21.61 25.37
C ILE B 335 -30.19 -22.04 25.48
N LEU B 336 -29.31 -21.11 25.16
CA LEU B 336 -27.89 -21.30 25.12
C LEU B 336 -27.15 -20.89 26.39
N PHE B 337 -27.53 -19.77 26.95
CA PHE B 337 -27.20 -19.38 28.32
C PHE B 337 -28.13 -18.38 28.95
N GLY B 338 -28.11 -18.34 30.25
CA GLY B 338 -28.94 -17.49 31.06
C GLY B 338 -30.17 -17.98 31.76
N GLU B 339 -30.48 -19.28 31.70
CA GLU B 339 -31.56 -19.88 32.47
C GLU B 339 -31.15 -21.27 32.97
N GLY B 340 -31.63 -21.65 34.12
CA GLY B 340 -31.37 -22.97 34.62
C GLY B 340 -29.90 -23.23 34.71
N GLU B 341 -29.48 -24.38 34.24
CA GLU B 341 -28.12 -24.86 34.31
C GLU B 341 -27.22 -24.45 33.16
N VAL B 342 -27.71 -23.70 32.19
CA VAL B 342 -26.84 -23.17 31.18
C VAL B 342 -26.57 -21.72 31.47
N THR B 343 -25.30 -21.46 31.72
CA THR B 343 -24.85 -20.19 32.16
C THR B 343 -23.55 -19.79 31.50
N ALA B 344 -23.30 -18.49 31.49
CA ALA B 344 -22.10 -17.93 30.95
C ALA B 344 -20.86 -18.35 31.69
N GLU B 345 -20.99 -18.53 32.98
CA GLU B 345 -19.95 -19.06 33.83
C GLU B 345 -19.58 -20.50 33.46
N ARG B 346 -20.57 -21.31 33.19
CA ARG B 346 -20.31 -22.66 32.77
C ARG B 346 -19.57 -22.77 31.44
N ILE B 347 -19.97 -22.00 30.45
CA ILE B 347 -19.28 -21.93 29.20
C ILE B 347 -17.86 -21.41 29.41
N ALA B 348 -17.73 -20.39 30.23
CA ALA B 348 -16.46 -19.81 30.57
C ALA B 348 -15.52 -20.82 31.24
N LYS B 349 -16.02 -21.59 32.16
CA LYS B 349 -15.24 -22.56 32.83
C LYS B 349 -14.74 -23.60 31.85
N ASP B 350 -15.60 -24.06 30.95
CA ASP B 350 -15.25 -25.03 29.93
C ASP B 350 -14.17 -24.53 29.01
N LEU B 351 -14.24 -23.26 28.64
CA LEU B 351 -13.26 -22.54 27.86
C LEU B 351 -11.93 -22.27 28.52
N GLY B 352 -11.91 -22.20 29.82
CA GLY B 352 -10.85 -21.57 30.56
C GLY B 352 -10.68 -20.08 30.39
N THR B 353 -11.78 -19.34 30.49
CA THR B 353 -11.84 -17.90 30.46
C THR B 353 -12.84 -17.49 31.51
N ILE B 354 -13.37 -16.29 31.38
CA ILE B 354 -14.22 -15.71 32.38
C ILE B 354 -15.55 -15.27 31.84
N ASN B 355 -16.52 -15.07 32.69
CA ASN B 355 -17.84 -14.73 32.27
C ASN B 355 -17.90 -13.47 31.41
N TYR B 356 -17.06 -12.50 31.69
CA TYR B 356 -17.06 -11.25 31.00
C TYR B 356 -16.84 -11.49 29.53
N GLU B 357 -15.94 -12.39 29.20
CA GLU B 357 -15.66 -12.70 27.83
C GLU B 357 -16.78 -13.35 27.07
N VAL B 358 -17.47 -14.28 27.67
CA VAL B 358 -18.58 -14.92 27.04
C VAL B 358 -19.66 -13.91 26.71
N LEU B 359 -19.89 -12.98 27.59
CA LEU B 359 -20.85 -11.94 27.38
C LEU B 359 -20.49 -11.01 26.22
N CYS B 360 -19.23 -10.63 26.15
CA CYS B 360 -18.72 -9.80 25.10
C CYS B 360 -18.77 -10.42 23.69
N MET B 361 -18.67 -11.74 23.61
CA MET B 361 -18.57 -12.51 22.36
C MET B 361 -19.84 -12.50 21.48
N ILE B 362 -20.91 -12.16 22.10
CA ILE B 362 -22.16 -12.32 21.48
C ILE B 362 -22.16 -11.43 20.19
N SER B 363 -22.42 -11.73 18.85
N SER B 363 -22.41 -11.65 18.89
CA SER B 363 -22.05 -11.00 17.68
CA SER B 363 -21.82 -10.97 17.79
C SER B 363 -23.05 -9.96 17.38
C SER B 363 -22.96 -10.08 17.28
N ARG B 364 -22.71 -9.25 16.30
CA ARG B 364 -23.34 -8.12 15.70
C ARG B 364 -24.72 -8.54 15.17
N ARG B 365 -24.75 -9.69 14.54
CA ARG B 365 -25.93 -10.22 13.95
C ARG B 365 -26.89 -10.75 14.95
N VAL B 366 -26.52 -10.82 16.21
CA VAL B 366 -27.46 -11.29 17.22
C VAL B 366 -28.31 -10.13 17.77
N ASP B 367 -29.55 -10.05 17.34
CA ASP B 367 -30.42 -8.97 17.71
C ASP B 367 -30.57 -8.97 19.23
N ARG B 368 -30.57 -7.81 19.81
CA ARG B 368 -30.89 -7.67 21.21
C ARG B 368 -32.37 -7.36 21.32
N VAL B 369 -33.05 -8.23 22.04
CA VAL B 369 -34.44 -8.08 22.35
C VAL B 369 -34.69 -7.73 23.82
N TYR B 370 -35.14 -6.52 24.03
CA TYR B 370 -35.38 -5.92 25.30
C TYR B 370 -36.80 -6.18 25.82
N MET B 371 -36.86 -6.77 27.01
CA MET B 371 -38.06 -7.09 27.74
C MET B 371 -38.22 -6.21 28.96
N GLU B 372 -39.43 -5.84 29.27
CA GLU B 372 -39.71 -5.06 30.44
C GLU B 372 -41.15 -5.35 30.89
N ASN B 373 -41.32 -5.61 32.18
CA ASN B 373 -42.60 -6.02 32.73
C ASN B 373 -43.07 -7.27 32.04
N ASN B 374 -42.12 -8.08 31.63
CA ASN B 374 -42.37 -9.32 30.93
C ASN B 374 -43.01 -9.13 29.53
N GLU B 375 -42.89 -7.95 28.98
CA GLU B 375 -43.31 -7.70 27.64
C GLU B 375 -42.13 -7.26 26.77
N LEU B 376 -42.15 -7.66 25.52
CA LEU B 376 -41.12 -7.27 24.62
C LEU B 376 -41.36 -5.86 24.24
N VAL B 377 -40.43 -4.98 24.53
CA VAL B 377 -40.62 -3.60 24.28
C VAL B 377 -39.80 -3.01 23.15
N GLN B 378 -38.75 -3.69 22.77
CA GLN B 378 -37.84 -3.18 21.77
C GLN B 378 -36.99 -4.25 21.13
N ILE B 379 -36.81 -4.18 19.83
CA ILE B 379 -35.92 -5.08 19.13
C ILE B 379 -34.83 -4.33 18.40
N ASN B 380 -33.59 -4.55 18.76
CA ASN B 380 -32.50 -3.86 18.13
C ASN B 380 -31.75 -4.74 17.13
N SER B 381 -31.69 -4.29 15.91
CA SER B 381 -30.92 -4.98 14.91
C SER B 381 -29.71 -4.18 14.61
N TYR B 382 -28.58 -4.82 14.68
CA TYR B 382 -27.38 -4.15 14.29
C TYR B 382 -27.09 -4.19 12.79
N LEU B 383 -27.89 -4.89 12.02
CA LEU B 383 -27.70 -5.01 10.60
C LEU B 383 -28.63 -4.10 9.78
N LEU B 384 -29.83 -3.91 10.25
CA LEU B 384 -30.88 -3.38 9.47
C LEU B 384 -31.25 -1.93 9.75
N LYS C 3 35.50 -2.80 -29.64
CA LYS C 3 35.65 -2.77 -28.20
C LYS C 3 34.67 -1.87 -27.42
N ILE C 4 33.95 -0.94 -27.95
CA ILE C 4 32.73 -0.36 -27.50
C ILE C 4 31.67 -1.20 -28.12
N THR C 5 30.85 -1.83 -27.30
CA THR C 5 29.81 -2.68 -27.80
C THR C 5 28.46 -2.06 -27.89
N VAL C 6 28.34 -0.82 -27.50
CA VAL C 6 27.07 -0.16 -27.54
C VAL C 6 26.92 0.79 -28.71
N PRO C 7 25.70 0.97 -29.16
CA PRO C 7 25.40 1.93 -30.19
C PRO C 7 25.63 3.38 -29.81
N THR C 8 25.40 3.74 -28.56
CA THR C 8 25.41 5.14 -28.14
C THR C 8 26.21 5.29 -26.88
N TRP C 9 27.14 6.21 -26.88
CA TRP C 9 28.03 6.37 -25.78
C TRP C 9 28.36 7.80 -25.50
N ALA C 10 28.86 8.07 -24.31
CA ALA C 10 29.47 9.31 -23.97
C ALA C 10 30.94 9.20 -23.78
N GLU C 11 31.63 9.89 -24.63
CA GLU C 11 33.03 9.97 -24.59
C GLU C 11 33.46 11.16 -23.74
N ILE C 12 34.29 10.85 -22.77
CA ILE C 12 34.90 11.87 -21.95
C ILE C 12 36.41 11.93 -22.07
N ASN C 13 36.89 13.08 -22.42
CA ASN C 13 38.28 13.30 -22.56
C ASN C 13 38.86 13.72 -21.23
N LEU C 14 39.53 12.80 -20.61
CA LEU C 14 40.14 13.02 -19.33
C LEU C 14 41.13 14.15 -19.40
N ASP C 15 41.84 14.27 -20.50
CA ASP C 15 42.83 15.29 -20.67
C ASP C 15 42.25 16.68 -20.63
N ASN C 16 41.07 16.86 -21.18
CA ASN C 16 40.41 18.12 -21.22
C ASN C 16 40.06 18.60 -19.82
N LEU C 17 39.68 17.70 -18.94
CA LEU C 17 39.45 18.01 -17.53
C LEU C 17 40.72 18.47 -16.85
N ARG C 18 41.82 17.83 -17.15
CA ARG C 18 43.10 18.19 -16.61
C ARG C 18 43.40 19.60 -17.07
N PHE C 19 43.09 19.90 -18.31
CA PHE C 19 43.31 21.21 -18.90
C PHE C 19 42.48 22.30 -18.25
N ASN C 20 41.21 22.05 -18.04
CA ASN C 20 40.36 22.98 -17.33
C ASN C 20 40.80 23.22 -15.89
N LEU C 21 41.15 22.17 -15.19
CA LEU C 21 41.54 22.31 -13.82
C LEU C 21 42.83 23.16 -13.67
N ASN C 22 43.77 22.96 -14.57
CA ASN C 22 45.01 23.70 -14.56
C ASN C 22 44.78 25.14 -14.78
N ASN C 23 43.86 25.45 -15.67
CA ASN C 23 43.49 26.80 -15.88
C ASN C 23 42.86 27.49 -14.66
N ILE C 24 42.05 26.75 -13.94
CA ILE C 24 41.41 27.26 -12.74
C ILE C 24 42.42 27.53 -11.67
N LYS C 25 43.35 26.63 -11.51
CA LYS C 25 44.39 26.80 -10.55
C LYS C 25 45.20 28.04 -10.86
N ASN C 26 45.40 28.37 -12.12
CA ASN C 26 46.23 29.52 -12.51
C ASN C 26 45.65 30.81 -12.02
N LEU C 27 44.33 30.84 -11.91
CA LEU C 27 43.58 31.93 -11.37
C LEU C 27 43.71 32.03 -9.89
N LEU C 28 44.32 31.08 -9.23
CA LEU C 28 44.29 31.02 -7.78
C LEU C 28 45.69 31.00 -7.16
N GLU C 29 45.78 31.25 -5.87
CA GLU C 29 47.04 31.31 -5.15
C GLU C 29 47.08 30.04 -4.35
N GLU C 30 48.28 29.61 -4.02
CA GLU C 30 48.47 28.26 -3.59
C GLU C 30 47.62 27.99 -2.39
N ASP C 31 47.44 28.99 -1.57
CA ASP C 31 46.80 28.81 -0.29
C ASP C 31 45.29 28.67 -0.37
N ILE C 32 44.73 28.88 -1.55
CA ILE C 32 43.31 28.77 -1.70
C ILE C 32 42.94 27.38 -2.11
N LYS C 33 42.18 26.74 -1.23
CA LYS C 33 41.71 25.38 -1.40
C LYS C 33 40.73 25.28 -2.53
N ILE C 34 40.73 24.14 -3.19
CA ILE C 34 39.83 23.83 -4.29
C ILE C 34 38.95 22.64 -4.03
N CYS C 35 37.66 22.88 -4.19
CA CYS C 35 36.62 21.90 -4.04
C CYS C 35 35.94 21.58 -5.34
N GLY C 36 36.04 20.36 -5.77
CA GLY C 36 35.52 19.96 -7.03
C GLY C 36 34.13 19.48 -6.90
N VAL C 37 33.20 20.19 -7.51
CA VAL C 37 31.82 19.84 -7.43
C VAL C 37 31.48 18.75 -8.44
N ILE C 38 31.21 17.58 -7.95
CA ILE C 38 30.89 16.42 -8.75
C ILE C 38 29.54 15.78 -8.45
N1 LLP C 39 28.14 25.26 -4.82
C2 LLP C 39 26.88 24.90 -4.53
C2' LLP C 39 26.27 25.04 -3.17
C3 LLP C 39 26.05 24.34 -5.57
O3 LLP C 39 24.81 24.00 -5.30
C4 LLP C 39 26.60 24.19 -6.91
C4' LLP C 39 25.75 23.60 -7.98
C5 LLP C 39 28.00 24.61 -7.09
C6 LLP C 39 28.68 25.13 -6.02
C5' LLP C 39 28.65 24.53 -8.43
OP4 LLP C 39 28.07 25.47 -9.29
P LLP C 39 28.60 25.78 -10.71
OP1 LLP C 39 27.70 26.70 -11.30
OP2 LLP C 39 29.85 26.34 -10.39
OP3 LLP C 39 28.66 24.53 -11.40
N LLP C 39 28.56 16.61 -8.13
CA LLP C 39 27.21 16.23 -7.90
CB LLP C 39 26.32 17.34 -7.35
CG LLP C 39 26.53 18.76 -7.83
CD LLP C 39 25.91 19.86 -6.99
CE LLP C 39 26.26 21.19 -7.58
NZ LLP C 39 25.36 22.30 -7.52
C LLP C 39 26.65 15.78 -9.20
O LLP C 39 27.19 16.08 -10.23
N ALA C 40 25.58 15.05 -9.14
CA ALA C 40 24.86 14.59 -10.31
C ALA C 40 25.72 13.78 -11.24
N ASP C 41 26.44 12.83 -10.68
CA ASP C 41 27.36 12.01 -11.43
C ASP C 41 28.37 12.82 -12.24
N ALA C 42 28.96 13.81 -11.60
CA ALA C 42 29.87 14.75 -12.22
C ALA C 42 29.29 15.45 -13.41
N TYR C 43 28.09 15.94 -13.23
CA TYR C 43 27.29 16.51 -14.25
C TYR C 43 27.16 15.57 -15.44
N GLY C 44 26.96 14.31 -15.20
CA GLY C 44 26.89 13.34 -16.24
C GLY C 44 28.22 12.83 -16.78
N HIS C 45 29.33 13.31 -16.32
CA HIS C 45 30.59 12.87 -16.81
C HIS C 45 31.10 11.62 -16.10
N GLY C 46 30.47 11.22 -15.02
CA GLY C 46 30.83 10.06 -14.24
C GLY C 46 31.66 10.45 -13.03
N ALA C 47 31.04 10.48 -11.89
CA ALA C 47 31.64 10.95 -10.68
C ALA C 47 32.86 10.18 -10.22
N VAL C 48 32.79 8.88 -10.25
CA VAL C 48 33.89 8.12 -9.85
C VAL C 48 35.14 8.38 -10.70
N GLU C 49 35.06 8.30 -12.02
CA GLU C 49 36.21 8.54 -12.83
C GLU C 49 36.75 9.95 -12.71
N VAL C 50 35.87 10.92 -12.64
CA VAL C 50 36.25 12.28 -12.42
C VAL C 50 36.92 12.51 -11.07
N ALA C 51 36.43 11.92 -10.02
CA ALA C 51 37.04 12.00 -8.73
C ALA C 51 38.42 11.36 -8.69
N LYS C 52 38.59 10.27 -9.38
CA LYS C 52 39.86 9.61 -9.44
C LYS C 52 40.89 10.55 -10.06
N LEU C 53 40.49 11.32 -11.07
CA LEU C 53 41.33 12.35 -11.66
C LEU C 53 41.65 13.48 -10.72
N LEU C 54 40.63 13.93 -10.03
CA LEU C 54 40.76 14.99 -9.10
C LEU C 54 41.70 14.64 -7.99
N GLU C 55 41.71 13.40 -7.56
CA GLU C 55 42.66 12.95 -6.56
C GLU C 55 44.11 12.97 -7.03
N LYS C 56 44.32 12.54 -8.27
CA LYS C 56 45.62 12.53 -8.89
C LYS C 56 46.18 13.92 -9.09
N GLU C 57 45.34 14.82 -9.57
CA GLU C 57 45.64 16.22 -9.78
C GLU C 57 45.68 17.02 -8.48
N LYS C 58 45.26 16.39 -7.42
CA LYS C 58 45.31 16.96 -6.13
C LYS C 58 44.45 18.18 -6.04
N VAL C 59 43.31 17.99 -5.44
CA VAL C 59 42.41 19.02 -5.02
C VAL C 59 42.06 18.69 -3.60
N ASP C 60 41.52 19.65 -2.91
CA ASP C 60 41.28 19.58 -1.49
C ASP C 60 39.94 18.99 -0.96
N TYR C 61 38.85 19.22 -1.67
CA TYR C 61 37.53 18.73 -1.30
C TYR C 61 36.71 18.34 -2.49
N LEU C 62 35.90 17.31 -2.35
CA LEU C 62 34.90 16.95 -3.34
C LEU C 62 33.49 17.23 -2.83
N ALA C 63 32.62 17.69 -3.69
CA ALA C 63 31.26 18.03 -3.31
C ALA C 63 30.20 17.23 -4.08
N VAL C 64 29.17 16.82 -3.37
CA VAL C 64 28.07 16.02 -3.90
C VAL C 64 26.71 16.52 -3.46
N ALA C 65 25.66 16.01 -4.05
CA ALA C 65 24.36 16.45 -3.68
C ALA C 65 23.60 15.52 -2.77
N ARG C 66 24.00 14.27 -2.69
CA ARG C 66 23.27 13.25 -1.94
C ARG C 66 24.25 12.34 -1.28
N THR C 67 23.85 11.64 -0.24
CA THR C 67 24.70 10.78 0.53
C THR C 67 25.25 9.67 -0.31
N ALA C 68 24.39 9.07 -1.07
CA ALA C 68 24.73 7.96 -1.92
C ALA C 68 25.77 8.30 -2.94
N GLU C 69 25.74 9.54 -3.41
CA GLU C 69 26.77 10.01 -4.29
C GLU C 69 28.06 10.00 -3.53
N GLY C 70 28.04 10.44 -2.29
CA GLY C 70 29.21 10.36 -1.47
C GLY C 70 29.68 8.97 -1.23
N ILE C 71 28.78 8.06 -0.95
CA ILE C 71 29.10 6.67 -0.74
C ILE C 71 29.64 5.93 -1.92
N GLU C 72 29.22 6.32 -3.10
CA GLU C 72 29.70 5.68 -4.30
C GLU C 72 31.20 5.91 -4.44
N LEU C 73 31.64 7.10 -4.15
CA LEU C 73 33.02 7.43 -4.24
C LEU C 73 33.85 6.62 -3.26
N ARG C 74 33.35 6.45 -2.07
CA ARG C 74 34.01 5.61 -1.07
C ARG C 74 34.11 4.16 -1.50
N GLN C 75 33.09 3.66 -2.13
CA GLN C 75 33.10 2.32 -2.57
C GLN C 75 34.05 2.12 -3.68
N ASN C 76 34.45 3.20 -4.28
CA ASN C 76 35.38 3.09 -5.35
C ASN C 76 36.78 3.54 -5.03
N GLY C 77 37.08 3.64 -3.74
CA GLY C 77 38.41 4.02 -3.30
C GLY C 77 38.80 5.46 -3.12
N ILE C 78 37.88 6.38 -3.30
CA ILE C 78 38.18 7.77 -3.05
C ILE C 78 38.40 8.10 -1.56
N THR C 79 39.42 8.88 -1.26
CA THR C 79 39.79 9.24 0.09
C THR C 79 39.72 10.73 0.47
N LEU C 80 39.51 11.56 -0.51
CA LEU C 80 39.42 12.97 -0.30
C LEU C 80 38.24 13.29 0.53
N PRO C 81 38.32 14.50 1.23
CA PRO C 81 37.03 14.93 1.81
C PRO C 81 35.91 15.09 0.81
N ILE C 82 34.72 14.75 1.26
CA ILE C 82 33.52 14.86 0.52
C ILE C 82 32.53 15.61 1.32
N LEU C 83 31.93 16.58 0.72
CA LEU C 83 30.93 17.34 1.35
C LEU C 83 29.61 17.25 0.65
N ASN C 84 28.58 16.82 1.36
CA ASN C 84 27.23 16.85 0.81
C ASN C 84 26.64 18.22 1.01
N LEU C 85 26.51 18.92 -0.08
CA LEU C 85 26.04 20.27 -0.20
C LEU C 85 24.60 20.53 0.27
N GLY C 86 23.79 19.49 0.30
CA GLY C 86 22.39 19.60 0.63
C GLY C 86 21.90 18.77 1.80
N TYR C 87 20.62 18.50 1.77
CA TYR C 87 19.93 17.81 2.83
C TYR C 87 20.37 16.37 3.03
N THR C 88 20.75 16.02 4.22
CA THR C 88 20.86 14.65 4.60
C THR C 88 19.71 14.35 5.53
N PRO C 89 18.97 13.31 5.27
CA PRO C 89 17.90 12.88 6.15
C PRO C 89 18.35 11.85 7.15
N ASP C 90 17.62 11.73 8.26
CA ASP C 90 18.07 11.09 9.47
C ASP C 90 18.43 9.70 9.19
N GLU C 91 17.70 9.09 8.31
CA GLU C 91 17.93 7.75 7.96
C GLU C 91 19.32 7.65 7.33
N ALA C 92 19.84 8.81 6.92
CA ALA C 92 21.14 8.84 6.29
C ALA C 92 22.35 9.18 7.15
N PHE C 93 22.13 9.62 8.36
CA PHE C 93 23.23 10.03 9.20
C PHE C 93 24.27 8.98 9.47
N GLU C 94 23.88 7.77 9.81
CA GLU C 94 24.85 6.77 10.20
C GLU C 94 25.73 6.40 9.06
N ASP C 95 25.12 6.36 7.89
CA ASP C 95 25.85 6.10 6.70
C ASP C 95 26.85 7.19 6.39
N SER C 96 26.49 8.43 6.60
CA SER C 96 27.39 9.52 6.35
C SER C 96 28.59 9.56 7.25
N ILE C 97 28.34 9.46 8.53
CA ILE C 97 29.39 9.43 9.49
C ILE C 97 30.29 8.25 9.27
N LYS C 98 29.74 7.07 9.08
CA LYS C 98 30.59 5.89 8.93
C LYS C 98 31.40 5.98 7.68
N ASN C 99 30.93 6.75 6.73
CA ASN C 99 31.62 6.95 5.46
C ASN C 99 32.35 8.28 5.31
N LYS C 100 32.50 9.00 6.38
CA LYS C 100 33.22 10.20 6.30
C LYS C 100 32.68 11.10 5.22
N ILE C 101 31.38 11.29 5.22
CA ILE C 101 30.81 12.28 4.39
C ILE C 101 30.47 13.43 5.29
N THR C 102 31.08 14.56 5.05
CA THR C 102 30.74 15.77 5.70
C THR C 102 29.35 16.13 5.31
N MET C 103 28.59 16.70 6.22
CA MET C 103 27.23 17.03 5.98
C MET C 103 27.07 18.46 6.15
N THR C 104 26.16 19.03 5.39
CA THR C 104 25.83 20.38 5.52
C THR C 104 24.76 20.39 6.57
N VAL C 105 24.82 21.35 7.48
CA VAL C 105 23.78 21.52 8.47
C VAL C 105 23.26 22.92 8.52
N TYR C 106 21.99 23.02 8.81
CA TYR C 106 21.34 24.28 8.89
C TYR C 106 20.31 24.44 10.02
N SER C 107 20.36 23.57 11.01
CA SER C 107 19.55 23.67 12.21
C SER C 107 20.25 23.01 13.37
N LEU C 108 20.02 23.48 14.59
CA LEU C 108 20.59 22.82 15.74
C LEU C 108 20.02 21.45 15.87
N GLU C 109 18.74 21.32 15.57
CA GLU C 109 18.08 20.08 15.85
C GLU C 109 18.75 18.95 15.05
N THR C 110 19.05 19.17 13.78
CA THR C 110 19.70 18.14 13.04
C THR C 110 21.04 17.88 13.60
N ALA C 111 21.70 18.93 14.02
CA ALA C 111 23.06 18.77 14.50
C ALA C 111 23.07 17.87 15.71
N GLN C 112 22.08 18.08 16.58
CA GLN C 112 21.92 17.28 17.76
C GLN C 112 21.72 15.81 17.41
N LYS C 113 20.86 15.51 16.45
CA LYS C 113 20.65 14.13 16.07
C LYS C 113 21.91 13.56 15.51
N ILE C 114 22.63 14.37 14.75
CA ILE C 114 23.84 13.87 14.18
C ILE C 114 24.75 13.48 15.32
N ASN C 115 24.85 14.35 16.30
CA ASN C 115 25.78 14.13 17.40
C ASN C 115 25.50 12.88 18.15
N GLU C 116 24.24 12.65 18.46
CA GLU C 116 23.86 11.48 19.18
C GLU C 116 24.26 10.27 18.42
N ILE C 117 24.04 10.31 17.13
CA ILE C 117 24.39 9.19 16.31
C ILE C 117 25.89 8.99 16.33
N ALA C 118 26.65 10.06 16.22
CA ALA C 118 28.10 9.99 16.31
C ALA C 118 28.62 9.50 17.64
N LYS C 119 28.02 9.99 18.71
CA LYS C 119 28.40 9.54 20.03
C LYS C 119 28.18 8.06 20.10
N SER C 120 27.06 7.63 19.61
CA SER C 120 26.75 6.23 19.58
C SER C 120 27.79 5.49 18.74
N LEU C 121 28.21 6.10 17.65
CA LEU C 121 29.28 5.63 16.78
C LEU C 121 30.67 5.74 17.36
N GLY C 122 30.86 6.66 18.28
CA GLY C 122 32.16 6.87 18.85
C GLY C 122 33.08 7.39 17.81
N GLU C 123 32.52 8.33 17.05
CA GLU C 123 33.11 8.93 15.89
C GLU C 123 32.67 10.38 15.81
N LYS C 124 33.53 11.28 15.44
CA LYS C 124 33.17 12.69 15.39
C LYS C 124 32.81 13.05 13.98
N ALA C 125 31.66 13.66 13.79
CA ALA C 125 31.10 13.77 12.49
C ALA C 125 31.28 15.15 11.99
N CYS C 126 31.94 15.27 10.86
CA CYS C 126 32.28 16.55 10.29
C CYS C 126 31.11 17.20 9.66
N VAL C 127 30.94 18.47 9.87
CA VAL C 127 29.84 19.19 9.32
C VAL C 127 30.32 20.54 8.87
N HIS C 128 29.56 21.17 8.00
CA HIS C 128 29.78 22.52 7.53
C HIS C 128 28.44 23.25 7.60
N VAL C 129 28.43 24.52 7.92
CA VAL C 129 27.20 25.22 8.17
C VAL C 129 26.78 26.03 6.98
N KCX C 130 25.52 25.97 6.63
CA KCX C 130 25.06 26.68 5.49
CB KCX C 130 24.04 25.85 4.75
CG KCX C 130 24.20 25.79 3.25
CD KCX C 130 23.73 27.08 2.69
CE KCX C 130 23.89 27.24 1.22
NZ KCX C 130 22.69 27.71 0.58
C KCX C 130 24.38 27.87 6.00
O KCX C 130 23.65 27.75 6.94
CX KCX C 130 22.17 27.03 -0.43
OQ1 KCX C 130 21.16 27.27 -0.94
OQ2 KCX C 130 22.79 26.02 -0.93
N ILE C 131 24.61 29.00 5.37
CA ILE C 131 24.00 30.23 5.70
C ILE C 131 23.18 30.60 4.50
N ASP C 132 21.94 30.97 4.70
CA ASP C 132 21.12 31.37 3.61
C ASP C 132 21.34 32.83 3.48
N SER C 133 22.22 33.20 2.59
CA SER C 133 22.61 34.59 2.39
C SER C 133 21.77 35.32 1.39
N GLY C 134 20.78 34.69 0.82
CA GLY C 134 20.08 35.30 -0.27
C GLY C 134 19.56 34.44 -1.38
N MET C 135 19.91 33.17 -1.44
CA MET C 135 19.26 32.36 -2.44
C MET C 135 18.00 31.71 -1.96
N THR C 136 17.75 31.85 -0.68
CA THR C 136 16.49 31.49 -0.11
C THR C 136 16.23 30.04 -0.26
N ARG C 137 17.25 29.23 -0.08
CA ARG C 137 17.17 27.85 -0.44
C ARG C 137 17.41 26.96 0.75
N ILE C 138 18.63 26.75 1.17
CA ILE C 138 18.89 26.09 2.44
C ILE C 138 19.80 26.90 3.34
N GLY C 139 19.88 26.51 4.62
CA GLY C 139 20.72 27.11 5.64
C GLY C 139 20.15 28.22 6.51
N PHE C 140 20.89 28.52 7.57
CA PHE C 140 20.49 29.40 8.66
C PHE C 140 20.19 30.76 8.16
N GLN C 141 19.24 31.41 8.77
CA GLN C 141 19.03 32.76 8.50
C GLN C 141 20.14 33.56 9.12
N PRO C 142 20.52 34.64 8.47
CA PRO C 142 21.68 35.37 8.92
C PRO C 142 21.28 36.35 10.01
N ASN C 143 21.23 35.84 11.23
CA ASN C 143 20.72 36.54 12.42
C ASN C 143 21.35 36.10 13.69
N GLU C 144 20.99 36.75 14.76
CA GLU C 144 21.49 36.48 16.10
C GLU C 144 21.22 35.14 16.71
N GLU C 145 20.05 34.61 16.51
CA GLU C 145 19.73 33.29 17.04
C GLU C 145 20.52 32.15 16.42
N SER C 146 20.77 32.26 15.13
CA SER C 146 21.55 31.29 14.41
C SER C 146 22.93 31.29 14.98
N VAL C 147 23.40 32.48 15.24
CA VAL C 147 24.70 32.63 15.83
C VAL C 147 24.71 31.89 17.15
N GLN C 148 23.66 32.02 17.94
CA GLN C 148 23.57 31.25 19.14
C GLN C 148 23.46 29.77 18.94
N GLU C 149 22.57 29.38 18.07
CA GLU C 149 22.42 27.99 17.77
C GLU C 149 23.74 27.48 17.25
N ILE C 150 24.43 28.29 16.46
CA ILE C 150 25.65 27.81 15.88
C ILE C 150 26.67 27.47 16.95
N ILE C 151 26.73 28.32 17.96
CA ILE C 151 27.58 28.15 19.11
C ILE C 151 27.27 26.88 19.90
N GLU C 152 26.01 26.60 20.14
CA GLU C 152 25.66 25.40 20.85
C GLU C 152 26.11 24.21 20.02
N LEU C 153 25.87 24.29 18.73
CA LEU C 153 26.17 23.23 17.83
C LEU C 153 27.63 22.98 17.93
N ASN C 154 28.35 24.05 18.03
CA ASN C 154 29.75 23.98 18.14
C ASN C 154 30.27 23.28 19.39
N LYS C 155 29.56 23.43 20.51
CA LYS C 155 29.94 22.75 21.75
C LYS C 155 29.65 21.29 21.72
N LEU C 156 28.93 20.84 20.73
CA LEU C 156 28.55 19.46 20.64
C LEU C 156 29.76 18.58 20.41
N GLU C 157 29.81 17.45 21.09
CA GLU C 157 31.03 16.69 21.36
C GLU C 157 31.47 15.59 20.45
N TYR C 158 30.62 15.22 19.52
CA TYR C 158 31.05 14.40 18.45
C TYR C 158 30.68 15.06 17.17
N ILE C 159 30.59 16.37 17.21
CA ILE C 159 30.42 17.15 16.03
C ILE C 159 31.70 17.98 15.80
N ASP C 160 32.33 17.80 14.65
CA ASP C 160 33.47 18.61 14.29
C ASP C 160 33.01 19.64 13.31
N LEU C 161 32.87 20.86 13.77
CA LEU C 161 32.38 21.91 12.93
C LEU C 161 33.52 22.48 12.15
N GLU C 162 33.82 21.85 11.03
CA GLU C 162 34.81 22.24 10.04
C GLU C 162 34.63 23.45 9.16
N GLY C 163 33.43 23.75 8.72
CA GLY C 163 33.24 24.79 7.75
C GLY C 163 31.93 25.51 7.79
N MET C 164 31.81 26.56 7.03
CA MET C 164 30.57 27.24 6.88
C MET C 164 30.62 27.95 5.57
N PHE C 165 29.48 27.99 4.89
CA PHE C 165 29.31 28.58 3.58
C PHE C 165 27.96 29.12 3.23
N THR C 166 27.90 29.82 2.13
CA THR C 166 26.70 30.28 1.50
C THR C 166 26.76 30.07 -0.05
N HIS C 167 25.72 30.40 -0.79
CA HIS C 167 25.75 30.22 -2.19
C HIS C 167 24.95 31.27 -2.90
N PHE C 168 25.45 31.68 -4.03
CA PHE C 168 24.98 32.79 -4.75
C PHE C 168 23.98 32.40 -5.78
N ALA C 169 23.02 33.28 -5.98
CA ALA C 169 21.97 33.09 -6.92
C ALA C 169 22.16 33.78 -8.25
N THR C 170 23.07 34.74 -8.27
CA THR C 170 23.28 35.66 -9.38
C THR C 170 24.74 36.00 -9.76
N ALA C 171 25.68 35.22 -9.31
CA ALA C 171 27.08 35.48 -9.52
C ALA C 171 27.48 35.46 -10.96
N ASP C 172 26.68 34.87 -11.81
CA ASP C 172 27.00 34.72 -13.19
C ASP C 172 26.32 35.75 -14.02
N GLU C 173 25.90 36.83 -13.41
CA GLU C 173 25.13 37.82 -14.07
C GLU C 173 26.11 38.93 -14.17
N VAL C 174 25.88 39.85 -15.06
CA VAL C 174 26.80 40.95 -15.19
C VAL C 174 26.85 41.79 -13.92
N SER C 175 25.71 42.25 -13.43
CA SER C 175 25.71 43.06 -12.25
C SER C 175 25.97 42.26 -11.00
N LYS C 176 26.83 42.73 -10.14
CA LYS C 176 27.24 41.98 -8.98
C LYS C 176 26.64 42.39 -7.65
N GLU C 177 25.74 43.33 -7.68
CA GLU C 177 25.31 43.97 -6.49
C GLU C 177 24.75 42.94 -5.53
N TYR C 178 23.91 42.07 -6.04
CA TYR C 178 23.30 41.08 -5.18
C TYR C 178 24.30 40.16 -4.60
N THR C 179 25.31 39.81 -5.37
CA THR C 179 26.31 38.90 -4.89
C THR C 179 27.00 39.46 -3.70
N TYR C 180 27.35 40.71 -3.75
CA TYR C 180 27.96 41.37 -2.60
C TYR C 180 27.04 41.55 -1.39
N LYS C 181 25.77 41.82 -1.62
CA LYS C 181 24.84 41.84 -0.51
C LYS C 181 24.91 40.50 0.17
N GLN C 182 24.92 39.44 -0.62
CA GLN C 182 24.93 38.11 -0.08
C GLN C 182 26.16 37.85 0.74
N ALA C 183 27.30 38.23 0.25
CA ALA C 183 28.50 38.01 1.01
C ALA C 183 28.50 38.81 2.31
N ASN C 184 27.82 39.92 2.30
CA ASN C 184 27.67 40.71 3.51
C ASN C 184 26.90 39.97 4.54
N ASN C 185 25.85 39.32 4.10
CA ASN C 185 25.05 38.57 4.98
C ASN C 185 25.90 37.49 5.51
N TYR C 186 26.77 36.98 4.69
CA TYR C 186 27.71 35.99 5.13
C TYR C 186 28.67 36.60 6.14
N LYS C 187 29.11 37.80 5.85
CA LYS C 187 30.13 38.46 6.62
C LYS C 187 29.66 38.65 8.02
N PHE C 188 28.41 39.05 8.19
CA PHE C 188 27.89 39.27 9.51
C PHE C 188 28.04 37.98 10.28
N MET C 189 27.68 36.87 9.63
CA MET C 189 27.76 35.58 10.29
C MET C 189 29.21 35.25 10.64
N SER C 190 30.12 35.52 9.71
CA SER C 190 31.54 35.36 9.96
C SER C 190 32.00 36.32 11.04
N ASP C 191 31.50 37.55 10.97
CA ASP C 191 31.88 38.60 11.91
C ASP C 191 31.48 38.29 13.35
N LYS C 192 30.28 37.74 13.52
CA LYS C 192 29.77 37.47 14.83
C LYS C 192 30.38 36.23 15.38
N LEU C 193 30.53 35.23 14.55
CA LEU C 193 31.05 33.99 15.02
C LEU C 193 32.50 34.12 15.45
N ASP C 194 33.23 35.03 14.82
CA ASP C 194 34.61 35.25 15.17
C ASP C 194 34.65 35.79 16.55
N GLU C 195 33.80 36.76 16.85
CA GLU C 195 33.82 37.42 18.12
C GLU C 195 33.54 36.48 19.21
N ALA C 196 32.85 35.41 18.87
CA ALA C 196 32.32 34.48 19.82
C ALA C 196 33.32 33.41 20.15
N GLY C 197 34.49 33.52 19.55
CA GLY C 197 35.49 32.49 19.68
C GLY C 197 35.18 31.16 19.07
N VAL C 198 34.37 31.13 18.02
CA VAL C 198 34.07 29.87 17.35
C VAL C 198 34.95 29.69 16.14
N LYS C 199 35.79 28.68 16.19
CA LYS C 199 36.73 28.44 15.11
C LYS C 199 36.05 27.68 13.99
N ILE C 200 36.05 28.27 12.83
CA ILE C 200 35.67 27.60 11.61
C ILE C 200 36.84 27.58 10.65
N ALA C 201 37.42 26.42 10.47
CA ALA C 201 38.59 26.25 9.67
C ALA C 201 38.47 26.64 8.19
N ILE C 202 37.30 26.45 7.61
CA ILE C 202 37.14 26.61 6.18
C ILE C 202 35.93 27.40 5.83
N LYS C 203 36.10 28.63 5.46
CA LYS C 203 35.02 29.45 5.07
C LYS C 203 35.02 29.43 3.55
N HIS C 204 33.87 29.22 2.92
CA HIS C 204 33.73 29.18 1.48
C HIS C 204 32.42 29.71 0.92
N VAL C 205 32.48 30.58 -0.07
CA VAL C 205 31.28 31.08 -0.70
C VAL C 205 31.25 31.05 -2.21
N SER C 206 32.39 30.82 -2.83
CA SER C 206 32.52 30.97 -4.25
C SER C 206 32.12 29.78 -5.09
N ASN C 207 31.22 30.02 -6.03
CA ASN C 207 30.96 29.11 -7.12
C ASN C 207 31.83 29.42 -8.37
N SER C 208 31.49 28.84 -9.51
CA SER C 208 32.27 28.99 -10.71
C SER C 208 32.27 30.42 -11.17
N ALA C 209 31.10 31.02 -11.23
CA ALA C 209 30.94 32.37 -11.72
C ALA C 209 31.69 33.36 -10.90
N ALA C 210 31.64 33.22 -9.59
CA ALA C 210 32.40 33.98 -8.66
C ALA C 210 33.90 33.71 -8.72
N ILE C 211 34.29 32.49 -9.01
CA ILE C 211 35.70 32.16 -9.10
C ILE C 211 36.23 33.03 -10.20
N MET C 212 35.53 33.00 -11.31
CA MET C 212 35.87 33.77 -12.44
C MET C 212 35.79 35.27 -12.24
N ASP C 213 34.68 35.80 -11.78
CA ASP C 213 34.51 37.23 -11.69
C ASP C 213 34.72 37.94 -10.38
N CYS C 214 35.05 37.26 -9.32
CA CYS C 214 35.05 37.86 -8.02
C CYS C 214 36.20 37.43 -7.21
N PRO C 215 37.38 37.90 -7.55
CA PRO C 215 38.60 37.51 -6.88
C PRO C 215 38.65 38.00 -5.45
N ASP C 216 37.78 38.93 -5.11
CA ASP C 216 37.64 39.34 -3.72
C ASP C 216 36.90 38.36 -2.87
N LEU C 217 36.40 37.26 -3.45
CA LEU C 217 35.61 36.33 -2.67
C LEU C 217 36.15 34.93 -2.55
N ARG C 218 37.44 34.78 -2.65
CA ARG C 218 38.06 33.60 -2.19
C ARG C 218 37.94 33.77 -0.71
N LEU C 219 37.90 32.71 0.03
CA LEU C 219 38.05 32.80 1.46
C LEU C 219 39.05 31.73 1.67
N ASN C 220 38.74 30.72 2.44
CA ASN C 220 39.59 29.57 2.46
C ASN C 220 39.54 28.67 1.22
N MET C 221 38.44 28.72 0.46
CA MET C 221 38.10 27.69 -0.50
C MET C 221 37.12 28.14 -1.54
N VAL C 222 37.22 27.60 -2.75
CA VAL C 222 36.30 27.87 -3.83
C VAL C 222 35.72 26.56 -4.37
N ARG C 223 34.51 26.63 -4.84
CA ARG C 223 33.78 25.47 -5.33
C ARG C 223 33.62 25.57 -6.80
N ALA C 224 34.36 24.76 -7.49
CA ALA C 224 34.34 24.74 -8.92
C ALA C 224 33.50 23.59 -9.42
N GLY C 225 32.52 23.90 -10.24
CA GLY C 225 31.66 22.95 -10.88
C GLY C 225 31.71 22.90 -12.38
N ILE C 226 30.84 23.62 -13.03
CA ILE C 226 30.66 23.55 -14.45
C ILE C 226 31.93 23.85 -15.27
N ILE C 227 32.72 24.80 -14.83
CA ILE C 227 33.95 25.17 -15.47
C ILE C 227 34.95 24.01 -15.52
N LEU C 228 34.87 23.12 -14.58
CA LEU C 228 35.68 21.97 -14.49
C LEU C 228 35.45 21.06 -15.72
N TYR C 229 34.23 21.02 -16.18
CA TYR C 229 33.84 20.24 -17.31
C TYR C 229 33.96 21.03 -18.58
N GLY C 230 34.50 22.21 -18.47
CA GLY C 230 34.75 23.05 -19.60
C GLY C 230 33.65 23.86 -20.17
N HIS C 231 32.63 24.16 -19.40
CA HIS C 231 31.56 25.01 -19.83
C HIS C 231 31.42 26.17 -18.86
N TYR C 232 31.12 27.33 -19.41
CA TYR C 232 30.86 28.52 -18.64
C TYR C 232 29.49 28.56 -17.95
N PRO C 233 29.41 29.16 -16.79
CA PRO C 233 28.13 29.25 -16.07
C PRO C 233 27.06 30.03 -16.81
N SER C 234 27.47 31.02 -17.56
CA SER C 234 26.59 31.82 -18.36
C SER C 234 27.40 32.45 -19.40
N ASP C 235 26.74 33.13 -20.28
CA ASP C 235 27.38 33.98 -21.25
C ASP C 235 27.81 35.31 -20.66
N ASP C 236 27.47 35.59 -19.42
CA ASP C 236 27.68 36.91 -18.86
C ASP C 236 28.88 37.09 -17.91
N VAL C 237 29.70 36.07 -17.75
CA VAL C 237 30.87 36.14 -16.93
C VAL C 237 32.12 36.54 -17.74
N PHE C 238 33.26 36.72 -17.07
CA PHE C 238 34.46 37.12 -17.79
C PHE C 238 35.22 35.94 -18.38
N LYS C 239 34.78 35.54 -19.55
CA LYS C 239 35.22 34.37 -20.24
C LYS C 239 36.70 34.41 -20.59
N ASP C 240 37.20 35.59 -20.80
CA ASP C 240 38.57 35.79 -21.13
C ASP C 240 39.50 35.51 -20.01
N ARG C 241 39.00 35.37 -18.80
CA ARG C 241 39.84 34.99 -17.70
C ARG C 241 40.09 33.49 -17.60
N LEU C 242 39.36 32.69 -18.35
CA LEU C 242 39.50 31.24 -18.28
C LEU C 242 39.22 30.56 -19.57
N GLU C 243 40.18 29.82 -20.06
CA GLU C 243 40.04 29.09 -21.28
C GLU C 243 39.59 27.71 -20.94
N LEU C 244 38.55 27.25 -21.59
CA LEU C 244 37.91 26.00 -21.26
C LEU C 244 37.79 25.05 -22.40
N ARG C 245 37.86 23.77 -22.10
CA ARG C 245 37.52 22.77 -23.07
C ARG C 245 36.47 21.83 -22.56
N PRO C 246 35.38 21.72 -23.26
CA PRO C 246 34.41 20.70 -22.92
C PRO C 246 35.04 19.34 -23.00
N ALA C 247 34.64 18.49 -22.08
CA ALA C 247 35.11 17.15 -21.97
C ALA C 247 34.23 16.05 -22.49
N MET C 248 32.97 16.30 -22.75
CA MET C 248 32.09 15.22 -23.17
C MET C 248 31.60 15.27 -24.60
N LYS C 249 31.58 14.15 -25.27
CA LYS C 249 30.90 14.04 -26.53
C LYS C 249 29.87 12.95 -26.52
N LEU C 250 28.66 13.28 -26.84
CA LEU C 250 27.62 12.32 -26.97
C LEU C 250 27.65 11.80 -28.35
N LYS C 251 27.76 10.50 -28.49
CA LYS C 251 27.99 9.89 -29.77
C LYS C 251 27.14 8.69 -30.08
N SER C 252 26.91 8.47 -31.35
CA SER C 252 26.21 7.31 -31.83
C SER C 252 26.77 6.83 -33.18
N LYS C 253 26.07 5.93 -33.81
CA LYS C 253 26.47 5.26 -34.99
C LYS C 253 25.31 5.23 -35.96
N ILE C 254 25.52 5.36 -37.25
CA ILE C 254 24.46 5.19 -38.26
C ILE C 254 23.99 3.77 -38.25
N GLY C 255 22.70 3.53 -38.20
CA GLY C 255 22.23 2.16 -38.12
C GLY C 255 21.42 1.59 -39.26
N HIS C 256 20.91 2.47 -40.08
CA HIS C 256 20.24 2.07 -41.27
C HIS C 256 20.23 3.26 -42.15
N ILE C 257 20.23 3.04 -43.44
CA ILE C 257 20.18 4.09 -44.42
C ILE C 257 19.22 3.75 -45.55
N LYS C 258 18.51 4.73 -46.04
CA LYS C 258 17.63 4.50 -47.13
C LYS C 258 17.28 5.76 -47.96
N GLN C 259 16.75 5.54 -49.14
CA GLN C 259 16.36 6.61 -50.04
C GLN C 259 14.86 6.79 -50.02
N VAL C 260 14.39 8.01 -49.85
CA VAL C 260 12.98 8.20 -49.65
C VAL C 260 12.30 9.17 -50.61
N GLU C 261 11.11 8.81 -51.05
CA GLU C 261 10.33 9.60 -51.97
C GLU C 261 9.83 10.88 -51.36
N PRO C 262 9.37 11.80 -52.17
CA PRO C 262 8.73 13.00 -51.69
C PRO C 262 7.44 12.63 -51.05
N GLY C 263 6.96 13.48 -50.18
CA GLY C 263 5.68 13.27 -49.53
C GLY C 263 5.49 12.11 -48.56
N VAL C 264 6.56 11.53 -48.04
CA VAL C 264 6.40 10.46 -47.08
C VAL C 264 6.67 10.94 -45.71
N GLY C 265 5.71 10.68 -44.84
CA GLY C 265 5.82 10.96 -43.44
C GLY C 265 6.82 10.09 -42.71
N ILE C 266 7.50 10.73 -41.81
CA ILE C 266 8.48 10.06 -41.02
C ILE C 266 8.16 10.15 -39.54
N SER C 267 8.09 8.97 -38.94
CA SER C 267 8.08 8.80 -37.50
C SER C 267 6.68 8.98 -36.95
N TYR C 268 6.56 9.05 -35.65
CA TYR C 268 5.30 9.07 -35.00
C TYR C 268 4.47 10.30 -35.35
N GLY C 269 3.26 10.04 -35.84
CA GLY C 269 2.28 11.08 -36.05
C GLY C 269 2.58 11.89 -37.28
N LEU C 270 3.53 11.39 -38.05
CA LEU C 270 3.88 11.92 -39.35
C LEU C 270 4.06 13.39 -39.29
N LYS C 271 4.71 13.84 -38.23
CA LYS C 271 4.89 15.27 -38.01
C LYS C 271 5.81 15.92 -38.99
N TYR C 272 6.58 15.12 -39.71
CA TYR C 272 7.44 15.59 -40.77
C TYR C 272 7.14 14.90 -42.06
N THR C 273 7.03 15.69 -43.12
CA THR C 273 6.84 15.09 -44.41
C THR C 273 7.91 15.43 -45.41
N THR C 274 8.40 14.41 -46.09
CA THR C 274 9.50 14.58 -46.99
C THR C 274 9.10 15.45 -48.17
N THR C 275 9.90 16.45 -48.49
CA THR C 275 9.47 17.44 -49.45
C THR C 275 10.48 17.41 -50.54
N GLY C 276 10.48 16.35 -51.30
CA GLY C 276 11.41 16.21 -52.36
C GLY C 276 12.07 14.95 -51.99
N LYS C 277 12.83 14.36 -52.91
CA LYS C 277 13.48 13.09 -52.66
C LYS C 277 14.66 13.27 -51.75
N GLU C 278 14.67 12.51 -50.66
CA GLU C 278 15.60 12.68 -49.57
C GLU C 278 16.26 11.38 -49.12
N THR C 279 17.41 11.47 -48.52
CA THR C 279 18.01 10.29 -47.90
C THR C 279 17.96 10.42 -46.38
N ILE C 280 17.43 9.43 -45.74
CA ILE C 280 17.28 9.45 -44.31
C ILE C 280 18.08 8.37 -43.64
N ALA C 281 18.85 8.80 -42.68
CA ALA C 281 19.58 7.86 -41.87
C ALA C 281 18.93 7.73 -40.49
N THR C 282 18.96 6.55 -39.97
CA THR C 282 18.39 6.28 -38.70
C THR C 282 19.50 6.01 -37.70
N VAL C 283 19.56 6.80 -36.64
CA VAL C 283 20.57 6.76 -35.59
C VAL C 283 19.97 6.18 -34.32
N PRO C 284 20.64 5.23 -33.68
CA PRO C 284 20.09 4.61 -32.49
C PRO C 284 20.34 5.37 -31.18
N ILE C 285 19.89 6.60 -31.14
CA ILE C 285 19.69 7.37 -29.96
C ILE C 285 18.31 8.00 -29.98
N GLY C 286 17.73 8.13 -28.81
CA GLY C 286 16.36 8.55 -28.61
C GLY C 286 16.24 9.28 -27.30
N TYR C 287 15.04 9.64 -26.93
CA TYR C 287 14.80 10.40 -25.71
C TYR C 287 15.13 9.69 -24.41
N ALA C 288 15.08 8.38 -24.40
CA ALA C 288 15.45 7.62 -23.24
C ALA C 288 16.95 7.61 -22.98
N ASP C 289 17.69 8.08 -23.95
CA ASP C 289 19.10 8.31 -23.81
C ASP C 289 19.40 9.70 -23.28
N GLY C 290 18.37 10.51 -23.17
CA GLY C 290 18.52 11.89 -22.81
C GLY C 290 18.61 12.91 -23.92
N PHE C 291 18.40 12.50 -25.14
CA PHE C 291 18.31 13.38 -26.28
C PHE C 291 16.85 13.78 -26.43
N THR C 292 16.48 14.81 -25.72
CA THR C 292 15.09 15.05 -25.40
C THR C 292 14.16 15.30 -26.59
N ARG C 293 12.97 14.76 -26.52
CA ARG C 293 11.95 14.86 -27.53
C ARG C 293 11.44 16.29 -27.70
N ILE C 294 11.75 17.10 -26.72
CA ILE C 294 11.29 18.46 -26.63
C ILE C 294 11.94 19.40 -27.64
N GLN C 295 13.09 19.03 -28.14
CA GLN C 295 13.89 19.86 -28.99
C GLN C 295 13.11 20.14 -30.23
N LYS C 296 12.90 21.40 -30.51
CA LYS C 296 12.32 21.85 -31.75
C LYS C 296 13.21 21.72 -32.99
N ASN C 297 14.49 21.94 -32.80
CA ASN C 297 15.38 22.00 -33.92
C ASN C 297 16.58 21.11 -33.77
N PRO C 298 16.35 19.84 -33.50
CA PRO C 298 17.45 18.93 -33.22
C PRO C 298 18.32 18.59 -34.42
N LYS C 299 19.60 18.46 -34.11
CA LYS C 299 20.70 18.42 -35.03
C LYS C 299 21.73 17.34 -34.68
N VAL C 300 22.44 16.85 -35.69
CA VAL C 300 23.51 15.89 -35.55
C VAL C 300 24.73 16.38 -36.26
N LEU C 301 25.86 15.76 -36.05
CA LEU C 301 27.04 16.07 -36.81
C LEU C 301 27.66 14.83 -37.34
N ILE C 302 27.75 14.79 -38.65
CA ILE C 302 28.30 13.68 -39.37
C ILE C 302 29.38 14.18 -40.35
N LYS C 303 30.57 13.63 -40.23
CA LYS C 303 31.70 13.94 -41.09
C LYS C 303 31.87 15.41 -41.22
N GLY C 304 31.75 16.11 -40.13
CA GLY C 304 31.99 17.52 -40.14
C GLY C 304 30.86 18.38 -40.64
N GLU C 305 29.76 17.77 -41.02
CA GLU C 305 28.61 18.54 -41.42
C GLU C 305 27.43 18.41 -40.46
N VAL C 306 26.64 19.45 -40.37
CA VAL C 306 25.49 19.57 -39.49
C VAL C 306 24.24 19.19 -40.22
N PHE C 307 23.35 18.43 -39.61
CA PHE C 307 22.14 17.96 -40.26
C PHE C 307 20.93 17.97 -39.36
N ASP C 308 19.78 18.19 -39.92
CA ASP C 308 18.54 18.11 -39.21
C ASP C 308 18.01 16.73 -38.85
N VAL C 309 17.49 16.61 -37.65
CA VAL C 309 16.76 15.44 -37.27
C VAL C 309 15.33 15.72 -37.66
N VAL C 310 14.70 14.78 -38.29
CA VAL C 310 13.40 14.97 -38.84
C VAL C 310 12.37 14.07 -38.24
N GLY C 311 11.19 14.60 -38.03
CA GLY C 311 10.13 13.83 -37.44
C GLY C 311 10.21 13.91 -35.93
N ARG C 312 9.34 13.22 -35.25
CA ARG C 312 9.43 13.20 -33.83
C ARG C 312 10.56 12.26 -33.35
N ILE C 313 11.37 12.74 -32.42
CA ILE C 313 12.40 11.94 -31.80
C ILE C 313 11.73 10.78 -31.08
N CYS C 314 12.13 9.56 -31.36
CA CYS C 314 11.59 8.40 -30.65
C CYS C 314 12.31 8.05 -29.37
N MET C 315 11.84 7.00 -28.70
CA MET C 315 12.43 6.60 -27.44
C MET C 315 13.87 6.16 -27.58
N ASP C 316 14.13 5.32 -28.54
CA ASP C 316 15.42 4.75 -28.77
C ASP C 316 16.12 5.11 -30.07
N GLN C 317 15.46 5.89 -30.91
CA GLN C 317 15.94 6.15 -32.26
C GLN C 317 15.57 7.50 -32.79
N ILE C 318 16.38 8.03 -33.68
CA ILE C 318 16.13 9.23 -34.45
C ILE C 318 16.47 9.04 -35.93
N MET C 319 15.84 9.87 -36.76
CA MET C 319 15.94 9.89 -38.22
C MET C 319 16.52 11.20 -38.67
N VAL C 320 17.49 11.16 -39.56
CA VAL C 320 18.21 12.35 -39.99
C VAL C 320 18.20 12.55 -41.50
N ARG C 321 18.06 13.79 -41.94
CA ARG C 321 18.10 14.11 -43.37
C ARG C 321 19.47 14.33 -43.84
N ILE C 322 19.98 13.44 -44.66
CA ILE C 322 21.29 13.63 -45.23
C ILE C 322 21.12 14.31 -46.58
N ASP C 323 21.30 15.61 -46.57
CA ASP C 323 21.04 16.51 -47.65
C ASP C 323 22.32 17.21 -48.05
N LYS C 324 23.41 16.49 -47.93
CA LYS C 324 24.65 16.96 -48.43
C LYS C 324 25.38 15.78 -48.96
N ASP C 325 26.42 16.00 -49.72
CA ASP C 325 27.07 14.83 -50.20
C ASP C 325 28.36 14.46 -49.49
N ILE C 326 28.31 13.27 -48.89
CA ILE C 326 29.47 12.61 -48.39
C ILE C 326 29.20 11.14 -48.21
N ASP C 327 30.21 10.37 -47.85
CA ASP C 327 30.05 8.93 -47.85
C ASP C 327 29.87 8.34 -46.48
N ILE C 328 28.64 7.94 -46.23
CA ILE C 328 28.24 7.45 -44.95
C ILE C 328 27.64 6.09 -45.11
N LYS C 329 27.89 5.24 -44.16
CA LYS C 329 27.41 3.90 -44.21
C LYS C 329 27.13 3.40 -42.83
N VAL C 330 26.36 2.36 -42.75
CA VAL C 330 25.89 1.86 -41.52
C VAL C 330 27.07 1.56 -40.60
N GLY C 331 27.04 2.13 -39.42
CA GLY C 331 28.17 2.09 -38.54
C GLY C 331 29.14 3.23 -38.50
N ASP C 332 28.97 4.26 -39.30
CA ASP C 332 29.69 5.48 -39.17
C ASP C 332 29.22 6.32 -37.94
N GLU C 333 30.15 7.07 -37.36
CA GLU C 333 29.93 7.89 -36.18
C GLU C 333 29.06 9.10 -36.38
N VAL C 334 28.26 9.42 -35.38
CA VAL C 334 27.49 10.65 -35.32
C VAL C 334 27.78 11.37 -34.01
N ILE C 335 27.90 12.67 -34.07
CA ILE C 335 28.07 13.41 -32.86
C ILE C 335 26.86 14.28 -32.54
N LEU C 336 26.21 13.96 -31.45
CA LEU C 336 25.14 14.72 -30.90
C LEU C 336 25.50 16.07 -30.24
N PHE C 337 26.56 16.11 -29.48
CA PHE C 337 27.20 17.33 -28.99
C PHE C 337 28.64 17.14 -28.57
N GLY C 338 29.32 18.23 -28.34
CA GLY C 338 30.68 18.28 -27.92
C GLY C 338 31.75 18.36 -28.97
N GLU C 339 31.40 18.52 -30.23
CA GLU C 339 32.36 18.78 -31.29
C GLU C 339 31.81 19.77 -32.26
N GLY C 340 32.59 20.76 -32.62
CA GLY C 340 32.19 21.73 -33.59
C GLY C 340 30.95 22.54 -33.32
N GLU C 341 29.99 22.38 -34.20
CA GLU C 341 28.83 23.22 -34.26
C GLU C 341 27.73 22.78 -33.33
N VAL C 342 27.82 21.56 -32.84
CA VAL C 342 26.82 21.06 -31.96
C VAL C 342 27.39 21.02 -30.56
N THR C 343 26.70 21.69 -29.67
CA THR C 343 27.18 21.86 -28.32
C THR C 343 26.05 21.73 -27.33
N ALA C 344 26.42 21.56 -26.08
CA ALA C 344 25.45 21.49 -25.03
C ALA C 344 24.72 22.78 -24.94
N GLU C 345 25.42 23.86 -25.18
CA GLU C 345 24.87 25.18 -25.16
C GLU C 345 23.81 25.43 -26.23
N ARG C 346 24.06 24.93 -27.41
CA ARG C 346 23.11 25.06 -28.47
C ARG C 346 21.82 24.36 -28.21
N ILE C 347 21.88 23.16 -27.69
CA ILE C 347 20.70 22.44 -27.29
C ILE C 347 19.96 23.12 -26.14
N ALA C 348 20.69 23.62 -25.19
CA ALA C 348 20.09 24.27 -24.08
C ALA C 348 19.29 25.48 -24.53
N LYS C 349 19.85 26.24 -25.44
CA LYS C 349 19.18 27.41 -25.95
C LYS C 349 17.91 27.10 -26.68
N ASP C 350 17.92 26.08 -27.51
CA ASP C 350 16.78 25.64 -28.27
C ASP C 350 15.65 25.19 -27.33
N LEU C 351 15.98 24.51 -26.24
CA LEU C 351 15.04 24.05 -25.26
C LEU C 351 14.54 25.11 -24.29
N GLY C 352 15.20 26.23 -24.24
CA GLY C 352 15.11 27.10 -23.12
C GLY C 352 15.51 26.58 -21.76
N THR C 353 16.61 25.85 -21.71
CA THR C 353 17.26 25.56 -20.45
C THR C 353 18.71 25.98 -20.41
N ILE C 354 19.52 25.34 -19.59
CA ILE C 354 20.91 25.67 -19.46
C ILE C 354 21.82 24.46 -19.71
N ASN C 355 23.09 24.72 -19.95
CA ASN C 355 24.02 23.67 -20.32
C ASN C 355 24.09 22.57 -19.27
N TYR C 356 24.00 22.94 -18.00
CA TYR C 356 24.10 22.03 -16.90
C TYR C 356 23.06 20.91 -17.04
N GLU C 357 21.85 21.26 -17.43
CA GLU C 357 20.82 20.27 -17.63
C GLU C 357 21.07 19.27 -18.75
N VAL C 358 21.57 19.77 -19.87
CA VAL C 358 21.79 18.97 -21.04
C VAL C 358 22.81 17.94 -20.70
N LEU C 359 23.84 18.35 -20.00
CA LEU C 359 24.85 17.46 -19.58
C LEU C 359 24.35 16.38 -18.63
N CYS C 360 23.52 16.74 -17.67
CA CYS C 360 22.89 15.86 -16.73
C CYS C 360 21.89 14.84 -17.29
N MET C 361 21.29 15.13 -18.41
CA MET C 361 20.25 14.34 -19.01
C MET C 361 20.66 12.94 -19.54
N ILE C 362 21.94 12.68 -19.67
CA ILE C 362 22.38 11.53 -20.39
C ILE C 362 22.17 10.32 -19.50
N SER C 363 21.49 9.33 -20.01
CA SER C 363 20.95 8.26 -19.25
C SER C 363 21.86 7.24 -18.83
N ARG C 364 21.31 6.40 -17.99
CA ARG C 364 21.98 5.30 -17.42
C ARG C 364 22.49 4.38 -18.46
N ARG C 365 21.74 4.17 -19.52
CA ARG C 365 22.13 3.18 -20.49
C ARG C 365 23.22 3.62 -21.43
N VAL C 366 23.60 4.87 -21.37
CA VAL C 366 24.65 5.41 -22.21
C VAL C 366 25.98 5.18 -21.50
N ASP C 367 26.76 4.27 -22.01
CA ASP C 367 28.04 3.96 -21.45
C ASP C 367 28.97 5.15 -21.44
N ARG C 368 29.79 5.25 -20.44
CA ARG C 368 30.77 6.28 -20.37
C ARG C 368 32.14 5.70 -20.72
N VAL C 369 32.74 6.30 -21.72
CA VAL C 369 33.97 5.84 -22.32
C VAL C 369 35.02 6.93 -22.10
N TYR C 370 36.10 6.60 -21.43
CA TYR C 370 37.13 7.56 -21.05
C TYR C 370 38.33 7.51 -21.96
N MET C 371 38.79 8.66 -22.43
CA MET C 371 39.97 8.82 -23.25
C MET C 371 41.06 9.60 -22.54
N GLU C 372 42.28 9.17 -22.73
CA GLU C 372 43.44 9.84 -22.24
C GLU C 372 44.54 9.68 -23.29
N ASN C 373 45.25 10.73 -23.63
CA ASN C 373 46.31 10.66 -24.62
C ASN C 373 45.73 10.04 -25.87
N ASN C 374 44.47 10.32 -26.09
CA ASN C 374 43.80 9.92 -27.28
C ASN C 374 43.75 8.43 -27.44
N GLU C 375 43.66 7.71 -26.34
CA GLU C 375 43.51 6.29 -26.31
C GLU C 375 42.38 5.93 -25.36
N LEU C 376 41.66 4.87 -25.59
CA LEU C 376 40.59 4.47 -24.69
C LEU C 376 41.18 3.79 -23.50
N VAL C 377 41.05 4.38 -22.34
CA VAL C 377 41.51 3.77 -21.12
C VAL C 377 40.48 2.98 -20.36
N GLN C 378 39.21 3.33 -20.52
CA GLN C 378 38.17 2.75 -19.69
C GLN C 378 36.76 2.88 -20.26
N ILE C 379 35.99 1.82 -20.21
CA ILE C 379 34.57 1.83 -20.52
C ILE C 379 33.72 1.49 -19.30
N ASN C 380 32.77 2.34 -18.95
CA ASN C 380 31.86 2.07 -17.85
C ASN C 380 30.46 1.84 -18.35
N SER C 381 29.93 0.70 -18.00
CA SER C 381 28.57 0.43 -18.20
C SER C 381 27.87 0.57 -16.89
N TYR C 382 26.77 1.25 -16.90
CA TYR C 382 25.94 1.35 -15.72
C TYR C 382 24.90 0.23 -15.59
N LEU C 383 24.87 -0.68 -16.51
CA LEU C 383 23.91 -1.74 -16.48
C LEU C 383 24.50 -3.08 -16.15
N LEU C 384 25.71 -3.31 -16.61
CA LEU C 384 26.27 -4.61 -16.53
C LEU C 384 27.32 -4.79 -15.45
N LYS D 3 14.66 1.89 6.05
CA LYS D 3 14.76 1.24 4.77
C LYS D 3 15.12 2.24 3.68
N ILE D 4 14.34 3.20 3.59
CA ILE D 4 14.66 4.06 2.48
C ILE D 4 15.61 5.15 2.96
N THR D 5 16.85 5.14 2.47
CA THR D 5 17.80 6.14 2.88
C THR D 5 17.99 7.36 2.00
N VAL D 6 17.60 7.26 0.75
CA VAL D 6 17.67 8.37 -0.15
C VAL D 6 16.57 9.37 0.08
N PRO D 7 16.78 10.64 -0.13
CA PRO D 7 15.74 11.64 -0.03
C PRO D 7 14.68 11.62 -1.13
N THR D 8 15.03 11.05 -2.26
CA THR D 8 14.20 11.04 -3.42
C THR D 8 14.23 9.65 -4.03
N TRP D 9 13.06 9.12 -4.39
CA TRP D 9 12.90 7.76 -4.87
C TRP D 9 11.73 7.55 -5.82
N ALA D 10 11.76 6.51 -6.62
CA ALA D 10 10.61 6.16 -7.41
C ALA D 10 9.95 4.92 -6.88
N GLU D 11 8.72 5.06 -6.47
CA GLU D 11 8.00 3.96 -5.89
C GLU D 11 7.22 3.26 -6.96
N ILE D 12 7.47 1.97 -7.08
CA ILE D 12 6.87 1.14 -8.11
C ILE D 12 5.94 0.09 -7.51
N ASN D 13 4.65 0.19 -7.78
CA ASN D 13 3.70 -0.74 -7.25
C ASN D 13 3.51 -1.89 -8.18
N LEU D 14 4.09 -2.99 -7.80
CA LEU D 14 4.08 -4.19 -8.56
C LEU D 14 2.69 -4.80 -8.72
N ASP D 15 1.80 -4.50 -7.80
CA ASP D 15 0.43 -4.89 -7.89
C ASP D 15 -0.33 -4.19 -9.00
N ASN D 16 0.02 -2.96 -9.25
CA ASN D 16 -0.50 -2.25 -10.38
C ASN D 16 -0.06 -2.79 -11.74
N LEU D 17 1.14 -3.28 -11.84
CA LEU D 17 1.56 -3.97 -13.02
C LEU D 17 0.74 -5.24 -13.25
N ARG D 18 0.44 -5.93 -12.17
CA ARG D 18 -0.34 -7.15 -12.15
C ARG D 18 -1.74 -6.87 -12.61
N PHE D 19 -2.31 -5.82 -12.09
CA PHE D 19 -3.60 -5.33 -12.47
C PHE D 19 -3.68 -4.96 -13.96
N ASN D 20 -2.72 -4.21 -14.44
CA ASN D 20 -2.78 -3.80 -15.82
C ASN D 20 -2.70 -4.98 -16.78
N LEU D 21 -1.78 -5.89 -16.52
CA LEU D 21 -1.53 -7.02 -17.34
C LEU D 21 -2.74 -7.95 -17.41
N ASN D 22 -3.39 -8.16 -16.31
CA ASN D 22 -4.52 -9.01 -16.27
C ASN D 22 -5.67 -8.43 -17.09
N ASN D 23 -5.80 -7.13 -17.05
CA ASN D 23 -6.74 -6.44 -17.86
C ASN D 23 -6.40 -6.56 -19.31
N ILE D 24 -5.13 -6.62 -19.62
CA ILE D 24 -4.70 -6.90 -20.95
C ILE D 24 -5.02 -8.30 -21.41
N LYS D 25 -4.75 -9.25 -20.57
CA LYS D 25 -4.99 -10.60 -20.88
C LYS D 25 -6.49 -10.79 -21.14
N ASN D 26 -7.34 -10.04 -20.47
CA ASN D 26 -8.77 -10.14 -20.60
C ASN D 26 -9.18 -9.79 -22.02
N LEU D 27 -8.34 -9.06 -22.69
CA LEU D 27 -8.64 -8.57 -24.00
C LEU D 27 -8.33 -9.57 -25.06
N LEU D 28 -7.63 -10.63 -24.72
CA LEU D 28 -7.11 -11.52 -25.73
C LEU D 28 -7.43 -12.99 -25.53
N GLU D 29 -7.49 -13.72 -26.62
CA GLU D 29 -7.65 -15.14 -26.51
C GLU D 29 -6.41 -15.82 -25.98
N GLU D 30 -6.61 -16.96 -25.38
CA GLU D 30 -5.62 -17.62 -24.58
C GLU D 30 -4.44 -17.98 -25.42
N ASP D 31 -4.70 -18.13 -26.70
CA ASP D 31 -3.69 -18.57 -27.62
C ASP D 31 -2.85 -17.45 -28.21
N ILE D 32 -3.17 -16.20 -27.97
CA ILE D 32 -2.29 -15.15 -28.45
C ILE D 32 -1.14 -14.87 -27.49
N LYS D 33 0.07 -14.92 -28.00
CA LYS D 33 1.25 -14.65 -27.21
C LYS D 33 1.41 -13.18 -26.78
N ILE D 34 1.92 -12.93 -25.59
CA ILE D 34 2.18 -11.57 -25.16
C ILE D 34 3.68 -11.29 -25.10
N CYS D 35 4.10 -10.18 -25.68
CA CYS D 35 5.43 -9.68 -25.50
C CYS D 35 5.37 -8.43 -24.65
N GLY D 36 6.00 -8.47 -23.49
CA GLY D 36 6.11 -7.32 -22.64
C GLY D 36 7.25 -6.46 -23.07
N VAL D 37 6.99 -5.21 -23.33
CA VAL D 37 8.02 -4.34 -23.81
C VAL D 37 8.60 -3.61 -22.61
N ILE D 38 9.85 -3.90 -22.33
CA ILE D 38 10.59 -3.34 -21.23
C ILE D 38 11.88 -2.60 -21.57
N1 LLP D 39 6.90 -2.18 -30.64
C2 LLP D 39 7.95 -1.51 -31.10
C2' LLP D 39 8.67 -1.85 -32.34
C3 LLP D 39 8.44 -0.37 -30.36
O3 LLP D 39 9.47 0.35 -30.77
C4 LLP D 39 7.80 0.04 -29.16
C4' LLP D 39 8.40 1.21 -28.44
C5 LLP D 39 6.65 -0.77 -28.73
C6 LLP D 39 6.29 -1.82 -29.54
C5' LLP D 39 5.86 -0.42 -27.50
OP4 LLP D 39 5.20 0.80 -27.72
P LLP D 39 4.00 1.38 -26.93
OP1 LLP D 39 3.72 2.55 -27.70
OP2 LLP D 39 3.06 0.33 -26.97
OP3 LLP D 39 4.51 1.77 -25.66
N LLP D 39 11.96 -2.06 -22.75
CA LLP D 39 13.03 -1.24 -23.15
CB LLP D 39 12.87 -0.92 -24.62
CG LLP D 39 11.77 0.04 -24.94
CD LLP D 39 11.46 0.03 -26.41
CE LLP D 39 10.52 1.12 -26.91
NZ LLP D 39 9.46 0.54 -27.69
C LLP D 39 13.11 0.04 -22.32
O LLP D 39 12.19 0.45 -21.66
N ALA D 40 14.26 0.64 -22.34
CA ALA D 40 14.57 1.79 -21.55
C ALA D 40 14.33 1.58 -20.10
N ASP D 41 14.86 0.49 -19.58
CA ASP D 41 14.70 0.17 -18.19
C ASP D 41 13.25 0.12 -17.79
N ALA D 42 12.50 -0.61 -18.58
CA ALA D 42 11.07 -0.74 -18.45
C ALA D 42 10.38 0.60 -18.35
N TYR D 43 10.71 1.47 -19.28
CA TYR D 43 10.15 2.82 -19.32
C TYR D 43 10.39 3.47 -17.98
N GLY D 44 11.54 3.26 -17.36
CA GLY D 44 11.85 3.84 -16.09
C GLY D 44 11.44 3.12 -14.82
N HIS D 45 10.64 2.10 -14.96
CA HIS D 45 10.18 1.28 -13.88
C HIS D 45 11.20 0.32 -13.28
N GLY D 46 12.22 0.02 -14.02
CA GLY D 46 13.24 -0.95 -13.67
C GLY D 46 13.05 -2.28 -14.36
N ALA D 47 13.82 -2.51 -15.40
CA ALA D 47 13.66 -3.63 -16.25
C ALA D 47 13.80 -5.01 -15.62
N VAL D 48 14.74 -5.20 -14.73
CA VAL D 48 14.93 -6.47 -14.09
C VAL D 48 13.75 -6.91 -13.25
N GLU D 49 13.30 -6.05 -12.35
CA GLU D 49 12.19 -6.35 -11.53
C GLU D 49 10.89 -6.53 -12.34
N VAL D 50 10.68 -5.71 -13.34
CA VAL D 50 9.52 -5.85 -14.17
C VAL D 50 9.59 -7.16 -14.91
N ALA D 51 10.76 -7.50 -15.39
CA ALA D 51 10.95 -8.75 -16.06
C ALA D 51 10.68 -9.95 -15.16
N LYS D 52 11.10 -9.89 -13.92
CA LYS D 52 10.79 -10.92 -12.97
C LYS D 52 9.31 -11.07 -12.77
N LEU D 53 8.56 -9.99 -12.65
CA LEU D 53 7.13 -10.10 -12.54
C LEU D 53 6.50 -10.72 -13.75
N LEU D 54 6.87 -10.24 -14.91
CA LEU D 54 6.28 -10.71 -16.11
C LEU D 54 6.55 -12.20 -16.30
N GLU D 55 7.72 -12.62 -15.92
CA GLU D 55 8.12 -13.99 -16.05
C GLU D 55 7.29 -14.89 -15.15
N LYS D 56 6.99 -14.39 -13.96
CA LYS D 56 6.08 -15.08 -13.06
C LYS D 56 4.68 -15.18 -13.66
N GLU D 57 4.26 -14.12 -14.33
CA GLU D 57 2.89 -13.98 -14.77
C GLU D 57 2.69 -14.65 -16.05
N LYS D 58 3.69 -15.38 -16.49
CA LYS D 58 3.70 -16.21 -17.68
C LYS D 58 3.60 -15.54 -19.04
N VAL D 59 4.19 -14.38 -19.22
CA VAL D 59 4.27 -13.82 -20.55
C VAL D 59 5.27 -14.54 -21.42
N ASP D 60 5.10 -14.40 -22.70
CA ASP D 60 5.80 -15.17 -23.71
C ASP D 60 7.12 -14.67 -24.31
N TYR D 61 7.31 -13.37 -24.34
CA TYR D 61 8.50 -12.74 -24.89
C TYR D 61 8.65 -11.42 -24.18
N LEU D 62 9.85 -10.88 -24.24
CA LEU D 62 10.22 -9.61 -23.68
C LEU D 62 10.97 -8.84 -24.72
N ALA D 63 10.72 -7.56 -24.85
CA ALA D 63 11.45 -6.75 -25.79
C ALA D 63 12.30 -5.63 -25.15
N VAL D 64 13.49 -5.46 -25.66
CA VAL D 64 14.42 -4.45 -25.23
C VAL D 64 14.82 -3.67 -26.44
N ALA D 65 15.45 -2.54 -26.25
CA ALA D 65 15.90 -1.69 -27.29
C ALA D 65 17.39 -1.82 -27.66
N ARG D 66 18.15 -2.49 -26.82
CA ARG D 66 19.59 -2.57 -26.90
C ARG D 66 20.11 -3.89 -26.39
N THR D 67 21.24 -4.29 -26.87
CA THR D 67 21.81 -5.55 -26.49
C THR D 67 22.06 -5.60 -25.00
N ALA D 68 22.57 -4.53 -24.46
CA ALA D 68 22.92 -4.44 -23.06
C ALA D 68 21.74 -4.60 -22.17
N GLU D 69 20.61 -4.07 -22.62
CA GLU D 69 19.37 -4.12 -21.89
C GLU D 69 19.01 -5.56 -21.74
N GLY D 70 19.15 -6.31 -22.80
CA GLY D 70 18.98 -7.75 -22.77
C GLY D 70 19.96 -8.54 -21.93
N ILE D 71 21.22 -8.19 -22.02
CA ILE D 71 22.21 -8.82 -21.20
C ILE D 71 21.95 -8.60 -19.72
N GLU D 72 21.47 -7.45 -19.34
CA GLU D 72 21.21 -7.13 -17.95
C GLU D 72 20.17 -8.05 -17.36
N LEU D 73 19.18 -8.41 -18.17
CA LEU D 73 18.17 -9.33 -17.80
C LEU D 73 18.76 -10.72 -17.58
N ARG D 74 19.61 -11.13 -18.48
CA ARG D 74 20.22 -12.43 -18.36
C ARG D 74 21.09 -12.55 -17.11
N GLN D 75 21.78 -11.48 -16.79
CA GLN D 75 22.65 -11.42 -15.65
C GLN D 75 21.93 -11.44 -14.32
N ASN D 76 20.64 -11.12 -14.36
CA ASN D 76 19.79 -11.22 -13.20
C ASN D 76 18.87 -12.45 -13.21
N GLY D 77 19.12 -13.41 -14.05
CA GLY D 77 18.35 -14.62 -14.01
C GLY D 77 17.05 -14.69 -14.76
N ILE D 78 16.89 -13.85 -15.74
CA ILE D 78 15.72 -13.87 -16.57
C ILE D 78 15.87 -14.87 -17.68
N THR D 79 14.93 -15.77 -17.76
CA THR D 79 15.07 -16.85 -18.68
C THR D 79 14.23 -16.78 -19.92
N LEU D 80 13.28 -15.86 -19.96
CA LEU D 80 12.31 -15.76 -21.02
C LEU D 80 13.01 -15.37 -22.26
N PRO D 81 12.36 -15.50 -23.40
CA PRO D 81 12.92 -15.01 -24.65
C PRO D 81 12.95 -13.51 -24.69
N ILE D 82 13.99 -12.96 -25.28
CA ILE D 82 14.18 -11.55 -25.39
C ILE D 82 14.44 -11.14 -26.81
N LEU D 83 13.70 -10.18 -27.29
CA LEU D 83 13.92 -9.64 -28.60
C LEU D 83 14.41 -8.20 -28.52
N ASN D 84 15.47 -7.88 -29.24
CA ASN D 84 15.94 -6.52 -29.40
C ASN D 84 15.24 -5.93 -30.61
N LEU D 85 14.40 -4.96 -30.39
CA LEU D 85 13.60 -4.29 -31.40
C LEU D 85 14.38 -3.45 -32.40
N GLY D 86 15.62 -3.19 -32.09
CA GLY D 86 16.41 -2.21 -32.77
C GLY D 86 17.67 -2.73 -33.44
N TYR D 87 18.55 -1.83 -33.71
CA TYR D 87 19.81 -2.16 -34.28
C TYR D 87 20.72 -2.86 -33.29
N THR D 88 21.33 -3.95 -33.73
CA THR D 88 22.46 -4.50 -33.06
C THR D 88 23.62 -4.11 -33.93
N PRO D 89 24.65 -3.48 -33.39
CA PRO D 89 25.88 -3.27 -34.14
C PRO D 89 26.73 -4.53 -34.17
N ASP D 90 27.63 -4.62 -35.15
CA ASP D 90 28.41 -5.83 -35.45
C ASP D 90 29.20 -6.27 -34.25
N GLU D 91 29.68 -5.32 -33.49
CA GLU D 91 30.47 -5.54 -32.31
C GLU D 91 29.67 -6.24 -31.26
N ALA D 92 28.39 -6.35 -31.46
CA ALA D 92 27.56 -6.92 -30.47
C ALA D 92 26.94 -8.25 -30.84
N PHE D 93 27.29 -8.81 -31.98
CA PHE D 93 26.66 -10.04 -32.43
C PHE D 93 26.89 -11.21 -31.56
N GLU D 94 28.15 -11.41 -31.23
CA GLU D 94 28.56 -12.52 -30.44
C GLU D 94 27.90 -12.46 -29.11
N ASP D 95 27.84 -11.30 -28.50
CA ASP D 95 27.23 -11.19 -27.20
C ASP D 95 25.73 -11.54 -27.24
N SER D 96 25.07 -11.13 -28.30
CA SER D 96 23.66 -11.41 -28.43
C SER D 96 23.43 -12.88 -28.52
N ILE D 97 24.23 -13.54 -29.35
CA ILE D 97 24.08 -14.96 -29.59
C ILE D 97 24.29 -15.75 -28.35
N LYS D 98 25.36 -15.44 -27.62
CA LYS D 98 25.73 -16.10 -26.39
C LYS D 98 24.75 -15.92 -25.24
N ASN D 99 24.03 -14.82 -25.25
CA ASN D 99 23.02 -14.57 -24.26
C ASN D 99 21.60 -14.81 -24.76
N LYS D 100 21.48 -15.42 -25.90
CA LYS D 100 20.18 -15.72 -26.43
C LYS D 100 19.30 -14.48 -26.53
N ILE D 101 19.85 -13.44 -27.09
CA ILE D 101 19.11 -12.28 -27.33
C ILE D 101 18.78 -12.39 -28.76
N THR D 102 17.52 -12.62 -29.06
CA THR D 102 17.03 -12.65 -30.41
C THR D 102 17.19 -11.31 -31.07
N MET D 103 17.71 -11.28 -32.27
CA MET D 103 18.06 -10.06 -32.90
C MET D 103 17.13 -9.62 -34.01
N THR D 104 16.86 -8.34 -34.11
CA THR D 104 16.10 -7.81 -35.22
C THR D 104 16.97 -7.54 -36.44
N VAL D 105 16.60 -8.12 -37.55
CA VAL D 105 17.37 -7.96 -38.75
C VAL D 105 16.61 -7.33 -39.88
N TYR D 106 17.18 -6.30 -40.44
CA TYR D 106 16.62 -5.70 -41.61
C TYR D 106 17.51 -5.68 -42.85
N SER D 107 18.51 -6.54 -42.93
CA SER D 107 19.23 -6.71 -44.18
C SER D 107 20.02 -7.98 -44.34
N LEU D 108 20.23 -8.33 -45.58
CA LEU D 108 20.93 -9.53 -45.91
C LEU D 108 22.32 -9.50 -45.39
N GLU D 109 23.00 -8.41 -45.61
CA GLU D 109 24.38 -8.31 -45.20
C GLU D 109 24.53 -8.48 -43.70
N THR D 110 23.68 -7.79 -42.95
CA THR D 110 23.75 -7.94 -41.52
C THR D 110 23.43 -9.38 -41.16
N ALA D 111 22.47 -9.97 -41.85
CA ALA D 111 22.14 -11.36 -41.60
C ALA D 111 23.32 -12.27 -41.89
N GLN D 112 23.98 -11.96 -42.97
CA GLN D 112 25.16 -12.69 -43.33
C GLN D 112 26.25 -12.50 -42.35
N LYS D 113 26.43 -11.30 -41.85
CA LYS D 113 27.46 -11.10 -40.86
C LYS D 113 27.19 -11.92 -39.63
N ILE D 114 25.95 -11.94 -39.17
CA ILE D 114 25.61 -12.68 -37.98
C ILE D 114 25.85 -14.15 -38.18
N ASN D 115 25.53 -14.64 -39.36
CA ASN D 115 25.72 -16.05 -39.61
C ASN D 115 27.16 -16.44 -39.49
N GLU D 116 28.03 -15.59 -39.99
CA GLU D 116 29.41 -15.92 -39.84
C GLU D 116 29.75 -16.02 -38.41
N ILE D 117 29.33 -15.05 -37.62
CA ILE D 117 29.67 -15.13 -36.22
C ILE D 117 29.01 -16.32 -35.63
N ALA D 118 27.80 -16.56 -36.07
CA ALA D 118 27.05 -17.73 -35.64
C ALA D 118 27.74 -19.01 -36.06
N LYS D 119 28.26 -19.01 -37.27
CA LYS D 119 28.98 -20.14 -37.77
C LYS D 119 30.14 -20.37 -36.86
N SER D 120 30.82 -19.31 -36.51
CA SER D 120 31.99 -19.44 -35.69
C SER D 120 31.77 -19.96 -34.30
N LEU D 121 30.69 -19.58 -33.65
CA LEU D 121 30.28 -20.17 -32.38
C LEU D 121 29.72 -21.60 -32.35
N GLY D 122 29.10 -22.03 -33.42
CA GLY D 122 28.47 -23.33 -33.47
C GLY D 122 27.10 -23.32 -32.91
N GLU D 123 26.50 -22.14 -32.93
CA GLU D 123 25.14 -21.96 -32.45
C GLU D 123 24.37 -21.33 -33.57
N LYS D 124 23.08 -21.56 -33.62
CA LYS D 124 22.27 -20.79 -34.48
C LYS D 124 21.80 -19.57 -33.71
N ALA D 125 21.56 -18.50 -34.44
CA ALA D 125 21.18 -17.26 -33.86
C ALA D 125 19.76 -17.06 -34.20
N CYS D 126 18.97 -16.87 -33.19
CA CYS D 126 17.58 -16.63 -33.42
C CYS D 126 17.37 -15.22 -33.85
N VAL D 127 16.56 -14.99 -34.85
CA VAL D 127 16.29 -13.64 -35.29
C VAL D 127 14.88 -13.42 -35.74
N HIS D 128 14.44 -12.17 -35.76
CA HIS D 128 13.17 -11.74 -36.36
C HIS D 128 13.45 -10.73 -37.41
N VAL D 129 12.77 -10.81 -38.53
CA VAL D 129 12.95 -9.91 -39.64
C VAL D 129 12.05 -8.72 -39.42
N KCX D 130 12.51 -7.52 -39.72
CA KCX D 130 11.69 -6.37 -39.60
CB KCX D 130 12.42 -5.25 -38.94
CG KCX D 130 11.44 -4.35 -38.23
CD KCX D 130 11.36 -3.04 -38.94
CE KCX D 130 10.12 -2.22 -38.58
NZ KCX D 130 10.05 -1.72 -37.26
C KCX D 130 11.29 -5.79 -40.89
O KCX D 130 12.09 -5.51 -41.74
CX KCX D 130 10.38 -0.51 -36.83
OQ1 KCX D 130 10.48 0.51 -37.45
OQ2 KCX D 130 10.61 -0.39 -35.58
N ILE D 131 10.02 -5.53 -41.03
CA ILE D 131 9.46 -5.04 -42.25
C ILE D 131 9.07 -3.61 -42.07
N ASP D 132 9.49 -2.70 -42.93
CA ASP D 132 9.07 -1.34 -42.81
C ASP D 132 7.81 -1.09 -43.64
N SER D 133 6.77 -0.76 -42.93
CA SER D 133 5.44 -0.74 -43.44
C SER D 133 4.85 0.61 -43.50
N GLY D 134 5.63 1.66 -43.24
CA GLY D 134 5.11 3.00 -43.17
C GLY D 134 5.53 3.99 -42.09
N MET D 135 6.32 3.56 -41.12
CA MET D 135 6.83 4.55 -40.18
C MET D 135 8.12 5.13 -40.65
N THR D 136 8.69 4.47 -41.62
CA THR D 136 9.95 4.89 -42.19
C THR D 136 11.04 4.97 -41.16
N ARG D 137 11.17 3.94 -40.33
CA ARG D 137 12.23 3.90 -39.33
C ARG D 137 13.34 2.94 -39.71
N ILE D 138 13.14 1.67 -39.47
CA ILE D 138 14.06 0.67 -39.93
C ILE D 138 13.18 -0.36 -40.60
N GLY D 139 13.73 -1.15 -41.49
CA GLY D 139 13.02 -2.30 -41.97
C GLY D 139 13.18 -2.49 -43.45
N PHE D 140 12.99 -3.73 -43.89
CA PHE D 140 12.98 -4.12 -45.28
C PHE D 140 11.80 -3.48 -45.91
N GLN D 141 11.97 -2.75 -46.99
CA GLN D 141 10.83 -2.27 -47.75
C GLN D 141 10.04 -3.47 -48.16
N PRO D 142 8.74 -3.38 -48.21
CA PRO D 142 7.88 -4.54 -48.47
C PRO D 142 7.61 -4.80 -49.96
N ASN D 143 8.46 -5.63 -50.55
CA ASN D 143 8.47 -5.88 -51.98
C ASN D 143 9.22 -7.14 -52.35
N GLU D 144 9.31 -7.41 -53.64
CA GLU D 144 9.91 -8.65 -54.09
C GLU D 144 11.38 -8.85 -53.76
N GLU D 145 12.20 -7.85 -53.99
CA GLU D 145 13.62 -8.03 -53.77
C GLU D 145 13.76 -8.47 -52.33
N SER D 146 12.89 -7.91 -51.48
CA SER D 146 12.86 -8.21 -50.07
C SER D 146 12.53 -9.64 -49.81
N VAL D 147 11.54 -10.15 -50.51
CA VAL D 147 11.18 -11.49 -50.23
C VAL D 147 12.34 -12.42 -50.49
N GLN D 148 13.04 -12.24 -51.60
CA GLN D 148 14.07 -13.17 -51.95
C GLN D 148 15.20 -13.22 -50.93
N GLU D 149 15.60 -12.05 -50.51
CA GLU D 149 16.69 -11.94 -49.56
C GLU D 149 16.32 -12.73 -48.37
N ILE D 150 15.05 -12.65 -48.04
CA ILE D 150 14.56 -13.37 -46.95
C ILE D 150 14.68 -14.86 -47.17
N ILE D 151 14.33 -15.33 -48.36
CA ILE D 151 14.45 -16.75 -48.61
C ILE D 151 15.90 -17.05 -48.55
N GLU D 152 16.67 -16.17 -49.16
CA GLU D 152 18.10 -16.35 -49.20
C GLU D 152 18.56 -16.35 -47.78
N LEU D 153 17.98 -15.43 -47.04
CA LEU D 153 18.31 -15.25 -45.66
C LEU D 153 18.00 -16.49 -44.93
N ASN D 154 16.85 -17.08 -45.21
CA ASN D 154 16.41 -18.24 -44.45
C ASN D 154 17.36 -19.39 -44.64
N LYS D 155 17.95 -19.43 -45.82
CA LYS D 155 18.74 -20.54 -46.26
C LYS D 155 19.93 -20.71 -45.36
N LEU D 156 20.43 -19.59 -44.83
CA LEU D 156 21.63 -19.58 -44.04
C LEU D 156 21.52 -20.50 -42.89
N GLU D 157 22.52 -21.32 -42.67
CA GLU D 157 22.34 -22.45 -41.83
C GLU D 157 22.54 -22.16 -40.38
N TYR D 158 22.98 -20.96 -40.10
CA TYR D 158 23.33 -20.60 -38.77
C TYR D 158 22.47 -19.52 -38.21
N ILE D 159 21.50 -19.13 -39.01
CA ILE D 159 20.45 -18.23 -38.64
C ILE D 159 19.28 -19.12 -38.35
N ASP D 160 18.68 -18.97 -37.18
CA ASP D 160 17.37 -19.53 -36.94
C ASP D 160 16.42 -18.38 -37.00
N LEU D 161 15.57 -18.37 -38.01
CA LEU D 161 14.75 -17.22 -38.24
C LEU D 161 13.42 -17.45 -37.60
N GLU D 162 13.23 -16.92 -36.42
CA GLU D 162 12.01 -17.04 -35.63
C GLU D 162 10.75 -16.34 -36.07
N GLY D 163 10.86 -15.14 -36.59
CA GLY D 163 9.72 -14.28 -36.70
C GLY D 163 9.83 -13.09 -37.59
N MET D 164 8.76 -12.35 -37.72
CA MET D 164 8.72 -11.19 -38.57
C MET D 164 7.73 -10.16 -38.11
N PHE D 165 8.09 -8.90 -38.11
CA PHE D 165 7.22 -7.87 -37.58
C PHE D 165 7.26 -6.56 -38.28
N THR D 166 6.25 -5.75 -38.07
CA THR D 166 6.26 -4.33 -38.38
C THR D 166 5.71 -3.50 -37.23
N HIS D 167 5.96 -2.21 -37.25
CA HIS D 167 5.50 -1.30 -36.22
C HIS D 167 4.71 -0.10 -36.75
N PHE D 168 3.58 0.19 -36.11
CA PHE D 168 2.67 1.26 -36.50
C PHE D 168 3.08 2.66 -36.13
N ALA D 169 2.73 3.62 -36.94
CA ALA D 169 3.04 4.97 -36.64
C ALA D 169 1.92 5.84 -36.14
N THR D 170 0.70 5.51 -36.43
CA THR D 170 -0.38 6.40 -36.07
C THR D 170 -1.57 5.79 -35.37
N ALA D 171 -1.37 4.58 -34.88
CA ALA D 171 -2.36 3.64 -34.41
C ALA D 171 -3.02 4.02 -33.12
N ASP D 172 -2.50 5.04 -32.48
CA ASP D 172 -3.07 5.61 -31.29
C ASP D 172 -3.88 6.83 -31.65
N GLU D 173 -4.22 6.92 -32.91
CA GLU D 173 -4.95 8.04 -33.44
C GLU D 173 -6.35 7.62 -33.85
N VAL D 174 -7.29 8.53 -33.79
CA VAL D 174 -8.67 8.15 -33.96
C VAL D 174 -8.80 7.48 -35.29
N SER D 175 -8.21 8.09 -36.30
CA SER D 175 -8.24 7.53 -37.62
C SER D 175 -7.28 6.39 -37.77
N LYS D 176 -7.81 5.30 -38.25
CA LYS D 176 -7.05 4.09 -38.35
C LYS D 176 -6.65 3.71 -39.76
N GLU D 177 -6.60 4.67 -40.67
CA GLU D 177 -6.33 4.34 -42.06
C GLU D 177 -4.97 3.79 -42.35
N TYR D 178 -3.96 4.51 -41.88
CA TYR D 178 -2.58 4.24 -42.21
C TYR D 178 -2.24 2.89 -41.67
N THR D 179 -2.80 2.62 -40.49
CA THR D 179 -2.52 1.44 -39.74
C THR D 179 -2.91 0.22 -40.54
N TYR D 180 -4.14 0.20 -41.01
CA TYR D 180 -4.62 -0.93 -41.78
C TYR D 180 -3.90 -1.03 -43.14
N LYS D 181 -3.48 0.09 -43.67
CA LYS D 181 -2.63 0.04 -44.82
C LYS D 181 -1.32 -0.65 -44.47
N GLN D 182 -0.75 -0.25 -43.34
CA GLN D 182 0.53 -0.70 -42.88
C GLN D 182 0.47 -2.19 -42.72
N ALA D 183 -0.61 -2.71 -42.21
CA ALA D 183 -0.81 -4.15 -42.13
C ALA D 183 -0.93 -4.92 -43.44
N ASN D 184 -1.55 -4.33 -44.44
CA ASN D 184 -1.77 -5.03 -45.68
C ASN D 184 -0.41 -5.36 -46.24
N ASN D 185 0.51 -4.42 -46.13
CA ASN D 185 1.88 -4.59 -46.57
C ASN D 185 2.51 -5.75 -45.88
N TYR D 186 2.21 -5.95 -44.62
CA TYR D 186 2.75 -7.05 -43.90
C TYR D 186 2.25 -8.38 -44.49
N LYS D 187 1.01 -8.39 -44.90
CA LYS D 187 0.40 -9.58 -45.46
C LYS D 187 1.20 -9.97 -46.69
N PHE D 188 1.57 -8.95 -47.41
CA PHE D 188 2.14 -9.05 -48.72
C PHE D 188 3.34 -9.98 -48.58
N MET D 189 4.15 -9.74 -47.57
CA MET D 189 5.28 -10.58 -47.29
C MET D 189 4.91 -11.92 -46.74
N SER D 190 3.91 -11.96 -45.89
CA SER D 190 3.56 -13.18 -45.19
C SER D 190 2.99 -14.30 -46.03
N ASP D 191 2.18 -13.96 -47.00
CA ASP D 191 1.70 -15.00 -47.88
C ASP D 191 2.85 -15.58 -48.71
N LYS D 192 3.61 -14.69 -49.31
CA LYS D 192 4.66 -15.07 -50.18
C LYS D 192 5.67 -15.93 -49.45
N LEU D 193 6.11 -15.56 -48.25
CA LEU D 193 7.06 -16.40 -47.55
C LEU D 193 6.44 -17.74 -47.20
N ASP D 194 5.13 -17.71 -46.96
CA ASP D 194 4.39 -18.93 -46.69
C ASP D 194 4.49 -19.81 -47.90
N GLU D 195 4.37 -19.18 -49.05
CA GLU D 195 4.39 -19.84 -50.35
C GLU D 195 5.69 -20.60 -50.49
N ALA D 196 6.75 -20.03 -49.98
CA ALA D 196 8.05 -20.58 -50.20
C ALA D 196 8.53 -21.53 -49.11
N GLY D 197 7.64 -21.89 -48.20
CA GLY D 197 7.97 -22.85 -47.17
C GLY D 197 8.78 -22.25 -46.05
N ILE D 200 7.78 -18.90 -40.56
CA ILE D 200 7.72 -17.77 -39.65
C ILE D 200 6.79 -18.13 -38.53
N ALA D 201 7.41 -18.58 -37.47
CA ALA D 201 6.76 -19.09 -36.29
C ALA D 201 6.03 -18.05 -35.48
N ILE D 202 6.54 -16.84 -35.45
CA ILE D 202 5.90 -15.74 -34.79
C ILE D 202 5.75 -14.58 -35.70
N LYS D 203 4.54 -14.14 -35.87
CA LYS D 203 4.25 -13.04 -36.73
C LYS D 203 3.53 -12.05 -35.87
N HIS D 204 3.96 -10.80 -35.88
CA HIS D 204 3.42 -9.82 -34.97
C HIS D 204 3.49 -8.37 -35.40
N VAL D 205 2.45 -7.62 -35.13
CA VAL D 205 2.42 -6.22 -35.50
C VAL D 205 1.96 -5.18 -34.48
N SER D 206 1.15 -5.59 -33.50
CA SER D 206 0.45 -4.68 -32.60
C SER D 206 1.28 -4.12 -31.44
N ASN D 207 1.17 -2.84 -31.25
CA ASN D 207 1.59 -2.15 -30.08
C ASN D 207 0.44 -1.98 -29.08
N SER D 208 0.61 -1.10 -28.12
CA SER D 208 -0.40 -0.94 -27.12
C SER D 208 -1.70 -0.44 -27.72
N ALA D 209 -1.64 0.59 -28.51
CA ALA D 209 -2.80 1.15 -29.13
C ALA D 209 -3.53 0.18 -30.03
N ALA D 210 -2.81 -0.56 -30.81
CA ALA D 210 -3.37 -1.58 -31.62
C ALA D 210 -4.04 -2.69 -30.81
N ILE D 211 -3.50 -3.00 -29.67
CA ILE D 211 -4.04 -4.02 -28.83
C ILE D 211 -5.43 -3.61 -28.38
N MET D 212 -5.54 -2.35 -28.04
CA MET D 212 -6.80 -1.80 -27.65
C MET D 212 -7.83 -1.64 -28.74
N ASP D 213 -7.52 -0.78 -29.69
CA ASP D 213 -8.35 -0.48 -30.83
C ASP D 213 -8.50 -1.53 -31.97
N CYS D 214 -7.58 -2.45 -32.12
CA CYS D 214 -7.54 -3.27 -33.31
C CYS D 214 -7.55 -4.78 -33.08
N PRO D 215 -8.71 -5.27 -32.76
CA PRO D 215 -8.86 -6.65 -32.40
C PRO D 215 -8.56 -7.55 -33.56
N ASP D 216 -8.46 -7.00 -34.75
CA ASP D 216 -8.17 -7.82 -35.93
C ASP D 216 -6.73 -8.20 -36.09
N LEU D 217 -5.86 -7.58 -35.32
CA LEU D 217 -4.45 -7.59 -35.56
C LEU D 217 -3.63 -8.50 -34.66
N ARG D 218 -4.27 -9.45 -34.03
CA ARG D 218 -3.56 -10.24 -33.08
C ARG D 218 -2.43 -11.12 -33.59
N LEU D 219 -2.60 -11.78 -34.70
CA LEU D 219 -1.58 -12.62 -35.25
C LEU D 219 -1.08 -13.63 -34.24
N ASN D 220 0.19 -13.98 -34.28
CA ASN D 220 0.77 -14.83 -33.26
C ASN D 220 1.00 -14.22 -31.89
N MET D 221 1.34 -12.94 -31.88
CA MET D 221 1.71 -12.27 -30.67
C MET D 221 1.51 -10.79 -30.76
N VAL D 222 1.29 -10.14 -29.64
CA VAL D 222 1.17 -8.70 -29.53
C VAL D 222 2.19 -8.11 -28.56
N ARG D 223 2.55 -6.87 -28.79
CA ARG D 223 3.57 -6.21 -28.03
C ARG D 223 2.99 -5.18 -27.13
N ALA D 224 2.88 -5.51 -25.86
CA ALA D 224 2.38 -4.60 -24.86
C ALA D 224 3.46 -3.71 -24.23
N GLY D 225 3.36 -2.41 -24.45
CA GLY D 225 4.25 -1.41 -23.93
C GLY D 225 3.67 -0.56 -22.81
N ILE D 226 3.38 0.69 -23.12
CA ILE D 226 3.04 1.69 -22.16
C ILE D 226 1.85 1.32 -21.28
N ILE D 227 0.96 0.49 -21.80
CA ILE D 227 -0.16 -0.06 -21.06
C ILE D 227 0.18 -0.98 -19.90
N LEU D 228 1.29 -1.64 -19.98
CA LEU D 228 1.73 -2.50 -18.92
C LEU D 228 1.89 -1.63 -17.69
N TYR D 229 2.34 -0.42 -17.90
CA TYR D 229 2.75 0.45 -16.84
C TYR D 229 1.63 1.24 -16.26
N GLY D 230 0.44 1.08 -16.79
CA GLY D 230 -0.67 1.86 -16.37
C GLY D 230 -1.02 3.14 -17.06
N HIS D 231 -0.50 3.35 -18.25
CA HIS D 231 -0.75 4.53 -19.02
C HIS D 231 -1.21 4.29 -20.43
N TYR D 232 -2.06 5.17 -20.88
CA TYR D 232 -2.55 5.11 -22.25
C TYR D 232 -1.60 5.71 -23.30
N PRO D 233 -1.58 5.14 -24.49
CA PRO D 233 -0.74 5.67 -25.57
C PRO D 233 -1.08 7.11 -26.01
N SER D 234 -2.34 7.47 -26.01
CA SER D 234 -2.81 8.79 -26.34
C SER D 234 -4.17 8.92 -25.75
N ASP D 235 -4.80 10.07 -25.89
CA ASP D 235 -6.15 10.29 -25.42
C ASP D 235 -7.22 9.82 -26.38
N ASP D 236 -6.83 9.36 -27.56
CA ASP D 236 -7.75 8.96 -28.60
C ASP D 236 -8.05 7.49 -28.70
N VAL D 237 -7.44 6.70 -27.85
CA VAL D 237 -7.69 5.28 -27.87
C VAL D 237 -8.99 4.99 -27.15
N PHE D 238 -9.50 3.80 -27.27
CA PHE D 238 -10.73 3.50 -26.63
C PHE D 238 -10.46 3.13 -25.17
N LYS D 239 -10.38 4.12 -24.30
CA LYS D 239 -9.93 3.96 -22.91
C LYS D 239 -10.84 3.06 -22.15
N ASP D 240 -12.07 3.12 -22.56
CA ASP D 240 -13.17 2.40 -21.99
C ASP D 240 -12.98 0.91 -22.09
N ARG D 241 -12.23 0.46 -23.05
CA ARG D 241 -11.87 -0.93 -23.17
C ARG D 241 -10.84 -1.44 -22.17
N LEU D 242 -10.02 -0.58 -21.62
CA LEU D 242 -8.96 -1.04 -20.78
C LEU D 242 -8.71 -0.19 -19.60
N GLU D 243 -8.96 -0.72 -18.44
CA GLU D 243 -8.79 -0.04 -17.19
C GLU D 243 -7.39 -0.24 -16.67
N LEU D 244 -6.75 0.86 -16.33
CA LEU D 244 -5.34 0.91 -16.00
C LEU D 244 -4.98 1.72 -14.79
N ARG D 245 -3.93 1.28 -14.10
CA ARG D 245 -3.39 1.91 -12.93
C ARG D 245 -1.91 2.19 -13.12
N PRO D 246 -1.52 3.43 -13.05
CA PRO D 246 -0.11 3.75 -13.06
C PRO D 246 0.57 3.09 -11.89
N ALA D 247 1.82 2.78 -12.10
CA ALA D 247 2.61 1.99 -11.25
C ALA D 247 3.71 2.73 -10.54
N MET D 248 4.04 3.91 -11.01
CA MET D 248 5.13 4.69 -10.47
C MET D 248 4.69 5.94 -9.77
N LYS D 249 5.24 6.16 -8.61
CA LYS D 249 5.11 7.40 -7.95
C LYS D 249 6.45 7.98 -7.66
N LEU D 250 6.67 9.19 -8.16
CA LEU D 250 7.90 9.87 -7.92
C LEU D 250 7.79 10.67 -6.64
N LYS D 251 8.62 10.33 -5.69
CA LYS D 251 8.52 10.86 -4.34
C LYS D 251 9.80 11.45 -3.77
N SER D 252 9.65 12.38 -2.84
CA SER D 252 10.70 12.98 -2.07
C SER D 252 10.16 13.43 -0.70
N LYS D 253 10.93 14.23 0.02
CA LYS D 253 10.73 14.64 1.40
C LYS D 253 10.95 16.09 1.57
N ILE D 254 10.58 16.62 2.71
CA ILE D 254 10.73 18.04 2.92
C ILE D 254 12.06 18.31 3.59
N GLY D 255 12.92 19.02 2.88
CA GLY D 255 14.23 19.36 3.36
C GLY D 255 14.41 20.37 4.45
N HIS D 256 13.69 21.44 4.29
CA HIS D 256 13.78 22.53 5.17
C HIS D 256 12.47 23.31 5.03
N ILE D 257 12.04 23.96 6.12
CA ILE D 257 10.96 24.95 6.08
C ILE D 257 11.28 26.29 6.76
N LYS D 258 10.71 27.34 6.21
CA LYS D 258 10.89 28.63 6.78
C LYS D 258 9.85 29.54 6.23
N GLN D 259 9.69 30.66 6.92
CA GLN D 259 8.82 31.70 6.53
C GLN D 259 9.70 32.80 6.01
N VAL D 260 9.34 33.33 4.89
CA VAL D 260 10.22 34.17 4.22
C VAL D 260 9.49 35.44 4.19
N GLU D 261 10.15 36.53 4.54
CA GLU D 261 9.51 37.81 4.61
C GLU D 261 9.19 38.14 3.24
N PRO D 262 8.28 39.05 3.07
CA PRO D 262 7.78 39.40 1.77
C PRO D 262 8.85 40.07 0.99
N GLY D 263 8.69 40.12 -0.30
CA GLY D 263 9.64 40.77 -1.17
C GLY D 263 10.96 40.06 -1.33
N VAL D 264 11.08 38.84 -0.85
CA VAL D 264 12.32 38.12 -1.02
C VAL D 264 12.44 37.45 -2.38
N GLY D 265 13.66 37.32 -2.85
CA GLY D 265 13.94 36.66 -4.11
C GLY D 265 14.29 35.23 -3.87
N ILE D 266 13.81 34.36 -4.73
CA ILE D 266 14.07 32.92 -4.57
C ILE D 266 14.73 32.16 -5.73
N SER D 267 15.75 31.40 -5.41
CA SER D 267 16.52 30.57 -6.36
C SER D 267 17.41 31.35 -7.32
N TYR D 268 17.99 30.66 -8.28
CA TYR D 268 18.89 31.25 -9.25
C TYR D 268 18.17 32.24 -10.12
N GLY D 269 18.79 33.40 -10.27
CA GLY D 269 18.24 34.50 -11.03
C GLY D 269 17.17 35.31 -10.29
N LEU D 270 16.83 34.86 -9.10
CA LEU D 270 15.81 35.48 -8.27
C LEU D 270 14.57 35.67 -9.09
N LYS D 271 14.14 34.63 -9.79
CA LYS D 271 13.09 34.74 -10.78
C LYS D 271 11.67 34.71 -10.23
N TYR D 272 11.58 34.32 -8.97
CA TYR D 272 10.38 34.41 -8.15
C TYR D 272 10.64 35.32 -6.99
N THR D 273 9.68 36.20 -6.73
CA THR D 273 9.73 37.08 -5.56
C THR D 273 8.51 36.94 -4.65
N THR D 274 8.75 36.60 -3.40
CA THR D 274 7.69 36.49 -2.43
C THR D 274 6.92 37.82 -2.35
N THR D 275 5.63 37.78 -2.64
CA THR D 275 4.83 39.00 -2.70
C THR D 275 4.02 39.24 -1.44
N GLY D 276 4.26 38.46 -0.40
CA GLY D 276 3.71 38.74 0.89
C GLY D 276 4.36 37.70 1.72
N LYS D 277 4.28 37.72 3.02
CA LYS D 277 4.94 36.70 3.77
C LYS D 277 4.41 35.35 3.36
N GLU D 278 5.36 34.47 3.03
CA GLU D 278 5.11 33.12 2.53
C GLU D 278 5.95 32.11 3.21
N THR D 279 5.46 30.90 3.25
CA THR D 279 6.17 29.79 3.84
C THR D 279 6.74 28.98 2.72
N ILE D 280 7.95 28.51 2.94
CA ILE D 280 8.68 27.89 1.86
C ILE D 280 9.34 26.61 2.28
N ALA D 281 8.98 25.58 1.56
CA ALA D 281 9.54 24.30 1.72
C ALA D 281 10.56 24.07 0.62
N THR D 282 11.57 23.32 0.93
CA THR D 282 12.58 23.04 -0.03
C THR D 282 12.65 21.56 -0.10
N VAL D 283 12.71 21.05 -1.30
CA VAL D 283 12.66 19.63 -1.51
C VAL D 283 13.89 19.24 -2.27
N PRO D 284 14.50 18.16 -1.82
CA PRO D 284 15.72 17.67 -2.43
C PRO D 284 15.49 16.80 -3.65
N ILE D 285 14.83 17.36 -4.63
CA ILE D 285 14.73 16.82 -5.93
C ILE D 285 14.99 17.93 -6.92
N GLY D 286 15.57 17.58 -8.05
CA GLY D 286 15.95 18.53 -9.08
C GLY D 286 15.99 18.02 -10.50
N TYR D 287 16.39 18.86 -11.43
CA TYR D 287 16.39 18.47 -12.81
C TYR D 287 17.28 17.30 -13.04
N ALA D 288 18.25 17.09 -12.18
CA ALA D 288 19.15 15.99 -12.34
C ALA D 288 18.57 14.69 -11.88
N ASP D 289 17.38 14.77 -11.33
CA ASP D 289 16.58 13.63 -11.01
C ASP D 289 15.60 13.31 -12.11
N GLY D 290 15.59 14.13 -13.13
CA GLY D 290 14.62 14.06 -14.17
C GLY D 290 13.38 14.90 -14.02
N PHE D 291 13.34 15.78 -13.04
CA PHE D 291 12.26 16.71 -12.84
C PHE D 291 12.65 17.99 -13.54
N THR D 292 12.47 18.02 -14.82
CA THR D 292 13.15 18.95 -15.68
C THR D 292 12.89 20.40 -15.43
N ARG D 293 13.91 21.21 -15.59
CA ARG D 293 13.90 22.64 -15.45
C ARG D 293 12.98 23.33 -16.44
N ILE D 294 12.65 22.65 -17.50
CA ILE D 294 11.91 23.22 -18.60
C ILE D 294 10.44 23.45 -18.23
N GLN D 295 10.06 23.01 -17.06
CA GLN D 295 8.67 23.01 -16.69
C GLN D 295 8.30 24.40 -16.28
N LYS D 296 7.32 24.95 -16.96
CA LYS D 296 6.73 26.26 -16.65
C LYS D 296 5.87 26.34 -15.40
N ASN D 297 5.08 25.30 -15.17
CA ASN D 297 4.20 25.30 -14.03
C ASN D 297 4.29 24.03 -13.24
N PRO D 298 5.42 23.81 -12.63
CA PRO D 298 5.62 22.66 -11.78
C PRO D 298 4.82 22.66 -10.51
N LYS D 299 4.42 21.49 -10.08
CA LYS D 299 3.57 21.27 -8.95
C LYS D 299 4.10 20.12 -8.12
N VAL D 300 3.73 20.12 -6.86
CA VAL D 300 4.03 19.05 -5.93
C VAL D 300 2.79 18.77 -5.11
N LEU D 301 2.70 17.59 -4.53
CA LEU D 301 1.55 17.26 -3.77
C LEU D 301 1.95 16.88 -2.37
N ILE D 302 1.41 17.63 -1.45
CA ILE D 302 1.73 17.55 -0.05
C ILE D 302 0.47 17.33 0.76
N LYS D 303 0.44 16.26 1.53
CA LYS D 303 -0.60 15.98 2.48
C LYS D 303 -1.91 16.21 1.82
N GLY D 304 -2.04 15.81 0.58
CA GLY D 304 -3.26 15.92 -0.15
C GLY D 304 -3.54 17.14 -0.97
N GLU D 305 -2.72 18.17 -0.85
CA GLU D 305 -2.96 19.39 -1.60
C GLU D 305 -1.91 19.65 -2.66
N VAL D 306 -2.32 20.12 -3.81
CA VAL D 306 -1.36 20.57 -4.77
C VAL D 306 -0.76 21.91 -4.39
N PHE D 307 0.53 22.09 -4.63
CA PHE D 307 1.26 23.30 -4.30
C PHE D 307 2.19 23.71 -5.43
N ASP D 308 2.58 24.97 -5.45
CA ASP D 308 3.42 25.46 -6.51
C ASP D 308 4.87 25.42 -6.20
N VAL D 309 5.62 24.92 -7.17
CA VAL D 309 7.06 25.01 -7.21
C VAL D 309 7.37 26.41 -7.69
N VAL D 310 8.22 27.08 -6.94
CA VAL D 310 8.50 28.48 -7.14
C VAL D 310 9.96 28.80 -7.54
N GLY D 311 10.12 29.64 -8.54
CA GLY D 311 11.44 30.07 -8.96
C GLY D 311 12.11 28.94 -9.73
N ARG D 312 13.33 29.14 -10.20
CA ARG D 312 14.00 28.10 -10.97
C ARG D 312 14.27 26.86 -10.16
N ILE D 313 13.92 25.73 -10.75
CA ILE D 313 14.30 24.44 -10.31
C ILE D 313 15.78 24.32 -10.41
N CYS D 314 16.38 23.64 -9.47
CA CYS D 314 17.79 23.49 -9.42
C CYS D 314 18.16 22.07 -9.82
N MET D 315 19.44 21.80 -9.90
CA MET D 315 19.94 20.51 -10.23
C MET D 315 19.52 19.45 -9.21
N ASP D 316 19.53 19.77 -7.93
CA ASP D 316 19.16 18.81 -6.92
C ASP D 316 18.07 19.23 -5.97
N GLN D 317 17.55 20.42 -6.13
CA GLN D 317 16.66 21.01 -5.15
C GLN D 317 15.56 21.85 -5.77
N ILE D 318 14.42 21.86 -5.11
CA ILE D 318 13.34 22.77 -5.44
C ILE D 318 12.72 23.47 -4.26
N MET D 319 11.98 24.50 -4.56
CA MET D 319 11.43 25.35 -3.58
C MET D 319 9.96 25.41 -3.79
N VAL D 320 9.22 25.25 -2.72
CA VAL D 320 7.79 25.14 -2.74
C VAL D 320 7.11 26.15 -1.82
N ARG D 321 6.06 26.77 -2.32
CA ARG D 321 5.21 27.65 -1.58
C ARG D 321 4.03 26.92 -0.94
N ILE D 322 4.06 26.77 0.37
CA ILE D 322 2.98 26.17 1.10
C ILE D 322 1.96 27.24 1.42
N ASP D 323 0.88 27.32 0.66
CA ASP D 323 -0.15 28.32 0.90
C ASP D 323 -1.47 27.71 1.36
N LYS D 324 -1.40 26.71 2.21
CA LYS D 324 -2.58 26.06 2.69
C LYS D 324 -2.36 25.71 4.11
N ASP D 325 -3.43 25.77 4.88
CA ASP D 325 -3.37 25.97 6.30
C ASP D 325 -3.06 24.62 7.02
N ILE D 326 -2.70 23.65 6.20
CA ILE D 326 -2.29 22.32 6.65
C ILE D 326 -0.91 22.33 7.27
N ASP D 327 -0.62 21.25 7.97
CA ASP D 327 0.64 21.06 8.66
C ASP D 327 1.68 20.53 7.76
N ILE D 328 2.93 20.76 8.11
CA ILE D 328 4.03 19.96 7.58
C ILE D 328 5.32 20.12 8.30
N LYS D 329 6.14 19.10 8.31
CA LYS D 329 7.49 19.22 8.84
C LYS D 329 8.56 18.46 8.07
N VAL D 330 9.79 18.78 8.37
CA VAL D 330 10.90 18.20 7.72
C VAL D 330 10.86 16.70 7.89
N GLY D 331 11.13 16.02 6.79
CA GLY D 331 10.93 14.61 6.65
C GLY D 331 9.56 14.18 6.11
N ASP D 332 8.61 15.10 5.99
CA ASP D 332 7.32 14.75 5.45
C ASP D 332 7.34 14.45 3.97
N GLU D 333 6.72 13.36 3.59
CA GLU D 333 6.72 12.88 2.23
C GLU D 333 6.04 13.80 1.23
N VAL D 334 6.66 13.99 0.06
CA VAL D 334 6.13 14.81 -1.04
C VAL D 334 6.03 14.00 -2.34
N ILE D 335 5.02 14.25 -3.14
CA ILE D 335 4.80 13.49 -4.34
C ILE D 335 4.82 14.37 -5.57
N LEU D 336 5.59 13.97 -6.56
CA LEU D 336 5.75 14.70 -7.78
C LEU D 336 4.84 14.24 -8.95
N PHE D 337 4.59 12.95 -9.06
CA PHE D 337 3.55 12.38 -9.92
C PHE D 337 3.14 10.98 -9.54
N GLY D 338 2.02 10.56 -10.06
CA GLY D 338 1.48 9.27 -9.75
C GLY D 338 0.49 9.08 -8.59
N GLU D 339 0.01 10.14 -7.99
CA GLU D 339 -1.07 10.04 -7.03
C GLU D 339 -1.86 11.27 -7.18
N GLY D 340 -3.16 11.15 -7.06
CA GLY D 340 -4.02 12.29 -7.14
C GLY D 340 -3.84 13.07 -8.40
N GLU D 341 -3.85 14.37 -8.27
CA GLU D 341 -3.86 15.32 -9.35
C GLU D 341 -2.55 15.49 -10.10
N VAL D 342 -1.46 14.99 -9.59
CA VAL D 342 -0.21 15.15 -10.25
C VAL D 342 0.17 13.87 -10.94
N THR D 343 0.38 13.96 -12.22
CA THR D 343 0.58 12.83 -13.07
C THR D 343 1.67 13.06 -14.11
N ALA D 344 2.17 11.99 -14.68
CA ALA D 344 3.08 12.09 -15.78
C ALA D 344 2.45 12.78 -16.97
N GLU D 345 1.17 12.55 -17.20
CA GLU D 345 0.44 13.16 -18.28
C GLU D 345 0.38 14.67 -18.13
N ARG D 346 0.17 15.13 -16.92
CA ARG D 346 0.17 16.54 -16.64
C ARG D 346 1.52 17.20 -16.81
N ILE D 347 2.57 16.61 -16.30
CA ILE D 347 3.88 17.14 -16.51
C ILE D 347 4.12 17.15 -17.99
N ALA D 348 3.73 16.10 -18.64
CA ALA D 348 3.97 15.98 -20.04
C ALA D 348 3.27 17.06 -20.84
N LYS D 349 2.08 17.44 -20.42
CA LYS D 349 1.34 18.52 -21.04
C LYS D 349 1.99 19.85 -20.96
N ASP D 350 2.44 20.17 -19.78
CA ASP D 350 3.12 21.40 -19.48
C ASP D 350 4.36 21.53 -20.34
N LEU D 351 5.10 20.45 -20.51
CA LEU D 351 6.30 20.37 -21.32
C LEU D 351 6.12 20.36 -22.83
N GLY D 352 4.93 20.00 -23.27
CA GLY D 352 4.73 19.65 -24.63
C GLY D 352 5.42 18.42 -25.13
N THR D 353 5.53 17.40 -24.29
CA THR D 353 6.00 16.08 -24.70
C THR D 353 4.97 15.00 -24.42
N ILE D 354 5.41 13.80 -24.09
CA ILE D 354 4.49 12.73 -23.84
C ILE D 354 4.82 11.98 -22.57
N ASN D 355 3.87 11.22 -22.10
CA ASN D 355 4.01 10.51 -20.87
C ASN D 355 5.17 9.53 -20.89
N TYR D 356 5.45 8.95 -22.05
CA TYR D 356 6.49 7.96 -22.21
C TYR D 356 7.78 8.61 -21.81
N GLU D 357 8.02 9.82 -22.28
CA GLU D 357 9.22 10.54 -21.92
C GLU D 357 9.36 10.94 -20.48
N VAL D 358 8.30 11.36 -19.87
CA VAL D 358 8.37 11.72 -18.48
C VAL D 358 8.78 10.50 -17.63
N LEU D 359 8.25 9.34 -17.94
CA LEU D 359 8.58 8.14 -17.23
C LEU D 359 10.04 7.76 -17.34
N CYS D 360 10.58 7.89 -18.54
CA CYS D 360 11.94 7.57 -18.90
C CYS D 360 12.97 8.48 -18.31
N MET D 361 12.57 9.70 -18.07
CA MET D 361 13.39 10.74 -17.59
C MET D 361 13.94 10.50 -16.20
N ILE D 362 13.31 9.64 -15.43
CA ILE D 362 13.72 9.50 -14.07
C ILE D 362 15.13 8.92 -13.97
N SER D 363 16.00 9.63 -13.29
CA SER D 363 17.43 9.45 -13.36
C SER D 363 18.10 8.36 -12.52
N ARG D 364 19.35 8.08 -12.80
CA ARG D 364 20.07 6.97 -12.21
C ARG D 364 20.11 7.00 -10.69
N ARG D 365 20.28 8.15 -10.11
CA ARG D 365 20.37 8.29 -8.69
C ARG D 365 19.05 8.14 -7.92
N VAL D 366 17.94 8.14 -8.62
CA VAL D 366 16.65 7.99 -8.03
C VAL D 366 16.45 6.48 -7.86
N ASP D 367 16.60 5.99 -6.65
CA ASP D 367 16.42 4.60 -6.34
C ASP D 367 15.03 4.17 -6.65
N ARG D 368 14.88 2.98 -7.18
CA ARG D 368 13.58 2.38 -7.39
C ARG D 368 13.22 1.53 -6.19
N VAL D 369 12.07 1.79 -5.61
CA VAL D 369 11.52 1.04 -4.49
C VAL D 369 10.27 0.28 -4.87
N TYR D 370 10.35 -1.02 -4.74
CA TYR D 370 9.28 -1.89 -5.14
C TYR D 370 8.39 -2.29 -3.99
N MET D 371 7.10 -2.07 -4.18
CA MET D 371 6.07 -2.38 -3.24
C MET D 371 5.29 -3.56 -3.76
N GLU D 372 4.96 -4.47 -2.88
CA GLU D 372 4.07 -5.55 -3.15
C GLU D 372 3.20 -5.75 -1.94
N ASN D 373 1.92 -5.99 -2.17
CA ASN D 373 0.92 -6.21 -1.14
C ASN D 373 0.98 -5.08 -0.17
N ASN D 374 1.28 -3.91 -0.69
CA ASN D 374 1.38 -2.64 0.01
C ASN D 374 2.52 -2.68 1.05
N GLU D 375 3.48 -3.55 0.78
CA GLU D 375 4.69 -3.72 1.55
C GLU D 375 5.92 -3.50 0.68
N LEU D 376 6.92 -2.92 1.26
CA LEU D 376 8.09 -2.59 0.53
C LEU D 376 8.92 -3.83 0.53
N VAL D 377 9.02 -4.45 -0.62
CA VAL D 377 9.73 -5.68 -0.77
C VAL D 377 11.16 -5.56 -1.28
N GLN D 378 11.49 -4.47 -1.92
CA GLN D 378 12.79 -4.32 -2.51
C GLN D 378 13.19 -2.89 -2.72
N ILE D 379 14.47 -2.61 -2.57
CA ILE D 379 15.06 -1.32 -2.88
C ILE D 379 16.23 -1.45 -3.82
N ASN D 380 16.19 -0.78 -4.95
CA ASN D 380 17.31 -0.81 -5.86
C ASN D 380 18.10 0.50 -5.95
N SER D 381 19.35 0.49 -5.56
CA SER D 381 20.26 1.53 -5.90
C SER D 381 20.99 1.22 -7.19
N TYR D 382 21.03 2.20 -8.07
CA TYR D 382 21.87 2.12 -9.23
C TYR D 382 23.28 2.64 -8.96
N LEU D 383 23.52 3.20 -7.80
CA LEU D 383 24.78 3.78 -7.40
C LEU D 383 25.62 2.86 -6.56
N LEU D 384 25.02 2.17 -5.61
CA LEU D 384 25.76 1.42 -4.61
C LEU D 384 25.91 -0.06 -4.83
C1 GOL E . -4.88 -11.96 8.00
O1 GOL E . -6.25 -11.90 7.49
C2 GOL E . -4.14 -13.24 8.55
O2 GOL E . -4.72 -14.49 8.23
C3 GOL E . -2.63 -13.36 8.20
O3 GOL E . -2.16 -13.76 6.86
O16 TCE F . -16.54 16.64 29.44
C14 TCE F . -16.72 17.78 28.98
O15 TCE F . -16.01 18.26 28.06
C5 TCE F . -17.83 18.63 29.54
C2 TCE F . -19.16 17.91 29.38
P TCE F . -19.97 17.71 31.04
C3 TCE F . -18.94 17.41 32.56
C6 TCE F . -19.35 16.09 33.19
C8 TCE F . -20.28 16.35 34.34
O10 TCE F . -19.90 16.05 35.50
O9 TCE F . -21.40 16.85 34.11
C1 TCE F . -21.83 17.83 31.18
C4 TCE F . -22.46 16.60 30.54
C11 TCE F . -23.97 16.67 30.69
O12 TCE F . -24.65 16.98 29.70
O13 TCE F . -24.45 16.40 31.81
#